data_6ZAZ
#
_entry.id   6ZAZ
#
_cell.length_a   119.566
_cell.length_b   237.835
_cell.length_c   170.505
_cell.angle_alpha   90.00
_cell.angle_beta   90.00
_cell.angle_gamma   90.00
#
_symmetry.space_group_name_H-M   'C 2 2 21'
#
loop_
_entity.id
_entity.type
_entity.pdbx_description
1 polymer 'SusD homolog'
2 polymer 'SusC homolog'
3 branched beta-D-fructofuranose-(2-6)-beta-D-fructofuranose-(2-6)-beta-D-fructofuranose-(2-6)-[beta-D-fructofuranose-(2-1)]beta-D-fructofuranose-(2-6)-beta-D-fructofuranose-(2-6)-beta-D-fructofuranose
4 branched beta-D-fructofuranose-(2-1)-beta-D-fructofuranose-(2-6)-beta-D-fructofuranose-(2-6)-beta-D-fructofuranose
5 non-polymer 'CHLORIDE ION'
6 non-polymer 'MAGNESIUM ION'
7 non-polymer (HYDROXYETHYLOXY)TRI(ETHYLOXY)OCTANE
8 water water
#
loop_
_entity_poly.entity_id
_entity_poly.type
_entity_poly.pdbx_seq_one_letter_code
_entity_poly.pdbx_strand_id
1 'polypeptide(L)'
;MKKIIYIATIGITLLTTSCDDFLDRQVPQGIVTGDQIASPEYVDNLVISAYAIWATGDDINSSFSLWNYDVRSDDCYKGG
SGTEDGGVFNALEISKGINTTDWNINDIWKRLYQCITRANTALQSLDQMDEKTYPLKNQRIAEMRFLRGHAHFMLKQLFK
KIVIVNDENMEPDAYNELSNTTYTNDEQWQKIADDFQFAYDNLPEVQIEKGRPAQAAAAAYLAKTYLYKAYRQDGADNAL
TGINEEDLKQVVKYTDPLIMAKGGYGLETDYSMNFLPQYENGAESVWAIQYSINDGTYNGNLNWGMGLTTPQILGCCDFH
KPSQNLVNAFKTDSQGKPLFSTYDNENYEVATDNVDPRLFHTVGMPGFPYKYNEGYIIQKNDDWSRSKGLYGYYVSLKEN
VDPDCDCLKKGSYWASSLNHIVIRYADVLLMRAEALIQLNDGRITDAISLINEVRSRAAGSTMLIFNYKEDYGVNFKVTP
YDLKAYAQDEAMKMLKWERRVEFGMESSRFFDLVRWGEAKDVINAYYVTEASRCSIYKNAGFTENKNEYLPVPFEQISAS
NGNYTQNFGWAAAAHHHHHH
;
A
2 'polypeptide(L)'
;MPGIMKNKKLLCSVCFLFAFMSALWGQNITVKGNVTSKTDGQPIIGASVVETTATTNGTITDFDGNFTLSVPVNSTLKIT
YIGYKPVTVKAAAIVNVLLEEDTQMVDEVVVTGYTTQRKADLTGAVSVVKVDEIQKQGENNPVKALQGRVPGMNITADGN
PSGSATVRIRGIGTLNNNDPLYIIDGVPTKAGMHELNGNDIESIQVLKDAASASIYGSRAANGVIIITTKQGKKGQIKIN
FDASVSASMYQSKMNVLNTEQYGRAMWQAYVNDGENPNGNALGYAYNWGYNADGNPVLYGMTLSKYLDSKNTMPVADTDW
FDEITRTGVIQQYNLSVSNGSEKGSSFFSLGYYKNLGVIKDTDFDRFSARMNSDYKLIDDILTIGQHFTLNRTSEVQAPG
GIIETALDIPSAIPVYASDGSWGGPVGGWPDRRNPRAVLEYNKDNRYTYWRMFGDAYVNLTPFKGFNLRSTFGLDYANKQ
ARYFTYPYQEGTQTNNGKSAVEAKQEHWTKWMWNAIATYQLEVGKHRGDVMIGMELNREDDSHFSGYKEDFSILTPDYMW
PDAGSGTAQAYGAGEGYSLVSFFGKMNYSYADRYLLSLTLRRDGSSRFGKNHRYATFPSVSLGWRITQENFMKELTWLDD
LKLRASWGQTGNQEISNLARYTIYAPNYGTTDSFGGQSYGTAYDITGSNGGGVLPSGFKRNQIGNDNIKWETTTQTNVGI
DFSLFKQSLYGSLEYYYKKATDILTEMAGVGVLGEGGSRWINSGAMKNQGFEFNLGYRNKTAFGLTYDLNGNISTYRNEI
LELPETVAANGKFGGNGVKSVVGHTYGAQVGYIADGIFKSQDEVDNHATQEGAAVGRIRYRDIDHNGVIDERDQNWIYDP
TPSFSYGLNIYLEYKNFDLTMFWQGVQGVDIISDVKKKSDFWSASNVGFLNKGTRLLNAWSPTNPNSDIPALTRSDTNNE
QRVSTYFVENGSFLKLRNIQLGYTVPAVISKKMRMDRLRFYCSAQNLLTIKSKNFTGEDPENPNFSYPIPVNITFGLNIG
F
;
B
#
# COMPACT_ATOMS: atom_id res chain seq x y z
N CYS A 19 -37.19 2.76 15.09
CA CYS A 19 -37.57 3.67 14.00
C CYS A 19 -36.72 4.97 13.90
N ASP A 20 -36.37 5.57 15.06
CA ASP A 20 -35.76 6.89 15.03
C ASP A 20 -34.71 7.07 16.13
N ASP A 21 -35.11 6.93 17.40
CA ASP A 21 -34.14 7.07 18.48
C ASP A 21 -33.02 6.02 18.37
N PHE A 22 -33.36 4.85 17.81
CA PHE A 22 -32.44 3.74 17.68
C PHE A 22 -31.28 4.01 16.72
N LEU A 23 -31.49 4.73 15.63
CA LEU A 23 -30.44 4.95 14.65
C LEU A 23 -29.66 6.21 14.90
N ASP A 24 -29.81 6.83 16.07
CA ASP A 24 -29.02 7.99 16.44
C ASP A 24 -28.12 7.77 17.65
N ARG A 25 -28.30 6.66 18.38
CA ARG A 25 -27.63 6.49 19.67
C ARG A 25 -26.12 6.43 19.51
N GLN A 26 -25.61 5.56 18.62
CA GLN A 26 -24.17 5.42 18.45
C GLN A 26 -23.60 6.61 17.70
N VAL A 27 -22.49 7.13 18.20
CA VAL A 27 -21.89 8.36 17.66
C VAL A 27 -20.38 8.19 17.55
N PRO A 28 -19.73 9.04 16.75
CA PRO A 28 -18.29 8.85 16.51
C PRO A 28 -17.46 8.88 17.78
N GLN A 29 -16.60 7.87 17.91
CA GLN A 29 -15.78 7.65 19.09
C GLN A 29 -14.37 8.18 18.84
N GLY A 30 -13.84 8.94 19.78
CA GLY A 30 -12.44 9.31 19.69
C GLY A 30 -12.10 10.31 18.61
N ILE A 31 -13.03 11.18 18.23
CA ILE A 31 -12.72 12.23 17.27
C ILE A 31 -13.43 13.52 17.63
N VAL A 32 -12.92 14.62 17.09
CA VAL A 32 -13.60 15.91 17.03
C VAL A 32 -14.26 16.05 15.64
N THR A 33 -15.53 16.45 15.61
CA THR A 33 -16.24 16.61 14.35
C THR A 33 -16.07 18.01 13.77
N GLY A 34 -16.34 18.12 12.47
CA GLY A 34 -16.24 19.35 11.71
C GLY A 34 -16.75 20.62 12.34
N ASP A 35 -17.99 20.63 12.86
CA ASP A 35 -18.48 21.85 13.52
C ASP A 35 -17.65 22.16 14.76
N GLN A 36 -17.47 21.16 15.63
CA GLN A 36 -16.74 21.35 16.89
C GLN A 36 -15.36 22.00 16.69
N ILE A 37 -14.65 21.66 15.60
CA ILE A 37 -13.23 22.03 15.49
C ILE A 37 -13.01 23.52 15.55
N ALA A 38 -14.06 24.31 15.24
CA ALA A 38 -13.92 25.76 15.13
C ALA A 38 -13.87 26.46 16.48
N SER A 39 -14.31 25.79 17.57
CA SER A 39 -14.31 26.31 18.94
C SER A 39 -12.98 26.93 19.32
N PRO A 40 -12.98 27.98 20.13
CA PRO A 40 -11.71 28.62 20.52
C PRO A 40 -10.82 27.72 21.37
N GLU A 41 -11.43 26.86 22.20
CA GLU A 41 -10.63 25.93 23.00
C GLU A 41 -9.66 25.12 22.13
N TYR A 42 -9.91 25.02 20.82
CA TYR A 42 -9.05 24.23 19.95
C TYR A 42 -8.14 25.07 19.07
N VAL A 43 -8.22 26.41 19.15
CA VAL A 43 -7.48 27.25 18.21
C VAL A 43 -5.98 27.00 18.31
N ASP A 44 -5.45 26.90 19.53
CA ASP A 44 -4.02 26.68 19.63
C ASP A 44 -3.64 25.24 19.34
N ASN A 45 -4.58 24.30 19.49
CA ASN A 45 -4.34 22.96 18.97
C ASN A 45 -4.08 23.00 17.48
N LEU A 46 -4.88 23.75 16.73
CA LEU A 46 -4.69 23.76 15.28
C LEU A 46 -3.36 24.39 14.91
N VAL A 47 -2.98 25.45 15.62
CA VAL A 47 -1.70 26.13 15.37
C VAL A 47 -0.53 25.16 15.52
N ILE A 48 -0.48 24.43 16.64
CA ILE A 48 0.61 23.48 16.85
C ILE A 48 0.59 22.42 15.75
N SER A 49 -0.59 21.89 15.46
CA SER A 49 -0.73 20.88 14.44
C SER A 49 -0.15 21.33 13.08
N ALA A 50 -0.28 22.62 12.75
CA ALA A 50 0.28 23.13 11.51
C ALA A 50 1.79 23.24 11.54
N TYR A 51 2.40 23.32 12.73
CA TYR A 51 3.84 23.15 12.78
C TYR A 51 4.21 21.68 12.64
N ALA A 52 3.54 20.83 13.42
CA ALA A 52 3.85 19.39 13.46
C ALA A 52 4.05 18.77 12.08
N ILE A 53 3.22 19.13 11.09
CA ILE A 53 3.29 18.44 9.80
C ILE A 53 4.63 18.68 9.11
N TRP A 54 5.33 19.77 9.40
CA TRP A 54 6.68 19.94 8.85
C TRP A 54 7.65 18.95 9.45
N ALA A 55 7.33 18.38 10.61
CA ALA A 55 8.11 17.29 11.16
C ALA A 55 7.55 15.93 10.81
N THR A 56 6.23 15.80 10.68
CA THR A 56 5.59 14.49 10.56
C THR A 56 4.97 14.18 9.21
N GLY A 57 5.20 15.02 8.19
CA GLY A 57 4.47 14.90 6.94
C GLY A 57 5.35 14.45 5.79
N ASP A 58 6.66 14.55 5.96
CA ASP A 58 7.59 14.05 4.96
C ASP A 58 8.00 12.62 5.32
N ASP A 59 8.62 11.95 4.34
CA ASP A 59 9.10 10.58 4.50
C ASP A 59 10.45 10.47 3.79
N ILE A 60 10.96 9.24 3.65
CA ILE A 60 12.34 9.07 3.19
C ILE A 60 12.55 9.55 1.76
N ASN A 61 11.48 9.70 0.97
CA ASN A 61 11.57 10.17 -0.40
C ASN A 61 10.93 11.54 -0.61
N SER A 62 10.60 12.28 0.48
CA SER A 62 9.98 13.58 0.32
C SER A 62 10.37 14.57 1.40
N SER A 63 11.56 14.41 1.98
CA SER A 63 12.06 15.34 2.98
C SER A 63 11.77 16.80 2.63
N PHE A 64 11.08 17.49 3.51
CA PHE A 64 10.80 18.91 3.30
C PHE A 64 12.08 19.76 3.33
N SER A 65 13.25 19.13 3.43
CA SER A 65 14.50 19.79 3.05
C SER A 65 14.71 19.79 1.54
N LEU A 66 13.93 18.99 0.80
CA LEU A 66 14.02 18.85 -0.65
C LEU A 66 15.38 18.31 -1.11
N TRP A 67 16.10 17.56 -0.26
CA TRP A 67 17.38 16.98 -0.70
C TRP A 67 17.18 15.97 -1.82
N ASN A 68 16.14 15.12 -1.73
CA ASN A 68 15.97 14.11 -2.77
C ASN A 68 15.96 14.73 -4.15
N TYR A 69 15.61 16.02 -4.27
CA TYR A 69 15.55 16.66 -5.58
C TYR A 69 16.78 17.49 -5.92
N ASP A 70 17.59 17.88 -4.93
CA ASP A 70 18.88 18.50 -5.24
C ASP A 70 19.91 17.49 -5.77
N VAL A 71 19.57 16.21 -5.90
CA VAL A 71 20.43 15.32 -6.65
C VAL A 71 20.60 15.78 -8.10
N ARG A 72 19.67 16.59 -8.61
CA ARG A 72 19.87 17.24 -9.89
C ARG A 72 21.13 18.11 -9.89
N SER A 73 21.60 18.54 -8.73
CA SER A 73 22.64 19.55 -8.70
C SER A 73 24.00 18.93 -9.03
N ASP A 74 24.99 19.81 -9.12
CA ASP A 74 26.38 19.40 -9.24
C ASP A 74 27.05 19.21 -7.89
N ASP A 75 26.28 19.22 -6.82
CA ASP A 75 26.82 19.03 -5.50
C ASP A 75 26.91 17.55 -5.09
N CYS A 76 26.15 16.67 -5.75
CA CYS A 76 25.93 15.38 -5.12
C CYS A 76 25.25 14.42 -6.08
N TYR A 77 25.30 13.14 -5.73
CA TYR A 77 24.60 12.05 -6.42
C TYR A 77 23.53 11.45 -5.50
N LYS A 78 22.54 10.83 -6.12
CA LYS A 78 21.43 10.27 -5.35
C LYS A 78 21.91 9.17 -4.39
N GLY A 79 22.99 8.45 -4.72
CA GLY A 79 23.42 7.39 -3.83
C GLY A 79 22.50 6.18 -3.90
N GLY A 80 22.66 5.29 -2.92
CA GLY A 80 21.85 4.08 -2.80
C GLY A 80 22.54 2.84 -3.33
N SER A 81 21.72 1.79 -3.50
CA SER A 81 22.17 0.53 -4.08
C SER A 81 22.62 0.69 -5.54
N GLY A 82 21.91 1.50 -6.31
CA GLY A 82 22.15 1.61 -7.74
C GLY A 82 21.07 2.45 -8.39
N THR A 83 21.17 2.55 -9.73
CA THR A 83 20.32 3.50 -10.44
C THR A 83 18.83 3.22 -10.29
N GLU A 84 18.43 2.02 -9.88
CA GLU A 84 17.03 1.68 -9.69
C GLU A 84 16.54 1.95 -8.27
N ASP A 85 17.42 2.29 -7.34
CA ASP A 85 17.10 2.54 -5.93
C ASP A 85 16.44 3.92 -5.85
N GLY A 86 15.16 3.97 -6.18
CA GLY A 86 14.52 5.23 -6.45
C GLY A 86 14.80 5.67 -7.87
N GLY A 87 14.36 4.83 -8.83
CA GLY A 87 14.64 5.11 -10.23
C GLY A 87 14.19 6.49 -10.66
N VAL A 88 13.03 6.93 -10.18
CA VAL A 88 12.52 8.23 -10.61
C VAL A 88 13.47 9.33 -10.20
N PHE A 89 14.30 9.12 -9.17
CA PHE A 89 15.23 10.16 -8.78
C PHE A 89 16.54 10.08 -9.55
N ASN A 90 16.88 8.91 -10.06
CA ASN A 90 17.98 8.83 -11.02
C ASN A 90 17.60 9.55 -12.30
N ALA A 91 16.39 9.27 -12.80
CA ALA A 91 15.88 10.04 -13.93
C ALA A 91 16.08 11.54 -13.69
N LEU A 92 15.69 12.02 -12.50
CA LEU A 92 15.89 13.42 -12.17
C LEU A 92 17.37 13.77 -12.16
N GLU A 93 18.22 12.87 -11.67
CA GLU A 93 19.64 13.18 -11.55
C GLU A 93 20.30 13.32 -12.91
N ILE A 94 19.83 12.61 -13.93
CA ILE A 94 20.45 12.63 -15.24
C ILE A 94 19.62 13.36 -16.26
N SER A 95 18.43 13.82 -15.89
CA SER A 95 17.53 14.63 -16.74
C SER A 95 16.88 13.85 -17.86
N LYS A 96 16.87 12.52 -17.78
CA LYS A 96 16.33 11.71 -18.87
C LYS A 96 15.37 10.64 -18.34
N GLY A 97 14.30 10.40 -19.09
CA GLY A 97 13.30 9.43 -18.68
C GLY A 97 12.47 9.89 -17.50
N ILE A 98 12.30 11.19 -17.33
CA ILE A 98 11.30 11.74 -16.41
C ILE A 98 9.94 11.70 -17.12
N ASN A 99 8.98 11.03 -16.50
CA ASN A 99 7.59 11.02 -16.96
C ASN A 99 6.74 11.88 -16.05
N THR A 100 5.80 12.63 -16.64
CA THR A 100 4.91 13.46 -15.83
C THR A 100 4.03 12.61 -14.91
N THR A 101 3.98 11.30 -15.14
CA THR A 101 3.21 10.38 -14.32
C THR A 101 4.00 9.83 -13.14
N ASP A 102 5.22 10.32 -12.90
CA ASP A 102 6.11 9.70 -11.92
C ASP A 102 5.61 9.91 -10.49
N TRP A 103 5.74 8.88 -9.65
CA TRP A 103 5.12 8.86 -8.33
C TRP A 103 5.72 9.88 -7.37
N ASN A 104 7.03 10.18 -7.47
CA ASN A 104 7.63 11.17 -6.58
C ASN A 104 7.10 12.57 -6.86
N ILE A 105 6.95 12.93 -8.14
CA ILE A 105 6.53 14.27 -8.52
C ILE A 105 5.13 14.55 -7.99
N ASN A 106 4.20 13.62 -8.24
CA ASN A 106 2.91 13.67 -7.57
C ASN A 106 3.08 13.78 -6.06
N ASP A 107 3.93 12.91 -5.49
CA ASP A 107 4.08 12.83 -4.04
C ASP A 107 4.38 14.18 -3.42
N ILE A 108 5.40 14.88 -3.94
CA ILE A 108 5.83 16.07 -3.22
C ILE A 108 4.82 17.19 -3.39
N TRP A 109 4.25 17.33 -4.59
CA TRP A 109 3.11 18.20 -4.82
C TRP A 109 2.03 17.98 -3.76
N LYS A 110 1.60 16.73 -3.59
CA LYS A 110 0.52 16.40 -2.67
C LYS A 110 0.88 16.76 -1.24
N ARG A 111 2.06 16.31 -0.78
CA ARG A 111 2.51 16.55 0.60
C ARG A 111 2.58 18.04 0.94
N LEU A 112 3.16 18.86 0.05
CA LEU A 112 3.30 20.27 0.38
C LEU A 112 1.95 20.96 0.51
N TYR A 113 1.00 20.64 -0.37
CA TYR A 113 -0.36 21.18 -0.20
C TYR A 113 -1.03 20.65 1.07
N GLN A 114 -0.53 19.54 1.64
CA GLN A 114 -1.06 19.06 2.90
C GLN A 114 -0.62 19.96 4.06
N CYS A 115 0.68 20.28 4.12
CA CYS A 115 1.12 21.32 5.04
C CYS A 115 0.26 22.58 4.91
N ILE A 116 -0.14 22.93 3.68
CA ILE A 116 -0.95 24.15 3.51
C ILE A 116 -2.29 23.99 4.18
N THR A 117 -2.83 22.77 4.20
CA THR A 117 -4.14 22.59 4.79
C THR A 117 -4.13 23.01 6.23
N ARG A 118 -3.13 22.55 6.98
CA ARG A 118 -3.10 22.79 8.41
C ARG A 118 -2.93 24.28 8.71
N ALA A 119 -2.14 24.99 7.91
CA ALA A 119 -2.07 26.43 8.04
C ALA A 119 -3.44 27.06 7.85
N ASN A 120 -4.15 26.67 6.78
CA ASN A 120 -5.42 27.34 6.48
C ASN A 120 -6.52 26.97 7.46
N THR A 121 -6.55 25.70 7.89
CA THR A 121 -7.53 25.31 8.90
C THR A 121 -7.35 26.11 10.19
N ALA A 122 -6.11 26.28 10.62
CA ALA A 122 -5.85 27.13 11.76
C ALA A 122 -6.27 28.57 11.47
N LEU A 123 -5.94 29.10 10.29
CA LEU A 123 -6.36 30.46 9.96
C LEU A 123 -7.87 30.60 9.92
N GLN A 124 -8.57 29.59 9.38
CA GLN A 124 -10.03 29.66 9.38
C GLN A 124 -10.58 29.79 10.79
N SER A 125 -9.99 29.08 11.75
CA SER A 125 -10.36 29.21 13.16
C SER A 125 -9.92 30.56 13.72
N LEU A 126 -8.67 30.95 13.47
CA LEU A 126 -8.13 32.18 14.05
C LEU A 126 -8.84 33.43 13.54
N ASP A 127 -9.36 33.39 12.31
CA ASP A 127 -10.02 34.56 11.75
C ASP A 127 -11.25 34.94 12.58
N GLN A 128 -11.98 33.94 13.07
CA GLN A 128 -13.20 34.18 13.81
C GLN A 128 -12.97 34.60 15.25
N MET A 129 -11.74 34.57 15.73
CA MET A 129 -11.44 34.85 17.13
C MET A 129 -11.54 36.35 17.42
N ASP A 130 -11.90 36.67 18.66
CA ASP A 130 -11.99 38.06 19.11
C ASP A 130 -10.69 38.46 19.77
N GLU A 131 -10.09 39.57 19.30
CA GLU A 131 -8.76 39.96 19.77
C GLU A 131 -8.80 40.50 21.20
N LYS A 132 -9.90 41.13 21.59
CA LYS A 132 -10.00 41.63 22.95
C LYS A 132 -9.77 40.51 23.97
N THR A 133 -10.23 39.30 23.64
CA THR A 133 -10.17 38.16 24.53
C THR A 133 -9.15 37.10 24.11
N TYR A 134 -8.41 37.34 23.02
CA TYR A 134 -7.33 36.46 22.57
C TYR A 134 -6.23 37.37 22.04
N PRO A 135 -5.54 38.08 22.93
CA PRO A 135 -4.68 39.20 22.50
C PRO A 135 -3.59 38.83 21.49
N LEU A 136 -3.20 37.56 21.34
CA LEU A 136 -2.17 37.21 20.37
C LEU A 136 -2.73 36.85 19.00
N LYS A 137 -4.04 36.94 18.81
CA LYS A 137 -4.74 36.67 17.55
C LYS A 137 -3.95 36.99 16.29
N ASN A 138 -3.27 38.13 16.22
CA ASN A 138 -2.60 38.47 14.98
C ASN A 138 -1.20 37.91 14.89
N GLN A 139 -0.57 37.60 16.02
CA GLN A 139 0.74 36.95 15.96
C GLN A 139 0.61 35.48 15.58
N ARG A 140 -0.41 34.80 16.13
CA ARG A 140 -0.75 33.45 15.68
C ARG A 140 -1.09 33.44 14.20
N ILE A 141 -1.99 34.32 13.77
CA ILE A 141 -2.35 34.42 12.36
C ILE A 141 -1.10 34.64 11.51
N ALA A 142 -0.19 35.51 11.96
CA ALA A 142 1.07 35.70 11.27
C ALA A 142 1.85 34.40 11.20
N GLU A 143 1.97 33.70 12.34
CA GLU A 143 2.68 32.42 12.36
C GLU A 143 2.17 31.52 11.23
N MET A 144 0.86 31.33 11.17
CA MET A 144 0.30 30.44 10.16
C MET A 144 0.59 30.95 8.76
N ARG A 145 0.50 32.26 8.54
CA ARG A 145 0.74 32.76 7.20
C ARG A 145 2.22 32.64 6.84
N PHE A 146 3.10 32.70 7.83
CA PHE A 146 4.50 32.35 7.59
C PHE A 146 4.61 30.92 7.08
N LEU A 147 3.99 29.97 7.78
CA LEU A 147 4.01 28.57 7.34
C LEU A 147 3.46 28.43 5.94
N ARG A 148 2.31 29.06 5.66
CA ARG A 148 1.71 28.96 4.32
C ARG A 148 2.66 29.46 3.25
N GLY A 149 3.43 30.51 3.55
CA GLY A 149 4.39 30.99 2.58
C GLY A 149 5.52 30.02 2.40
N HIS A 150 5.93 29.37 3.50
CA HIS A 150 7.00 28.37 3.44
C HIS A 150 6.69 27.32 2.38
N ALA A 151 5.49 26.73 2.45
CA ALA A 151 5.13 25.67 1.51
C ALA A 151 4.97 26.20 0.09
N HIS A 152 4.19 27.26 -0.09
CA HIS A 152 4.05 27.85 -1.41
C HIS A 152 5.42 28.20 -2.00
N PHE A 153 6.32 28.74 -1.19
CA PHE A 153 7.67 29.03 -1.67
C PHE A 153 8.32 27.78 -2.23
N MET A 154 8.27 26.68 -1.48
CA MET A 154 8.96 25.48 -1.94
C MET A 154 8.26 24.88 -3.16
N LEU A 155 6.92 24.89 -3.18
CA LEU A 155 6.20 24.44 -4.37
C LEU A 155 6.58 25.29 -5.58
N LYS A 156 6.75 26.60 -5.36
CA LYS A 156 7.14 27.49 -6.44
C LYS A 156 8.51 27.12 -6.98
N GLN A 157 9.47 26.85 -6.08
CA GLN A 157 10.78 26.41 -6.54
C GLN A 157 10.69 25.10 -7.30
N LEU A 158 9.78 24.21 -6.88
CA LEU A 158 9.79 22.88 -7.45
C LEU A 158 9.12 22.87 -8.81
N PHE A 159 7.97 23.56 -8.94
CA PHE A 159 7.09 23.43 -10.08
C PHE A 159 6.86 24.71 -10.90
N LYS A 160 7.38 25.87 -10.49
CA LYS A 160 7.10 27.14 -11.17
C LYS A 160 5.61 27.47 -11.26
N LYS A 161 4.84 26.68 -12.00
CA LYS A 161 3.43 26.96 -12.26
C LYS A 161 2.57 26.30 -11.19
N ILE A 162 2.35 26.99 -10.07
CA ILE A 162 1.66 26.38 -8.92
C ILE A 162 0.29 27.01 -8.71
N VAL A 163 -0.54 26.30 -7.95
CA VAL A 163 -1.82 26.84 -7.49
C VAL A 163 -1.61 27.59 -6.18
N ILE A 164 -2.17 28.79 -6.10
CA ILE A 164 -2.09 29.63 -4.91
C ILE A 164 -3.32 29.33 -4.06
N VAL A 165 -3.09 28.79 -2.86
CA VAL A 165 -4.17 28.37 -1.97
C VAL A 165 -4.04 29.23 -0.71
N ASN A 166 -4.66 30.42 -0.73
CA ASN A 166 -4.52 31.37 0.36
C ASN A 166 -5.85 31.99 0.75
N ASP A 167 -6.95 31.28 0.50
CA ASP A 167 -8.29 31.68 0.89
C ASP A 167 -8.75 30.71 1.98
N GLU A 168 -8.42 31.03 3.23
CA GLU A 168 -8.67 30.05 4.28
C GLU A 168 -10.16 29.78 4.50
N ASN A 169 -11.05 30.64 4.00
CA ASN A 169 -12.48 30.38 4.14
C ASN A 169 -13.08 29.74 2.91
N MET A 170 -12.24 29.20 2.03
CA MET A 170 -12.71 28.59 0.80
C MET A 170 -13.32 27.22 1.09
N GLU A 171 -14.47 26.97 0.47
CA GLU A 171 -15.16 25.70 0.68
C GLU A 171 -14.43 24.56 -0.02
N PRO A 172 -14.63 23.32 0.41
CA PRO A 172 -14.01 22.19 -0.29
C PRO A 172 -14.26 22.18 -1.79
N ASP A 173 -15.50 22.44 -2.21
CA ASP A 173 -15.84 22.31 -3.61
C ASP A 173 -15.12 23.34 -4.45
N ALA A 174 -14.89 24.54 -3.90
CA ALA A 174 -14.23 25.60 -4.66
C ALA A 174 -12.79 25.24 -5.00
N TYR A 175 -12.21 24.23 -4.36
CA TYR A 175 -10.85 23.83 -4.70
C TYR A 175 -10.80 23.18 -6.08
N ASN A 176 -11.93 22.60 -6.51
CA ASN A 176 -12.03 21.95 -7.82
C ASN A 176 -11.85 22.92 -8.98
N GLU A 177 -12.15 24.20 -8.77
CA GLU A 177 -12.12 25.22 -9.82
C GLU A 177 -10.94 26.17 -9.66
N LEU A 178 -9.87 25.71 -9.03
CA LEU A 178 -8.64 26.49 -8.91
C LEU A 178 -7.75 26.22 -10.12
N SER A 179 -6.75 27.08 -10.29
CA SER A 179 -5.85 26.90 -11.41
C SER A 179 -4.44 27.30 -11.01
N ASN A 180 -3.47 26.68 -11.66
CA ASN A 180 -2.07 27.07 -11.52
C ASN A 180 -1.68 28.17 -12.49
N THR A 181 -2.66 28.87 -13.07
CA THR A 181 -2.39 30.02 -13.93
C THR A 181 -3.33 31.19 -13.65
N THR A 182 -4.14 31.09 -12.60
CA THR A 182 -4.97 32.20 -12.12
C THR A 182 -4.13 33.47 -12.09
N TYR A 183 -2.85 33.32 -11.81
CA TYR A 183 -1.94 34.43 -11.62
C TYR A 183 -0.78 34.30 -12.59
N THR A 184 -0.21 35.44 -12.99
CA THR A 184 1.02 35.37 -13.77
C THR A 184 2.17 34.97 -12.85
N ASN A 185 3.27 34.58 -13.48
CA ASN A 185 4.41 34.05 -12.75
C ASN A 185 4.86 35.04 -11.68
N ASP A 186 5.12 36.28 -12.09
CA ASP A 186 5.51 37.31 -11.13
C ASP A 186 4.46 37.47 -10.02
N GLU A 187 3.17 37.55 -10.38
CA GLU A 187 2.22 37.77 -9.31
C GLU A 187 1.91 36.49 -8.53
N GLN A 188 2.33 35.31 -9.02
CA GLN A 188 2.41 34.16 -8.14
C GLN A 188 3.44 34.40 -7.07
N TRP A 189 4.64 34.81 -7.46
CA TRP A 189 5.68 35.17 -6.51
C TRP A 189 5.21 36.23 -5.51
N GLN A 190 4.44 37.21 -5.96
CA GLN A 190 4.00 38.26 -5.06
C GLN A 190 3.02 37.72 -4.02
N LYS A 191 2.13 36.81 -4.41
CA LYS A 191 1.18 36.26 -3.46
C LYS A 191 1.88 35.48 -2.35
N ILE A 192 3.07 34.92 -2.64
CA ILE A 192 3.91 34.37 -1.57
C ILE A 192 4.49 35.49 -0.73
N ALA A 193 5.08 36.48 -1.38
CA ALA A 193 5.64 37.62 -0.65
C ALA A 193 4.62 38.25 0.31
N ASP A 194 3.35 38.34 -0.12
CA ASP A 194 2.31 38.91 0.72
C ASP A 194 2.20 38.18 2.05
N ASP A 195 2.27 36.84 2.02
CA ASP A 195 2.18 36.03 3.23
C ASP A 195 3.33 36.33 4.20
N PHE A 196 4.57 36.28 3.71
CA PHE A 196 5.73 36.61 4.55
C PHE A 196 5.80 38.10 4.92
N GLN A 197 5.16 38.97 4.14
CA GLN A 197 5.10 40.38 4.51
C GLN A 197 4.22 40.57 5.73
N PHE A 198 2.97 40.11 5.66
CA PHE A 198 2.07 40.23 6.81
C PHE A 198 2.74 39.66 8.04
N ALA A 199 3.48 38.56 7.87
CA ALA A 199 4.20 37.96 8.98
C ALA A 199 5.22 38.92 9.56
N TYR A 200 5.97 39.61 8.70
CA TYR A 200 6.91 40.63 9.18
C TYR A 200 6.18 41.70 9.99
N ASP A 201 5.04 42.19 9.46
CA ASP A 201 4.30 43.28 10.11
C ASP A 201 3.75 42.90 11.47
N ASN A 202 3.70 41.60 11.81
CA ASN A 202 2.86 41.12 12.90
C ASN A 202 3.57 40.19 13.90
N LEU A 203 4.64 39.53 13.46
CA LEU A 203 5.34 38.65 14.37
C LEU A 203 6.07 39.46 15.44
N PRO A 204 6.26 38.90 16.63
CA PRO A 204 7.05 39.59 17.64
C PRO A 204 8.53 39.52 17.31
N GLU A 205 9.31 40.40 17.92
CA GLU A 205 10.73 40.43 17.61
C GLU A 205 11.44 39.19 18.12
N VAL A 206 10.96 38.62 19.23
CA VAL A 206 11.60 37.49 19.89
C VAL A 206 10.55 36.43 20.20
N GLN A 207 10.92 35.16 20.02
CA GLN A 207 10.04 34.04 20.32
C GLN A 207 10.69 33.19 21.42
N ILE A 208 10.12 33.27 22.61
CA ILE A 208 10.64 32.49 23.74
C ILE A 208 10.46 31.00 23.48
N GLU A 209 9.39 30.63 22.75
CA GLU A 209 9.17 29.28 22.21
C GLU A 209 9.83 29.23 20.83
N LYS A 210 11.01 28.57 20.75
CA LYS A 210 11.95 28.79 19.66
C LYS A 210 11.47 28.23 18.32
N GLY A 211 10.51 27.30 18.31
CA GLY A 211 10.02 26.81 17.03
C GLY A 211 9.17 27.82 16.27
N ARG A 212 8.69 28.89 16.94
CA ARG A 212 7.82 29.91 16.33
C ARG A 212 8.69 30.93 15.61
N PRO A 213 8.38 31.27 14.37
CA PRO A 213 9.24 32.22 13.65
C PRO A 213 9.20 33.59 14.31
N ALA A 214 10.37 34.22 14.44
CA ALA A 214 10.40 35.60 14.90
C ALA A 214 10.30 36.55 13.71
N GLN A 215 10.24 37.85 13.97
CA GLN A 215 10.02 38.79 12.88
C GLN A 215 11.18 38.80 11.89
N ALA A 216 12.43 38.60 12.36
CA ALA A 216 13.56 38.54 11.45
C ALA A 216 13.43 37.38 10.47
N ALA A 217 12.93 36.22 10.95
CA ALA A 217 12.67 35.10 10.06
C ALA A 217 11.70 35.48 8.96
N ALA A 218 10.64 36.23 9.31
CA ALA A 218 9.68 36.66 8.30
C ALA A 218 10.34 37.62 7.32
N ALA A 219 11.22 38.48 7.82
CA ALA A 219 11.95 39.36 6.92
C ALA A 219 12.86 38.56 5.99
N ALA A 220 13.63 37.62 6.55
CA ALA A 220 14.56 36.83 5.75
C ALA A 220 13.85 36.08 4.65
N TYR A 221 12.71 35.47 4.97
CA TYR A 221 11.98 34.72 3.95
C TYR A 221 11.30 35.68 2.98
N LEU A 222 10.80 36.82 3.48
CA LEU A 222 10.34 37.88 2.60
C LEU A 222 11.42 38.24 1.59
N ALA A 223 12.62 38.52 2.08
CA ALA A 223 13.75 38.83 1.22
C ALA A 223 13.99 37.71 0.21
N LYS A 224 14.16 36.48 0.70
CA LYS A 224 14.40 35.35 -0.18
C LYS A 224 13.32 35.25 -1.25
N THR A 225 12.08 35.59 -0.91
CA THR A 225 11.01 35.50 -1.91
C THR A 225 11.17 36.58 -2.99
N TYR A 226 11.62 37.78 -2.62
CA TYR A 226 11.85 38.79 -3.66
C TYR A 226 13.12 38.50 -4.44
N LEU A 227 14.11 37.86 -3.79
CA LEU A 227 15.34 37.50 -4.50
C LEU A 227 15.07 36.49 -5.59
N TYR A 228 14.10 35.60 -5.37
CA TYR A 228 13.68 34.65 -6.38
C TYR A 228 12.74 35.29 -7.39
N LYS A 229 11.97 36.30 -6.94
CA LYS A 229 11.03 37.01 -7.81
C LYS A 229 11.76 37.94 -8.79
N ALA A 230 12.95 38.43 -8.41
CA ALA A 230 13.64 39.48 -9.16
C ALA A 230 14.29 38.98 -10.44
N TYR A 231 14.72 37.72 -10.47
CA TYR A 231 15.27 37.12 -11.68
C TYR A 231 14.09 36.62 -12.51
N ARG A 232 13.52 37.50 -13.33
CA ARG A 232 12.16 37.26 -13.80
C ARG A 232 12.12 36.30 -14.99
N GLN A 233 11.00 35.59 -15.09
CA GLN A 233 10.70 34.75 -16.23
C GLN A 233 9.25 35.03 -16.59
N ASP A 234 9.04 36.22 -17.18
CA ASP A 234 7.72 36.67 -17.58
C ASP A 234 7.34 36.24 -18.98
N GLY A 235 8.28 35.67 -19.74
CA GLY A 235 7.95 35.03 -21.00
C GLY A 235 7.20 33.72 -20.78
N ALA A 236 7.01 32.98 -21.89
CA ALA A 236 6.28 31.71 -21.84
C ALA A 236 7.18 30.52 -21.47
N ASP A 237 8.49 30.60 -21.71
CA ASP A 237 9.40 29.56 -21.27
C ASP A 237 10.10 29.98 -19.98
N ASN A 238 11.30 29.46 -19.71
CA ASN A 238 11.93 29.62 -18.41
C ASN A 238 13.15 30.53 -18.44
N ALA A 239 13.46 31.16 -19.57
CA ALA A 239 14.67 31.97 -19.64
C ALA A 239 14.47 33.30 -18.92
N LEU A 240 15.59 33.94 -18.59
CA LEU A 240 15.51 35.23 -17.90
C LEU A 240 15.04 36.30 -18.86
N THR A 241 14.02 37.07 -18.43
CA THR A 241 13.52 38.18 -19.21
C THR A 241 13.89 39.52 -18.57
N GLY A 242 15.00 39.58 -17.86
CA GLY A 242 15.44 40.80 -17.21
C GLY A 242 15.38 40.69 -15.69
N ILE A 243 16.23 41.46 -15.02
CA ILE A 243 16.39 41.42 -13.57
C ILE A 243 15.77 42.68 -12.99
N ASN A 244 14.67 42.51 -12.28
CA ASN A 244 13.93 43.63 -11.73
C ASN A 244 14.64 44.19 -10.51
N GLU A 245 14.65 45.51 -10.38
CA GLU A 245 15.33 46.08 -9.22
C GLU A 245 14.41 46.73 -8.19
N GLU A 246 13.09 46.80 -8.42
CA GLU A 246 12.20 47.05 -7.28
C GLU A 246 12.23 45.86 -6.35
N ASP A 247 12.25 44.65 -6.94
CA ASP A 247 12.33 43.42 -6.17
C ASP A 247 13.65 43.32 -5.41
N LEU A 248 14.77 43.55 -6.11
CA LEU A 248 16.07 43.54 -5.46
C LEU A 248 16.12 44.52 -4.29
N LYS A 249 15.54 45.71 -4.46
CA LYS A 249 15.58 46.71 -3.39
C LYS A 249 14.83 46.24 -2.15
N GLN A 250 13.91 45.29 -2.30
CA GLN A 250 13.24 44.71 -1.13
C GLN A 250 14.17 43.79 -0.37
N VAL A 251 14.92 42.95 -1.09
CA VAL A 251 15.90 42.07 -0.45
C VAL A 251 16.82 42.87 0.45
N VAL A 252 17.16 44.08 0.04
CA VAL A 252 17.95 44.96 0.89
C VAL A 252 17.14 45.36 2.11
N LYS A 253 15.96 45.95 1.87
CA LYS A 253 15.10 46.40 2.96
C LYS A 253 14.95 45.34 4.05
N TYR A 254 14.74 44.10 3.66
CA TYR A 254 14.36 43.06 4.60
C TYR A 254 15.51 42.14 4.99
N THR A 255 16.75 42.45 4.59
CA THR A 255 17.91 41.88 5.25
C THR A 255 18.72 42.93 6.00
N ASP A 256 18.15 44.13 6.19
CA ASP A 256 18.76 45.20 6.96
C ASP A 256 19.33 44.65 8.25
N PRO A 257 20.63 44.80 8.51
CA PRO A 257 21.19 44.27 9.76
C PRO A 257 20.52 44.81 11.00
N LEU A 258 19.87 45.96 10.92
CA LEU A 258 19.17 46.49 12.09
C LEU A 258 17.96 45.66 12.44
N ILE A 259 17.28 45.08 11.44
CA ILE A 259 16.17 44.18 11.73
C ILE A 259 16.68 42.88 12.34
N MET A 260 17.79 42.35 11.80
CA MET A 260 18.36 41.11 12.31
C MET A 260 18.88 41.25 13.74
N ALA A 261 19.38 42.43 14.11
CA ALA A 261 19.88 42.58 15.47
C ALA A 261 18.75 42.72 16.48
N LYS A 262 17.57 43.21 16.05
CA LYS A 262 16.41 43.27 16.93
C LYS A 262 15.97 41.88 17.39
N GLY A 263 16.41 40.82 16.68
CA GLY A 263 16.06 39.46 17.02
C GLY A 263 17.26 38.68 17.52
N GLY A 264 18.44 39.30 17.42
CA GLY A 264 19.66 38.70 17.93
C GLY A 264 20.30 37.63 17.06
N TYR A 265 20.19 37.73 15.74
CA TYR A 265 20.76 36.71 14.89
C TYR A 265 22.15 37.13 14.40
N GLY A 266 22.92 36.13 13.96
CA GLY A 266 24.31 36.34 13.58
C GLY A 266 24.99 35.01 13.35
N LEU A 267 26.21 35.08 12.81
CA LEU A 267 26.95 33.87 12.47
C LEU A 267 27.65 33.28 13.69
N GLU A 268 27.45 31.97 13.91
CA GLU A 268 28.20 31.27 14.96
C GLU A 268 29.71 31.44 14.78
N THR A 269 30.43 31.49 15.89
CA THR A 269 31.87 31.72 15.82
C THR A 269 32.62 30.55 15.18
N ASP A 270 31.96 29.43 14.92
CA ASP A 270 32.53 28.31 14.18
C ASP A 270 31.44 27.70 13.31
N TYR A 271 31.79 27.42 12.06
CA TYR A 271 30.82 26.95 11.07
C TYR A 271 30.08 25.70 11.54
N SER A 272 30.78 24.78 12.21
CA SER A 272 30.19 23.46 12.44
C SER A 272 28.98 23.50 13.36
N MET A 273 28.78 24.61 14.08
CA MET A 273 27.71 24.69 15.07
C MET A 273 26.32 24.57 14.43
N ASN A 274 26.15 25.03 13.20
CA ASN A 274 24.87 24.95 12.53
C ASN A 274 24.40 23.52 12.29
N PHE A 275 25.25 22.53 12.55
CA PHE A 275 24.99 21.14 12.16
C PHE A 275 25.38 20.19 13.28
N LEU A 276 25.15 20.61 14.53
CA LEU A 276 25.58 19.83 15.69
C LEU A 276 24.47 19.84 16.74
N PRO A 277 24.10 18.66 17.26
CA PRO A 277 22.99 18.59 18.24
C PRO A 277 23.15 19.47 19.46
N GLN A 278 24.37 19.58 19.99
CA GLN A 278 24.64 20.38 21.19
C GLN A 278 24.36 21.87 20.99
N TYR A 279 24.30 22.34 19.74
CA TYR A 279 24.25 23.77 19.45
C TYR A 279 22.96 24.17 18.72
N GLU A 280 21.85 23.47 18.94
CA GLU A 280 20.58 23.82 18.30
C GLU A 280 20.14 25.22 18.72
N ASN A 281 19.42 25.88 17.81
CA ASN A 281 18.75 27.15 18.11
C ASN A 281 19.75 28.23 18.51
N GLY A 282 20.93 28.19 17.88
CA GLY A 282 21.95 29.19 18.06
C GLY A 282 21.62 30.49 17.35
N ALA A 283 22.57 31.41 17.41
CA ALA A 283 22.33 32.74 16.85
C ALA A 283 22.09 32.69 15.34
N GLU A 284 22.75 31.77 14.63
CA GLU A 284 22.61 31.63 13.18
C GLU A 284 21.32 30.94 12.77
N SER A 285 20.74 30.09 13.63
CA SER A 285 19.52 29.40 13.28
C SER A 285 18.36 30.37 13.29
N VAL A 286 18.07 30.97 12.14
CA VAL A 286 17.01 31.98 12.07
C VAL A 286 15.63 31.33 12.18
N TRP A 287 15.39 30.22 11.48
CA TRP A 287 14.16 29.45 11.69
C TRP A 287 14.40 27.99 11.34
N ALA A 288 14.15 27.08 12.29
CA ALA A 288 14.41 25.66 12.07
C ALA A 288 13.20 24.78 12.39
N ILE A 289 13.21 23.59 11.81
CA ILE A 289 12.23 22.57 12.12
C ILE A 289 12.70 21.83 13.37
N GLN A 290 11.86 21.84 14.40
CA GLN A 290 12.24 21.46 15.76
C GLN A 290 12.01 19.95 15.97
N TYR A 291 12.88 19.15 15.35
CA TYR A 291 12.89 17.71 15.62
C TYR A 291 13.26 17.44 17.09
N SER A 292 12.72 16.36 17.64
CA SER A 292 12.80 16.08 19.06
C SER A 292 12.77 14.58 19.32
N ILE A 293 13.14 14.21 20.54
CA ILE A 293 13.32 12.82 20.94
C ILE A 293 12.88 12.67 22.39
N ASN A 294 12.50 11.45 22.77
CA ASN A 294 11.98 11.18 24.12
C ASN A 294 10.73 11.98 24.41
N ASP A 295 9.79 12.02 23.45
CA ASP A 295 8.79 13.08 23.42
C ASP A 295 7.37 12.55 23.30
N GLY A 296 7.13 11.28 23.62
CA GLY A 296 5.79 10.74 23.61
C GLY A 296 5.41 10.05 22.31
N THR A 297 6.18 10.22 21.26
CA THR A 297 5.85 9.59 20.00
C THR A 297 6.56 8.23 19.89
N TYR A 298 6.09 7.42 18.94
CA TYR A 298 6.48 6.01 18.87
C TYR A 298 7.99 5.83 18.96
N ASN A 299 8.73 6.52 18.11
CA ASN A 299 10.19 6.51 18.13
C ASN A 299 10.78 7.90 18.25
N GLY A 300 9.97 8.95 18.27
CA GLY A 300 10.45 10.32 18.39
C GLY A 300 10.11 11.17 17.18
N ASN A 301 10.07 12.50 17.32
CA ASN A 301 9.85 13.37 16.16
C ASN A 301 11.20 13.65 15.49
N LEU A 302 11.82 12.55 15.08
CA LEU A 302 13.12 12.59 14.44
C LEU A 302 13.00 13.06 12.99
N ASN A 303 14.14 13.44 12.40
CA ASN A 303 14.16 13.80 10.98
C ASN A 303 14.20 12.54 10.12
N TRP A 304 13.03 11.90 10.02
CA TRP A 304 12.92 10.72 9.19
C TRP A 304 13.25 11.01 7.73
N GLY A 305 13.01 12.25 7.29
CA GLY A 305 13.26 12.58 5.90
C GLY A 305 14.69 12.39 5.46
N MET A 306 15.64 12.46 6.39
CA MET A 306 17.04 12.17 6.08
C MET A 306 17.40 10.73 6.41
N GLY A 307 16.41 9.87 6.66
CA GLY A 307 16.66 8.50 7.05
C GLY A 307 17.40 7.66 6.01
N LEU A 308 17.52 8.14 4.77
CA LEU A 308 18.21 7.36 3.76
C LEU A 308 19.69 7.68 3.67
N THR A 309 20.11 8.83 4.18
CA THR A 309 21.40 9.40 3.88
C THR A 309 22.47 9.07 4.92
N THR A 310 22.17 8.19 5.83
CA THR A 310 23.19 7.69 6.74
C THR A 310 24.06 6.69 6.00
N PRO A 311 25.37 6.67 6.27
CA PRO A 311 26.29 5.82 5.52
C PRO A 311 26.16 4.36 5.97
N GLN A 312 26.90 3.48 5.28
CA GLN A 312 26.72 2.04 5.50
C GLN A 312 27.14 1.59 6.89
N ILE A 313 27.86 2.43 7.63
CA ILE A 313 28.30 2.12 8.99
C ILE A 313 27.12 1.77 9.87
N LEU A 314 25.93 2.26 9.50
CA LEU A 314 24.67 1.97 10.16
C LEU A 314 23.80 0.99 9.36
N GLY A 315 24.38 0.21 8.44
CA GLY A 315 23.62 -0.77 7.69
C GLY A 315 22.92 -0.25 6.43
N CYS A 316 22.61 1.04 6.35
CA CYS A 316 21.74 1.56 5.29
C CYS A 316 21.67 3.06 5.46
N CYS A 317 21.50 3.84 4.39
CA CYS A 317 21.22 3.38 3.03
C CYS A 317 22.11 4.04 1.96
N ASP A 318 22.96 4.98 2.41
CA ASP A 318 23.97 5.62 1.57
C ASP A 318 23.35 6.39 0.41
N PHE A 319 22.41 7.25 0.73
CA PHE A 319 21.93 8.24 -0.21
C PHE A 319 22.57 9.59 0.08
N HIS A 320 22.34 10.55 -0.81
CA HIS A 320 22.80 11.92 -0.66
C HIS A 320 24.32 12.01 -0.50
N LYS A 321 25.06 11.36 -1.43
CA LYS A 321 26.52 11.39 -1.36
C LYS A 321 27.05 12.57 -2.15
N PRO A 322 28.00 13.33 -1.62
CA PRO A 322 28.51 14.50 -2.36
C PRO A 322 29.32 14.09 -3.57
N SER A 323 29.41 15.01 -4.53
CA SER A 323 30.17 14.80 -5.76
C SER A 323 31.63 15.20 -5.58
N GLN A 324 32.50 14.55 -6.36
CA GLN A 324 33.85 15.07 -6.49
C GLN A 324 33.86 16.53 -6.96
N ASN A 325 32.84 16.95 -7.72
CA ASN A 325 32.78 18.36 -8.12
C ASN A 325 32.77 19.25 -6.89
N LEU A 326 31.83 19.00 -5.99
CA LEU A 326 31.76 19.80 -4.77
C LEU A 326 33.05 19.66 -3.95
N VAL A 327 33.62 18.46 -3.90
CA VAL A 327 34.85 18.28 -3.14
C VAL A 327 35.91 19.25 -3.62
N ASN A 328 36.24 19.16 -4.92
CA ASN A 328 37.26 20.02 -5.53
C ASN A 328 36.91 21.50 -5.41
N ALA A 329 35.64 21.86 -5.17
CA ALA A 329 35.29 23.27 -5.10
C ALA A 329 35.86 23.95 -3.87
N PHE A 330 36.16 23.19 -2.80
CA PHE A 330 36.75 23.75 -1.59
C PHE A 330 38.25 23.95 -1.72
N LYS A 331 38.86 23.48 -2.81
CA LYS A 331 40.25 23.80 -3.10
C LYS A 331 40.42 25.31 -3.23
N THR A 332 41.58 25.80 -2.80
CA THR A 332 41.87 27.22 -2.85
C THR A 332 43.30 27.42 -3.33
N ASP A 333 43.54 28.56 -3.99
CA ASP A 333 44.88 28.87 -4.46
C ASP A 333 45.77 29.21 -3.26
N SER A 334 47.02 29.58 -3.56
CA SER A 334 48.02 29.76 -2.51
C SER A 334 47.74 30.96 -1.61
N GLN A 335 46.79 31.83 -1.96
CA GLN A 335 46.37 32.96 -1.14
C GLN A 335 45.02 32.73 -0.45
N GLY A 336 44.45 31.53 -0.54
CA GLY A 336 43.19 31.26 0.11
C GLY A 336 41.97 31.79 -0.62
N LYS A 337 41.95 31.71 -1.95
CA LYS A 337 40.79 32.08 -2.75
C LYS A 337 40.42 30.92 -3.65
N PRO A 338 39.17 30.84 -4.08
CA PRO A 338 38.74 29.71 -4.92
C PRO A 338 39.54 29.64 -6.23
N LEU A 339 39.84 28.41 -6.64
CA LEU A 339 40.44 28.20 -7.94
C LEU A 339 39.33 28.23 -9.01
N PHE A 340 38.84 29.45 -9.25
CA PHE A 340 37.69 29.70 -10.13
C PHE A 340 37.72 28.90 -11.44
N SER A 341 38.86 28.83 -12.11
CA SER A 341 38.91 28.24 -13.46
C SER A 341 39.41 26.81 -13.47
N THR A 342 40.30 26.46 -12.54
CA THR A 342 41.04 25.21 -12.60
C THR A 342 40.56 24.15 -11.63
N TYR A 343 39.58 24.45 -10.76
CA TYR A 343 39.38 23.61 -9.56
C TYR A 343 39.04 22.17 -9.93
N ASP A 344 38.31 21.95 -11.02
CA ASP A 344 37.83 20.59 -11.31
C ASP A 344 38.73 19.82 -12.28
N ASN A 345 39.92 20.32 -12.58
CA ASN A 345 40.84 19.66 -13.50
C ASN A 345 41.76 18.63 -12.82
N GLU A 346 41.80 18.61 -11.49
CA GLU A 346 42.49 17.55 -10.78
C GLU A 346 41.84 17.38 -9.43
N ASN A 347 41.68 16.12 -9.02
CA ASN A 347 41.05 15.81 -7.74
C ASN A 347 41.75 16.54 -6.60
N TYR A 348 40.98 16.91 -5.57
CA TYR A 348 41.58 17.46 -4.37
C TYR A 348 42.55 16.44 -3.82
N GLU A 349 43.76 16.89 -3.53
CA GLU A 349 44.80 16.04 -2.99
C GLU A 349 45.28 16.66 -1.70
N VAL A 350 45.18 15.90 -0.60
CA VAL A 350 45.37 16.47 0.73
C VAL A 350 46.76 17.09 0.87
N ALA A 351 47.78 16.35 0.43
CA ALA A 351 49.15 16.70 0.77
C ALA A 351 49.55 18.05 0.21
N THR A 352 49.11 18.35 -1.02
CA THR A 352 49.69 19.41 -1.86
C THR A 352 48.74 20.56 -2.20
N ASP A 353 47.49 20.54 -1.71
CA ASP A 353 46.48 21.53 -2.07
C ASP A 353 46.07 22.34 -0.84
N ASN A 354 45.84 23.63 -1.05
CA ASN A 354 45.24 24.48 -0.03
C ASN A 354 43.73 24.32 -0.08
N VAL A 355 43.08 24.18 1.09
CA VAL A 355 41.67 23.83 1.13
C VAL A 355 40.91 24.68 2.15
N ASP A 356 39.60 24.85 1.89
CA ASP A 356 38.65 25.56 2.75
C ASP A 356 38.21 24.66 3.90
N PRO A 357 38.26 25.14 5.14
CA PRO A 357 37.79 24.33 6.27
C PRO A 357 36.35 23.81 6.11
N ARG A 358 35.55 24.48 5.29
CA ARG A 358 34.17 24.03 5.18
C ARG A 358 34.05 22.67 4.49
N LEU A 359 35.10 22.21 3.80
CA LEU A 359 35.05 20.88 3.19
C LEU A 359 34.87 19.81 4.25
N PHE A 360 35.58 19.95 5.37
CA PHE A 360 35.51 18.96 6.45
C PHE A 360 34.31 19.16 7.36
N HIS A 361 33.48 20.17 7.10
CA HIS A 361 32.17 20.24 7.73
C HIS A 361 31.06 19.79 6.79
N THR A 362 31.36 19.58 5.51
CA THR A 362 30.35 19.22 4.53
C THR A 362 30.46 17.78 4.05
N VAL A 363 31.68 17.33 3.76
CA VAL A 363 31.89 16.07 3.07
C VAL A 363 32.80 15.17 3.90
N GLY A 364 32.26 14.06 4.37
CA GLY A 364 33.09 13.07 5.02
C GLY A 364 33.82 12.28 3.97
N MET A 365 35.16 12.27 4.01
CA MET A 365 35.97 11.62 2.99
C MET A 365 36.81 10.49 3.55
N PRO A 366 37.01 9.40 2.78
CA PRO A 366 37.94 8.32 3.18
C PRO A 366 39.21 8.77 3.86
N GLY A 367 39.59 8.06 4.92
CA GLY A 367 40.75 8.39 5.71
C GLY A 367 40.51 9.45 6.74
N PHE A 368 39.34 10.05 6.77
CA PHE A 368 39.01 11.15 7.66
C PHE A 368 37.88 10.78 8.60
N PRO A 369 37.71 11.53 9.68
CA PRO A 369 36.68 11.19 10.68
C PRO A 369 35.26 11.48 10.24
N TYR A 370 34.38 10.55 10.60
CA TYR A 370 32.95 10.71 10.43
C TYR A 370 32.41 11.55 11.58
N LYS A 371 31.70 12.65 11.25
CA LYS A 371 31.29 13.72 12.20
C LYS A 371 32.23 13.85 13.39
N TYR A 372 33.49 14.11 13.08
CA TYR A 372 34.48 14.53 14.06
C TYR A 372 34.76 13.46 15.13
N ASN A 373 34.85 12.19 14.72
CA ASN A 373 35.02 11.08 15.66
C ASN A 373 36.16 10.17 15.18
N GLU A 374 37.36 10.35 15.75
CA GLU A 374 38.52 9.56 15.38
C GLU A 374 38.27 8.04 15.43
N GLY A 375 37.23 7.60 16.12
CA GLY A 375 36.95 6.18 16.19
C GLY A 375 36.17 5.61 15.02
N TYR A 376 35.66 6.48 14.15
CA TYR A 376 34.99 6.06 12.92
C TYR A 376 35.70 6.76 11.75
N ILE A 377 36.70 6.08 11.18
CA ILE A 377 37.40 6.59 10.01
C ILE A 377 36.77 5.98 8.78
N ILE A 378 36.43 6.84 7.81
CA ILE A 378 35.75 6.42 6.59
C ILE A 378 36.74 5.78 5.63
N GLN A 379 36.32 4.70 4.96
CA GLN A 379 37.16 4.05 3.96
C GLN A 379 36.35 3.79 2.68
N LYS A 380 37.06 3.46 1.60
CA LYS A 380 36.44 2.98 0.37
C LYS A 380 36.08 1.51 0.55
N ASN A 381 34.99 1.28 1.29
CA ASN A 381 34.63 -0.04 1.81
C ASN A 381 33.17 -0.37 1.62
N ASP A 382 32.90 -1.69 1.61
CA ASP A 382 31.63 -2.27 2.03
C ASP A 382 31.00 -1.52 3.21
N ASP A 383 31.85 -1.13 4.17
CA ASP A 383 31.41 -0.58 5.45
C ASP A 383 30.99 0.88 5.36
N TRP A 384 31.21 1.55 4.23
CA TRP A 384 30.78 2.94 4.23
C TRP A 384 29.88 3.26 3.05
N SER A 385 30.27 2.83 1.85
CA SER A 385 29.47 3.10 0.68
C SER A 385 28.85 1.80 0.18
N ARG A 386 27.70 1.93 -0.48
CA ARG A 386 26.86 0.82 -0.83
C ARG A 386 26.91 0.47 -2.30
N SER A 387 27.62 1.27 -3.12
CA SER A 387 27.46 1.27 -4.58
C SER A 387 28.57 0.51 -5.28
N LYS A 388 29.43 -0.16 -4.52
CA LYS A 388 30.65 -0.76 -5.05
C LYS A 388 31.41 0.23 -5.92
N GLY A 389 31.35 1.51 -5.54
CA GLY A 389 32.10 2.56 -6.20
C GLY A 389 31.30 3.41 -7.16
N LEU A 390 30.14 2.94 -7.63
CA LEU A 390 29.35 3.66 -8.63
C LEU A 390 29.16 5.13 -8.24
N TYR A 391 28.62 5.36 -7.05
CA TYR A 391 28.35 6.69 -6.53
C TYR A 391 29.49 7.28 -5.68
N GLY A 392 30.68 6.69 -5.70
CA GLY A 392 31.78 7.26 -4.96
C GLY A 392 31.89 6.75 -3.53
N TYR A 393 32.64 7.49 -2.74
CA TYR A 393 32.89 7.05 -1.39
C TYR A 393 32.75 8.19 -0.37
N TYR A 394 32.07 9.27 -0.74
CA TYR A 394 31.87 10.42 0.15
C TYR A 394 30.51 10.33 0.85
N VAL A 395 30.45 10.92 2.05
CA VAL A 395 29.26 10.91 2.90
C VAL A 395 28.85 12.34 3.21
N SER A 396 27.55 12.54 3.37
CA SER A 396 27.02 13.85 3.64
C SER A 396 27.07 14.09 5.14
N LEU A 397 27.81 15.12 5.55
CA LEU A 397 28.09 15.38 6.95
C LEU A 397 27.03 16.24 7.63
N LYS A 398 26.41 17.18 6.92
CA LYS A 398 25.58 18.19 7.58
C LYS A 398 24.41 17.57 8.34
N GLU A 399 23.70 16.62 7.75
CA GLU A 399 22.51 16.10 8.40
C GLU A 399 22.77 14.88 9.28
N ASN A 400 23.93 14.23 9.14
CA ASN A 400 24.26 13.07 9.96
C ASN A 400 24.80 13.55 11.29
N VAL A 401 24.96 12.61 12.22
CA VAL A 401 25.41 12.93 13.57
C VAL A 401 26.39 11.86 14.03
N ASP A 402 27.23 12.23 15.02
CA ASP A 402 28.11 11.33 15.75
C ASP A 402 27.37 10.02 16.03
N PRO A 403 27.93 8.86 15.70
CA PRO A 403 27.19 7.59 15.96
C PRO A 403 26.90 7.34 17.43
N ASP A 404 27.70 7.93 18.32
CA ASP A 404 27.48 7.75 19.75
C ASP A 404 26.37 8.62 20.32
N CYS A 405 25.80 9.52 19.52
CA CYS A 405 25.00 10.64 20.00
C CYS A 405 23.72 10.16 20.70
N ASP A 406 23.35 10.87 21.79
CA ASP A 406 22.09 10.60 22.49
C ASP A 406 20.90 10.74 21.55
N CYS A 407 21.03 11.64 20.57
CA CYS A 407 20.04 12.15 19.63
C CYS A 407 19.72 11.16 18.51
N LEU A 408 20.37 10.01 18.46
CA LEU A 408 20.32 9.11 17.31
C LEU A 408 19.66 7.80 17.70
N LYS A 409 18.61 7.43 16.97
CA LYS A 409 17.77 6.28 17.25
C LYS A 409 17.47 5.60 15.93
N LYS A 410 17.21 4.29 15.95
CA LYS A 410 16.72 3.64 14.73
C LYS A 410 15.26 3.26 14.90
N GLY A 411 14.41 3.85 14.06
CA GLY A 411 13.10 3.29 13.83
C GLY A 411 13.16 2.27 12.70
N SER A 412 12.41 2.53 11.64
CA SER A 412 12.54 1.80 10.39
C SER A 412 13.77 2.24 9.62
N TYR A 413 14.30 3.43 9.94
CA TYR A 413 15.55 3.97 9.45
C TYR A 413 16.27 4.65 10.62
N TRP A 414 17.54 4.98 10.42
CA TRP A 414 18.23 5.77 11.43
C TRP A 414 17.90 7.24 11.20
N ALA A 415 17.48 7.93 12.27
CA ALA A 415 17.24 9.38 12.21
C ALA A 415 17.63 10.03 13.53
N SER A 416 17.85 11.34 13.48
CA SER A 416 18.24 12.08 14.67
C SER A 416 17.22 13.17 14.97
N SER A 417 17.53 13.93 16.01
CA SER A 417 16.72 15.07 16.43
C SER A 417 17.39 16.38 16.08
N LEU A 418 18.47 16.32 15.30
CA LEU A 418 19.17 17.52 14.84
C LEU A 418 18.23 18.41 14.03
N ASN A 419 18.14 19.68 14.39
CA ASN A 419 17.19 20.56 13.73
C ASN A 419 17.57 20.77 12.26
N HIS A 420 16.57 20.80 11.39
CA HIS A 420 16.78 21.28 10.03
C HIS A 420 16.54 22.77 10.01
N ILE A 421 17.59 23.55 9.72
CA ILE A 421 17.49 25.00 9.67
C ILE A 421 17.10 25.41 8.27
N VAL A 422 15.97 26.11 8.15
CA VAL A 422 15.51 26.57 6.86
C VAL A 422 16.24 27.85 6.43
N ILE A 423 16.53 28.75 7.36
CA ILE A 423 17.26 30.00 7.08
C ILE A 423 18.41 30.11 8.07
N ARG A 424 19.63 29.86 7.60
CA ARG A 424 20.82 30.22 8.36
C ARG A 424 21.11 31.69 8.16
N TYR A 425 21.67 32.33 9.18
CA TYR A 425 21.93 33.75 9.02
C TYR A 425 22.99 34.02 7.98
N ALA A 426 23.88 33.05 7.71
CA ALA A 426 24.77 33.16 6.56
C ALA A 426 23.97 33.38 5.28
N ASP A 427 22.84 32.68 5.13
CA ASP A 427 21.95 32.88 3.99
C ASP A 427 21.52 34.33 3.88
N VAL A 428 21.31 35.00 5.01
CA VAL A 428 20.81 36.37 4.97
C VAL A 428 21.89 37.31 4.49
N LEU A 429 23.13 37.11 4.94
CA LEU A 429 24.23 37.96 4.49
C LEU A 429 24.53 37.77 3.02
N LEU A 430 24.54 36.51 2.57
CA LEU A 430 24.86 36.24 1.17
C LEU A 430 23.71 36.62 0.26
N MET A 431 22.48 36.62 0.77
CA MET A 431 21.37 37.11 -0.04
C MET A 431 21.41 38.63 -0.15
N ARG A 432 21.81 39.32 0.92
CA ARG A 432 22.03 40.76 0.83
C ARG A 432 23.15 41.05 -0.17
N ALA A 433 24.31 40.42 0.05
CA ALA A 433 25.41 40.51 -0.89
C ALA A 433 24.91 40.41 -2.34
N GLU A 434 24.06 39.44 -2.61
CA GLU A 434 23.62 39.22 -3.99
C GLU A 434 22.87 40.43 -4.52
N ALA A 435 21.81 40.85 -3.83
CA ALA A 435 20.94 41.88 -4.38
C ALA A 435 21.69 43.20 -4.56
N LEU A 436 22.65 43.49 -3.68
CA LEU A 436 23.50 44.65 -3.88
C LEU A 436 24.30 44.54 -5.18
N ILE A 437 25.01 43.41 -5.37
CA ILE A 437 25.82 43.19 -6.57
C ILE A 437 24.98 43.29 -7.83
N GLN A 438 23.71 42.86 -7.76
CA GLN A 438 22.86 42.92 -8.95
C GLN A 438 22.33 44.33 -9.21
N LEU A 439 22.05 45.10 -8.16
CA LEU A 439 21.80 46.53 -8.29
C LEU A 439 23.15 47.24 -8.37
N ASN A 440 23.73 47.26 -9.56
CA ASN A 440 24.98 47.99 -9.65
C ASN A 440 24.74 49.42 -9.23
N ASP A 441 24.97 49.73 -7.93
CA ASP A 441 24.62 51.06 -7.42
C ASP A 441 25.58 51.54 -6.31
N GLY A 442 26.85 51.18 -6.40
CA GLY A 442 27.84 51.73 -5.48
C GLY A 442 27.98 51.01 -4.17
N ARG A 443 27.08 50.08 -3.86
CA ARG A 443 27.13 49.33 -2.61
C ARG A 443 27.82 47.98 -2.79
N ILE A 444 28.57 47.80 -3.88
CA ILE A 444 29.24 46.52 -4.12
C ILE A 444 30.33 46.29 -3.08
N THR A 445 31.08 47.33 -2.71
CA THR A 445 32.12 47.08 -1.71
C THR A 445 31.52 46.75 -0.34
N ASP A 446 30.21 46.93 -0.15
CA ASP A 446 29.52 46.39 1.02
C ASP A 446 29.24 44.91 0.86
N ALA A 447 28.70 44.51 -0.30
CA ALA A 447 28.43 43.10 -0.56
C ALA A 447 29.72 42.28 -0.46
N ILE A 448 30.84 42.81 -0.96
CA ILE A 448 32.11 42.13 -0.74
C ILE A 448 32.37 41.98 0.74
N SER A 449 32.14 43.04 1.52
CA SER A 449 32.38 42.95 2.96
C SER A 449 31.41 42.00 3.65
N LEU A 450 30.27 41.70 3.01
CA LEU A 450 29.39 40.64 3.53
C LEU A 450 29.99 39.28 3.23
N ILE A 451 30.45 39.07 1.99
CA ILE A 451 31.07 37.81 1.63
C ILE A 451 32.25 37.50 2.54
N ASN A 452 33.04 38.53 2.90
CA ASN A 452 34.16 38.29 3.82
C ASN A 452 33.69 38.01 5.24
N GLU A 453 32.53 38.52 5.65
CA GLU A 453 31.98 38.09 6.93
C GLU A 453 31.89 36.57 6.98
N VAL A 454 31.29 35.98 5.95
CA VAL A 454 31.15 34.54 5.87
C VAL A 454 32.49 33.87 5.62
N ARG A 455 33.26 34.40 4.68
CA ARG A 455 34.53 33.77 4.31
C ARG A 455 35.52 33.77 5.48
N SER A 456 35.57 34.86 6.25
CA SER A 456 36.51 34.93 7.37
C SER A 456 36.08 34.02 8.51
N ARG A 457 34.77 34.05 8.86
CA ARG A 457 34.19 33.08 9.79
C ARG A 457 34.58 31.66 9.41
N ALA A 458 34.46 31.33 8.12
CA ALA A 458 34.73 29.97 7.67
C ALA A 458 36.22 29.62 7.78
N ALA A 459 37.09 30.57 7.46
CA ALA A 459 38.52 30.33 7.55
C ALA A 459 38.97 29.98 8.97
N GLY A 460 38.25 30.49 9.98
CA GLY A 460 38.57 30.25 11.38
C GLY A 460 37.80 29.14 12.04
N SER A 461 36.95 28.43 11.29
CA SER A 461 36.09 27.38 11.84
C SER A 461 36.85 26.05 11.95
N THR A 462 37.94 26.06 12.72
CA THR A 462 38.79 24.88 12.82
C THR A 462 38.80 24.27 14.22
N MET A 463 38.00 24.78 15.15
CA MET A 463 37.67 23.99 16.33
C MET A 463 37.07 22.67 15.84
N LEU A 464 37.38 21.58 16.56
CA LEU A 464 36.95 20.23 16.20
C LEU A 464 37.70 19.64 15.01
N ILE A 465 38.52 20.42 14.31
CA ILE A 465 39.43 19.85 13.32
C ILE A 465 40.78 20.56 13.41
N PHE A 466 41.11 21.05 14.60
CA PHE A 466 42.30 21.90 14.79
C PHE A 466 43.58 21.17 14.41
N ASN A 467 43.68 19.87 14.68
CA ASN A 467 44.93 19.16 14.43
C ASN A 467 44.93 18.35 13.14
N TYR A 468 44.10 18.72 12.17
CA TYR A 468 44.13 18.01 10.89
C TYR A 468 45.41 18.29 10.11
N LYS A 469 46.16 19.32 10.48
CA LYS A 469 47.41 19.62 9.79
C LYS A 469 48.46 18.55 10.10
N GLU A 470 48.58 18.18 11.37
CA GLU A 470 49.62 17.28 11.84
C GLU A 470 49.22 15.81 11.74
N ASP A 471 47.91 15.49 11.80
CA ASP A 471 47.45 14.10 11.78
C ASP A 471 47.14 13.60 10.38
N TYR A 472 46.64 14.45 9.51
CA TYR A 472 46.30 14.07 8.15
C TYR A 472 46.99 14.90 7.09
N GLY A 473 47.56 16.05 7.45
CA GLY A 473 48.34 16.85 6.53
C GLY A 473 47.61 17.98 5.82
N VAL A 474 46.38 18.32 6.22
CA VAL A 474 45.63 19.29 5.43
C VAL A 474 46.19 20.68 5.65
N ASN A 475 46.12 21.51 4.60
CA ASN A 475 46.59 22.89 4.63
C ASN A 475 45.40 23.82 4.48
N PHE A 476 44.84 24.23 5.62
CA PHE A 476 43.76 25.21 5.64
C PHE A 476 44.30 26.54 5.16
N LYS A 477 43.65 27.14 4.16
CA LYS A 477 44.04 28.48 3.71
C LYS A 477 42.84 29.15 3.04
N VAL A 478 42.25 30.12 3.74
CA VAL A 478 41.13 30.91 3.27
C VAL A 478 41.31 32.34 3.77
N THR A 479 41.08 33.30 2.89
CA THR A 479 41.33 34.71 3.14
C THR A 479 40.19 35.51 2.55
N PRO A 480 39.85 36.64 3.16
CA PRO A 480 38.82 37.51 2.57
C PRO A 480 39.35 38.20 1.31
N TYR A 481 38.41 38.63 0.48
CA TYR A 481 38.76 39.42 -0.69
C TYR A 481 39.15 40.84 -0.26
N ASP A 482 40.17 41.39 -0.92
CA ASP A 482 40.48 42.80 -0.72
C ASP A 482 39.31 43.65 -1.15
N LEU A 483 38.99 44.67 -0.35
CA LEU A 483 37.90 45.58 -0.68
C LEU A 483 38.39 46.57 -1.74
N LYS A 484 38.18 46.23 -3.02
CA LYS A 484 38.37 47.10 -4.18
C LYS A 484 37.01 47.49 -4.75
N ALA A 485 37.04 48.23 -5.85
CA ALA A 485 35.83 48.58 -6.57
C ALA A 485 35.64 47.55 -7.68
N TYR A 486 35.01 46.42 -7.35
CA TYR A 486 34.92 45.31 -8.28
C TYR A 486 33.87 45.58 -9.37
N ALA A 487 34.13 45.02 -10.55
CA ALA A 487 33.11 44.95 -11.59
C ALA A 487 31.97 44.06 -11.12
N GLN A 488 30.78 44.30 -11.68
CA GLN A 488 29.63 43.49 -11.26
C GLN A 488 29.79 42.04 -11.71
N ASP A 489 30.31 41.81 -12.92
CA ASP A 489 30.51 40.44 -13.38
C ASP A 489 31.48 39.68 -12.47
N GLU A 490 32.58 40.32 -12.06
CA GLU A 490 33.54 39.61 -11.23
C GLU A 490 33.03 39.42 -9.82
N ALA A 491 32.22 40.37 -9.32
CA ALA A 491 31.67 40.25 -7.97
C ALA A 491 30.67 39.10 -7.90
N MET A 492 29.84 38.95 -8.92
CA MET A 492 28.89 37.84 -8.97
C MET A 492 29.57 36.49 -8.76
N LYS A 493 30.62 36.23 -9.53
CA LYS A 493 31.29 34.94 -9.43
C LYS A 493 31.95 34.74 -8.06
N MET A 494 32.18 35.82 -7.31
CA MET A 494 32.72 35.66 -5.96
C MET A 494 31.64 35.34 -4.94
N LEU A 495 30.44 35.89 -5.15
CA LEU A 495 29.30 35.50 -4.34
C LEU A 495 28.88 34.06 -4.64
N LYS A 496 28.68 33.76 -5.92
CA LYS A 496 28.38 32.39 -6.34
C LYS A 496 29.35 31.39 -5.71
N TRP A 497 30.64 31.70 -5.76
CA TRP A 497 31.61 30.79 -5.17
C TRP A 497 31.43 30.67 -3.66
N GLU A 498 31.07 31.77 -2.98
CA GLU A 498 30.78 31.65 -1.55
C GLU A 498 29.52 30.84 -1.30
N ARG A 499 28.53 30.94 -2.19
CA ARG A 499 27.34 30.12 -2.01
C ARG A 499 27.63 28.66 -2.29
N ARG A 500 28.64 28.37 -3.12
CA ARG A 500 29.01 26.98 -3.33
C ARG A 500 29.53 26.34 -2.07
N VAL A 501 30.47 27.02 -1.41
CA VAL A 501 31.14 26.43 -0.25
C VAL A 501 30.30 26.59 1.00
N GLU A 502 29.51 27.65 1.10
CA GLU A 502 28.77 27.90 2.33
C GLU A 502 27.56 27.00 2.46
N PHE A 503 26.87 26.70 1.36
CA PHE A 503 25.60 25.98 1.45
C PHE A 503 25.65 24.62 0.77
N GLY A 504 26.84 24.04 0.68
CA GLY A 504 26.98 22.76 0.02
C GLY A 504 26.13 21.70 0.71
N MET A 505 25.45 20.91 -0.11
CA MET A 505 24.64 19.77 0.31
C MET A 505 23.41 20.18 1.12
N GLU A 506 23.06 21.46 1.13
CA GLU A 506 21.85 21.90 1.82
C GLU A 506 20.66 22.07 0.88
N SER A 507 20.72 21.48 -0.32
CA SER A 507 19.55 21.30 -1.19
C SER A 507 18.98 22.63 -1.68
N SER A 508 19.85 23.59 -1.94
CA SER A 508 19.43 24.80 -2.62
C SER A 508 20.38 25.16 -3.75
N ARG A 509 21.33 24.27 -4.07
CA ARG A 509 22.30 24.60 -5.11
C ARG A 509 21.63 24.60 -6.48
N PHE A 510 20.96 23.52 -6.82
CA PHE A 510 20.23 23.49 -8.09
C PHE A 510 19.17 24.57 -8.14
N PHE A 511 18.51 24.86 -7.01
CA PHE A 511 17.52 25.94 -7.01
C PHE A 511 18.18 27.28 -7.34
N ASP A 512 19.45 27.44 -6.99
CA ASP A 512 20.15 28.69 -7.29
C ASP A 512 20.34 28.85 -8.78
N LEU A 513 20.76 27.78 -9.46
CA LEU A 513 21.06 27.84 -10.87
C LEU A 513 19.83 28.20 -11.68
N VAL A 514 18.65 27.74 -11.26
CA VAL A 514 17.44 28.10 -12.00
C VAL A 514 16.99 29.52 -11.67
N ARG A 515 17.41 30.08 -10.53
CA ARG A 515 17.20 31.51 -10.33
C ARG A 515 18.07 32.29 -11.30
N TRP A 516 19.29 31.81 -11.52
CA TRP A 516 20.28 32.51 -12.33
C TRP A 516 20.13 32.23 -13.83
N GLY A 517 19.19 31.37 -14.22
CA GLY A 517 19.06 30.94 -15.59
C GLY A 517 20.23 30.16 -16.13
N GLU A 518 21.12 29.67 -15.26
CA GLU A 518 22.37 29.04 -15.64
C GLU A 518 22.31 27.51 -15.61
N ALA A 519 21.12 26.91 -15.48
CA ALA A 519 21.05 25.47 -15.19
C ALA A 519 21.64 24.63 -16.32
N LYS A 520 21.07 24.73 -17.53
CA LYS A 520 21.56 23.94 -18.67
C LYS A 520 23.06 24.06 -18.81
N ASP A 521 23.59 25.28 -18.79
CA ASP A 521 25.02 25.47 -19.00
C ASP A 521 25.83 24.74 -17.93
N VAL A 522 25.57 25.05 -16.65
CA VAL A 522 26.46 24.57 -15.59
C VAL A 522 26.31 23.08 -15.35
N ILE A 523 25.08 22.54 -15.50
CA ILE A 523 24.83 21.15 -15.19
C ILE A 523 25.18 20.23 -16.37
N ASN A 524 24.73 20.58 -17.59
CA ASN A 524 25.18 19.84 -18.76
C ASN A 524 26.70 19.79 -18.81
N ALA A 525 27.36 20.90 -18.44
CA ALA A 525 28.81 20.90 -18.28
C ALA A 525 29.23 19.91 -17.21
N TYR A 526 28.63 20.02 -16.01
CA TYR A 526 28.88 19.05 -14.94
C TYR A 526 28.73 17.61 -15.44
N TYR A 527 27.71 17.32 -16.25
CA TYR A 527 27.52 15.98 -16.77
C TYR A 527 28.74 15.45 -17.52
N VAL A 528 29.49 16.31 -18.21
CA VAL A 528 30.67 15.81 -18.93
C VAL A 528 31.90 15.76 -18.02
N THR A 529 32.12 16.77 -17.17
CA THR A 529 33.26 16.75 -16.27
C THR A 529 33.19 15.57 -15.29
N GLU A 530 31.98 15.17 -14.89
CA GLU A 530 31.81 14.21 -13.80
C GLU A 530 31.54 12.80 -14.27
N ALA A 531 31.17 12.61 -15.53
CA ALA A 531 31.09 11.27 -16.11
C ALA A 531 32.33 10.44 -15.76
N SER A 532 33.50 11.09 -15.76
CA SER A 532 34.77 10.43 -15.44
C SER A 532 34.74 9.75 -14.08
N ARG A 533 34.08 10.37 -13.10
CA ARG A 533 34.05 9.88 -11.72
C ARG A 533 32.80 9.09 -11.38
N CYS A 534 31.64 9.51 -11.84
CA CYS A 534 30.39 8.81 -11.59
C CYS A 534 29.77 8.43 -12.93
N SER A 535 29.81 7.13 -13.24
CA SER A 535 29.48 6.61 -14.56
C SER A 535 28.00 6.75 -14.91
N ILE A 536 27.17 7.21 -13.98
CA ILE A 536 25.75 7.28 -14.28
C ILE A 536 25.46 8.43 -15.23
N TYR A 537 26.29 9.47 -15.18
CA TYR A 537 26.13 10.64 -16.01
C TYR A 537 26.48 10.40 -17.48
N LYS A 538 26.81 9.15 -17.83
CA LYS A 538 27.16 8.79 -19.19
C LYS A 538 26.12 9.32 -20.19
N ASN A 539 24.85 9.02 -19.96
CA ASN A 539 23.79 9.39 -20.89
C ASN A 539 22.96 10.56 -20.39
N ALA A 540 23.52 11.40 -19.54
CA ALA A 540 22.75 12.48 -18.95
C ALA A 540 22.70 13.69 -19.89
N GLY A 541 21.54 14.34 -19.95
CA GLY A 541 21.40 15.53 -20.75
C GLY A 541 20.29 16.47 -20.32
N PHE A 542 20.66 17.68 -19.92
CA PHE A 542 19.70 18.67 -19.43
C PHE A 542 19.13 19.43 -20.62
N THR A 543 17.81 19.45 -20.72
CA THR A 543 17.14 20.12 -21.83
C THR A 543 16.59 21.45 -21.33
N GLU A 544 17.15 22.55 -21.82
CA GLU A 544 16.76 23.85 -21.32
C GLU A 544 15.34 24.19 -21.77
N ASN A 545 14.72 25.13 -21.07
CA ASN A 545 13.30 25.42 -21.22
C ASN A 545 12.46 24.15 -21.11
N LYS A 546 12.83 23.32 -20.13
CA LYS A 546 12.16 22.06 -19.84
C LYS A 546 12.47 21.56 -18.43
N ASN A 547 13.75 21.38 -18.13
CA ASN A 547 14.19 20.63 -16.96
C ASN A 547 14.51 21.54 -15.77
N GLU A 548 14.26 22.85 -15.90
CA GLU A 548 14.47 23.80 -14.80
C GLU A 548 13.44 23.65 -13.70
N TYR A 549 12.34 22.94 -13.98
CA TYR A 549 11.27 22.72 -13.02
C TYR A 549 10.68 21.35 -13.32
N LEU A 550 10.35 20.60 -12.25
CA LEU A 550 9.61 19.36 -12.41
C LEU A 550 8.33 19.59 -13.19
N PRO A 551 7.84 18.61 -13.93
CA PRO A 551 6.53 18.77 -14.56
C PRO A 551 5.47 18.84 -13.49
N VAL A 552 4.43 19.62 -13.75
CA VAL A 552 3.25 19.50 -12.89
C VAL A 552 2.76 18.06 -12.98
N PRO A 553 2.29 17.43 -11.89
CA PRO A 553 2.03 15.99 -11.97
C PRO A 553 0.90 15.67 -12.94
N PHE A 554 1.04 14.54 -13.64
CA PHE A 554 0.04 14.22 -14.65
C PHE A 554 -1.34 14.05 -14.02
N GLU A 555 -1.46 13.16 -13.02
CA GLU A 555 -2.75 13.00 -12.34
C GLU A 555 -3.33 14.33 -11.87
N GLN A 556 -2.47 15.29 -11.47
CA GLN A 556 -3.00 16.56 -11.01
C GLN A 556 -3.65 17.35 -12.15
N ILE A 557 -2.91 17.56 -13.25
CA ILE A 557 -3.50 18.17 -14.44
C ILE A 557 -4.76 17.44 -14.85
N SER A 558 -4.68 16.11 -14.91
CA SER A 558 -5.75 15.32 -15.51
C SER A 558 -7.04 15.44 -14.69
N ALA A 559 -6.92 15.55 -13.37
CA ALA A 559 -8.11 15.74 -12.55
C ALA A 559 -8.65 17.16 -12.67
N SER A 560 -7.80 18.12 -13.01
CA SER A 560 -8.21 19.51 -13.03
C SER A 560 -9.23 19.80 -14.13
N ASN A 561 -9.34 18.91 -15.12
CA ASN A 561 -10.25 19.11 -16.25
C ASN A 561 -9.87 20.39 -17.02
N GLY A 562 -8.61 20.44 -17.44
CA GLY A 562 -8.11 21.53 -18.25
C GLY A 562 -7.78 22.80 -17.50
N ASN A 563 -8.11 22.90 -16.20
CA ASN A 563 -7.83 24.12 -15.45
C ASN A 563 -6.35 24.28 -15.13
N TYR A 564 -5.63 23.15 -14.95
CA TYR A 564 -4.19 23.21 -14.76
C TYR A 564 -3.48 23.18 -16.11
N THR A 565 -2.33 23.85 -16.16
CA THR A 565 -1.51 23.96 -17.35
C THR A 565 -0.11 23.41 -17.08
N GLN A 566 0.37 22.54 -17.96
CA GLN A 566 1.71 21.99 -17.80
C GLN A 566 2.79 23.05 -18.07
N ASN A 567 3.96 22.84 -17.47
CA ASN A 567 5.14 23.66 -17.72
C ASN A 567 5.63 23.52 -19.16
N PHE A 568 6.36 24.55 -19.62
CA PHE A 568 6.93 24.56 -20.97
C PHE A 568 7.88 23.38 -21.17
N GLY A 569 7.98 22.93 -22.43
CA GLY A 569 8.86 21.85 -22.80
C GLY A 569 8.28 20.45 -22.74
N TRP A 570 7.10 20.27 -22.16
CA TRP A 570 6.53 18.94 -21.95
C TRP A 570 5.32 18.76 -22.86
N ALA A 571 5.20 17.55 -23.42
CA ALA A 571 4.22 17.24 -24.45
C ALA A 571 2.81 17.12 -23.88
N ALA A 572 1.82 17.45 -24.73
CA ALA A 572 0.40 17.39 -24.43
C ALA A 572 -0.09 15.97 -24.15
N ALA A 573 -0.06 15.56 -22.88
CA ALA A 573 -0.40 14.18 -22.50
C ALA A 573 -1.75 14.08 -21.76
N ASP B 121 -37.12 -19.59 -3.04
CA ASP B 121 -37.99 -19.06 -4.10
C ASP B 121 -37.99 -20.02 -5.29
N LEU B 122 -39.19 -20.33 -5.80
CA LEU B 122 -39.30 -21.05 -7.05
C LEU B 122 -39.24 -20.12 -8.26
N THR B 123 -39.16 -18.81 -8.03
CA THR B 123 -39.20 -17.81 -9.09
C THR B 123 -37.87 -17.11 -9.31
N GLY B 124 -36.94 -17.19 -8.37
CA GLY B 124 -35.66 -16.51 -8.49
C GLY B 124 -34.53 -17.43 -8.94
N ALA B 125 -33.39 -16.79 -9.22
CA ALA B 125 -32.17 -17.50 -9.60
C ALA B 125 -31.49 -18.02 -8.32
N VAL B 126 -31.62 -19.32 -8.09
CA VAL B 126 -31.21 -19.93 -6.83
C VAL B 126 -30.36 -21.15 -7.14
N SER B 127 -29.08 -21.09 -6.85
CA SER B 127 -28.23 -22.27 -6.91
C SER B 127 -28.33 -23.04 -5.60
N VAL B 128 -28.68 -24.33 -5.68
CA VAL B 128 -28.88 -25.20 -4.53
C VAL B 128 -27.72 -26.19 -4.42
N VAL B 129 -26.94 -26.07 -3.35
CA VAL B 129 -25.68 -26.77 -3.19
C VAL B 129 -25.92 -28.13 -2.55
N LYS B 130 -25.34 -29.17 -3.15
CA LYS B 130 -25.41 -30.53 -2.62
C LYS B 130 -24.41 -30.66 -1.47
N VAL B 131 -24.91 -30.54 -0.23
CA VAL B 131 -24.02 -30.43 0.93
C VAL B 131 -23.22 -31.71 1.16
N ASP B 132 -23.69 -32.85 0.65
CA ASP B 132 -22.96 -34.09 0.86
C ASP B 132 -21.63 -34.11 0.09
N GLU B 133 -21.51 -33.32 -0.99
CA GLU B 133 -20.23 -33.19 -1.67
C GLU B 133 -19.21 -32.44 -0.82
N ILE B 134 -19.66 -31.53 0.05
CA ILE B 134 -18.74 -30.64 0.76
C ILE B 134 -17.74 -31.45 1.59
N GLN B 135 -18.23 -32.36 2.43
CA GLN B 135 -17.33 -33.04 3.36
C GLN B 135 -16.26 -33.88 2.67
N LYS B 136 -16.39 -34.11 1.35
CA LYS B 136 -15.40 -34.89 0.63
C LYS B 136 -14.12 -34.11 0.30
N GLN B 137 -14.06 -32.81 0.54
CA GLN B 137 -12.81 -32.09 0.35
C GLN B 137 -12.03 -31.95 1.65
N GLY B 138 -12.53 -32.50 2.75
CA GLY B 138 -11.90 -32.34 4.05
C GLY B 138 -11.60 -30.91 4.44
N GLU B 139 -12.20 -29.97 3.74
CA GLU B 139 -11.95 -28.55 3.97
C GLU B 139 -12.45 -28.14 5.34
N ASN B 140 -11.73 -27.23 5.99
CA ASN B 140 -12.23 -26.63 7.22
C ASN B 140 -13.35 -25.65 6.92
N ASN B 141 -13.05 -24.65 6.13
CA ASN B 141 -14.06 -23.72 5.64
C ASN B 141 -14.95 -24.39 4.60
N PRO B 142 -16.24 -24.60 4.88
CA PRO B 142 -17.11 -25.14 3.82
C PRO B 142 -17.14 -24.25 2.60
N VAL B 143 -17.20 -22.93 2.78
CA VAL B 143 -17.26 -22.02 1.64
C VAL B 143 -16.12 -22.30 0.67
N LYS B 144 -14.95 -22.65 1.21
CA LYS B 144 -13.82 -23.07 0.38
C LYS B 144 -14.12 -24.37 -0.38
N ALA B 145 -15.02 -25.22 0.13
CA ALA B 145 -15.39 -26.43 -0.61
C ALA B 145 -16.49 -26.20 -1.65
N LEU B 146 -16.93 -24.97 -1.85
CA LEU B 146 -17.81 -24.64 -2.96
C LEU B 146 -17.06 -24.01 -4.12
N GLN B 147 -15.74 -23.90 -4.00
CA GLN B 147 -14.90 -23.34 -5.03
C GLN B 147 -15.23 -24.03 -6.34
N GLY B 148 -15.85 -23.30 -7.26
CA GLY B 148 -16.18 -23.82 -8.56
C GLY B 148 -17.49 -24.58 -8.65
N ARG B 149 -18.18 -24.79 -7.52
CA ARG B 149 -19.38 -25.63 -7.58
C ARG B 149 -20.63 -24.87 -8.00
N VAL B 150 -20.59 -23.54 -7.99
CA VAL B 150 -21.75 -22.70 -8.28
C VAL B 150 -21.42 -21.70 -9.38
N PRO B 151 -22.15 -21.71 -10.49
CA PRO B 151 -21.89 -20.69 -11.51
C PRO B 151 -22.35 -19.33 -11.02
N GLY B 152 -21.52 -18.32 -11.25
CA GLY B 152 -21.74 -17.00 -10.72
C GLY B 152 -21.01 -16.70 -9.41
N MET B 153 -20.51 -17.73 -8.73
CA MET B 153 -19.91 -17.58 -7.41
C MET B 153 -18.44 -17.97 -7.51
N ASN B 154 -17.60 -16.96 -7.67
CA ASN B 154 -16.17 -17.14 -7.73
C ASN B 154 -15.60 -17.13 -6.31
N ILE B 155 -15.00 -18.23 -5.88
CA ILE B 155 -14.43 -18.34 -4.54
C ILE B 155 -12.92 -18.47 -4.65
N THR B 156 -12.21 -17.58 -3.96
CA THR B 156 -10.77 -17.50 -4.05
C THR B 156 -10.16 -17.74 -2.68
N ALA B 157 -8.98 -18.35 -2.67
CA ALA B 157 -8.31 -18.70 -1.43
C ALA B 157 -6.86 -19.05 -1.71
N ASP B 158 -5.97 -18.57 -0.83
CA ASP B 158 -4.58 -19.00 -0.84
C ASP B 158 -4.50 -20.30 -0.04
N GLY B 159 -3.30 -20.80 0.22
CA GLY B 159 -3.20 -22.03 0.96
C GLY B 159 -3.08 -21.93 2.46
N ASN B 160 -3.40 -20.79 3.06
CA ASN B 160 -3.19 -20.63 4.50
C ASN B 160 -4.08 -21.60 5.28
N PRO B 161 -3.61 -22.08 6.43
CA PRO B 161 -4.31 -23.19 7.11
C PRO B 161 -5.71 -22.87 7.65
N SER B 162 -6.09 -21.59 7.79
CA SER B 162 -7.47 -21.24 8.19
C SER B 162 -8.48 -21.78 7.20
N GLY B 163 -8.11 -21.82 5.92
CA GLY B 163 -9.09 -21.98 4.88
C GLY B 163 -9.96 -20.77 4.72
N SER B 164 -9.51 -19.58 5.15
CA SER B 164 -10.29 -18.38 4.89
C SER B 164 -10.40 -18.13 3.39
N ALA B 165 -11.50 -17.51 2.96
CA ALA B 165 -11.73 -17.39 1.53
C ALA B 165 -12.54 -16.14 1.23
N THR B 166 -12.51 -15.78 -0.05
CA THR B 166 -13.18 -14.62 -0.60
C THR B 166 -14.24 -15.07 -1.60
N VAL B 167 -15.46 -14.53 -1.47
CA VAL B 167 -16.59 -14.85 -2.35
C VAL B 167 -16.99 -13.62 -3.14
N ARG B 168 -17.13 -13.78 -4.47
CA ARG B 168 -17.72 -12.76 -5.33
C ARG B 168 -18.81 -13.40 -6.18
N ILE B 169 -20.05 -12.96 -6.00
CA ILE B 169 -21.22 -13.48 -6.70
C ILE B 169 -21.58 -12.52 -7.85
N ARG B 170 -21.66 -13.06 -9.07
CA ARG B 170 -22.06 -12.30 -10.26
C ARG B 170 -21.20 -11.05 -10.46
N GLY B 171 -19.95 -11.30 -10.80
CA GLY B 171 -19.09 -10.18 -11.14
C GLY B 171 -18.67 -9.39 -9.92
N ILE B 172 -18.51 -8.08 -10.10
CA ILE B 172 -18.02 -7.16 -9.06
C ILE B 172 -19.12 -6.15 -8.79
N GLY B 173 -19.83 -6.32 -7.67
CA GLY B 173 -21.04 -5.56 -7.43
C GLY B 173 -20.83 -4.06 -7.40
N THR B 174 -19.90 -3.59 -6.57
CA THR B 174 -19.87 -2.18 -6.25
C THR B 174 -18.42 -1.74 -6.05
N LEU B 175 -18.25 -0.51 -5.59
CA LEU B 175 -16.92 0.04 -5.41
C LEU B 175 -16.50 0.14 -3.94
N ASN B 176 -17.32 -0.36 -3.01
CA ASN B 176 -16.87 -0.44 -1.62
C ASN B 176 -16.57 -1.88 -1.21
N ASN B 177 -17.61 -2.63 -0.89
CA ASN B 177 -17.49 -3.98 -0.32
C ASN B 177 -18.33 -4.92 -1.16
N ASN B 178 -17.71 -5.97 -1.69
CA ASN B 178 -18.46 -6.91 -2.52
C ASN B 178 -18.71 -8.24 -1.84
N ASP B 179 -18.52 -8.34 -0.51
CA ASP B 179 -18.70 -9.61 0.19
C ASP B 179 -20.18 -9.94 0.33
N PRO B 180 -20.56 -11.23 0.22
CA PRO B 180 -21.97 -11.61 0.33
C PRO B 180 -22.49 -11.56 1.75
N LEU B 181 -23.67 -12.11 1.97
CA LEU B 181 -24.29 -12.12 3.28
C LEU B 181 -24.79 -13.53 3.55
N TYR B 182 -24.44 -14.05 4.71
CA TYR B 182 -24.92 -15.36 5.13
C TYR B 182 -26.12 -15.18 6.05
N ILE B 183 -27.12 -16.03 5.87
CA ILE B 183 -28.22 -16.18 6.83
C ILE B 183 -28.13 -17.59 7.39
N ILE B 184 -27.45 -17.77 8.53
CA ILE B 184 -27.31 -19.06 9.22
C ILE B 184 -28.47 -19.19 10.22
N ASP B 185 -29.41 -20.10 9.95
CA ASP B 185 -30.55 -20.31 10.83
C ASP B 185 -31.27 -18.99 11.12
N GLY B 186 -31.47 -18.19 10.09
CA GLY B 186 -32.22 -16.94 10.23
C GLY B 186 -31.48 -15.78 10.86
N VAL B 187 -30.19 -15.92 11.16
CA VAL B 187 -29.36 -14.88 11.75
C VAL B 187 -28.40 -14.38 10.67
N PRO B 188 -28.41 -13.08 10.34
CA PRO B 188 -27.46 -12.60 9.33
C PRO B 188 -26.09 -12.38 9.96
N THR B 189 -25.07 -12.83 9.23
CA THR B 189 -23.70 -12.45 9.54
C THR B 189 -22.94 -12.37 8.23
N LYS B 190 -22.05 -11.39 8.14
CA LYS B 190 -21.38 -11.11 6.90
C LYS B 190 -19.98 -11.70 6.85
N ALA B 191 -19.51 -12.30 7.94
CA ALA B 191 -18.15 -12.77 7.82
C ALA B 191 -17.86 -13.88 8.83
N GLY B 192 -17.16 -14.90 8.35
CA GLY B 192 -16.56 -15.96 9.15
C GLY B 192 -16.48 -17.25 8.38
N MET B 193 -17.34 -18.20 8.74
CA MET B 193 -17.53 -19.49 8.07
C MET B 193 -16.40 -20.47 8.33
N HIS B 194 -15.15 -20.00 8.27
CA HIS B 194 -14.01 -20.75 8.77
C HIS B 194 -13.89 -20.69 10.28
N GLU B 195 -14.67 -19.82 10.92
CA GLU B 195 -14.71 -19.73 12.37
C GLU B 195 -15.77 -20.64 12.99
N LEU B 196 -16.66 -21.21 12.21
CA LEU B 196 -17.70 -22.12 12.69
C LEU B 196 -17.45 -23.54 12.18
N ASN B 197 -18.21 -24.47 12.74
CA ASN B 197 -18.07 -25.89 12.43
C ASN B 197 -18.82 -26.24 11.14
N GLY B 198 -18.10 -26.19 10.02
CA GLY B 198 -18.67 -26.55 8.74
C GLY B 198 -19.45 -27.85 8.74
N ASN B 199 -19.17 -28.72 9.72
CA ASN B 199 -19.68 -30.08 9.71
C ASN B 199 -21.12 -30.21 10.21
N ASP B 200 -21.73 -29.17 10.77
CA ASP B 200 -23.12 -29.36 11.20
C ASP B 200 -24.07 -28.53 10.33
N ILE B 201 -23.68 -28.30 9.08
CA ILE B 201 -24.53 -27.69 8.07
C ILE B 201 -25.41 -28.74 7.42
N GLU B 202 -26.73 -28.49 7.39
CA GLU B 202 -27.65 -29.33 6.62
C GLU B 202 -27.79 -28.87 5.17
N SER B 203 -28.19 -27.61 4.95
CA SER B 203 -28.59 -27.08 3.64
C SER B 203 -27.89 -25.77 3.32
N ILE B 204 -27.57 -25.56 2.04
CA ILE B 204 -26.99 -24.31 1.55
C ILE B 204 -27.60 -24.00 0.19
N GLN B 205 -28.32 -22.88 0.09
CA GLN B 205 -28.76 -22.32 -1.17
C GLN B 205 -28.14 -20.94 -1.37
N VAL B 206 -27.70 -20.67 -2.60
CA VAL B 206 -27.11 -19.39 -2.97
C VAL B 206 -28.11 -18.65 -3.83
N LEU B 207 -28.55 -17.47 -3.36
CA LEU B 207 -29.54 -16.67 -4.06
C LEU B 207 -28.83 -15.55 -4.81
N LYS B 208 -28.85 -15.62 -6.15
CA LYS B 208 -27.99 -14.81 -7.01
C LYS B 208 -28.66 -13.55 -7.55
N ASP B 209 -29.95 -13.60 -7.88
CA ASP B 209 -30.68 -12.44 -8.38
C ASP B 209 -31.24 -11.64 -7.20
N ALA B 210 -31.83 -10.49 -7.51
CA ALA B 210 -32.31 -9.61 -6.46
C ALA B 210 -33.69 -10.01 -5.94
N ALA B 211 -34.55 -10.57 -6.80
CA ALA B 211 -35.87 -10.96 -6.35
C ALA B 211 -35.79 -11.93 -5.18
N SER B 212 -34.95 -12.96 -5.31
CA SER B 212 -34.85 -13.96 -4.25
C SER B 212 -34.01 -13.45 -3.08
N ALA B 213 -32.95 -12.68 -3.37
CA ALA B 213 -32.06 -12.26 -2.30
C ALA B 213 -32.74 -11.29 -1.34
N SER B 214 -33.54 -10.35 -1.86
CA SER B 214 -33.77 -9.10 -1.16
C SER B 214 -34.51 -9.29 0.16
N ILE B 215 -35.48 -10.20 0.22
CA ILE B 215 -36.29 -10.31 1.42
C ILE B 215 -35.46 -10.69 2.63
N TYR B 216 -34.28 -11.28 2.42
CA TYR B 216 -33.46 -11.75 3.52
C TYR B 216 -32.70 -10.66 4.25
N GLY B 217 -32.64 -9.44 3.73
CA GLY B 217 -32.00 -8.37 4.45
C GLY B 217 -31.65 -7.20 3.57
N SER B 218 -31.10 -6.19 4.25
CA SER B 218 -30.72 -4.91 3.69
C SER B 218 -29.27 -4.92 3.20
N ARG B 219 -28.56 -6.01 3.46
CA ARG B 219 -27.15 -6.20 3.11
C ARG B 219 -27.01 -7.30 2.06
N ALA B 220 -28.00 -7.36 1.16
CA ALA B 220 -28.12 -8.44 0.19
C ALA B 220 -27.52 -8.11 -1.17
N ALA B 221 -27.08 -6.86 -1.38
CA ALA B 221 -26.77 -6.37 -2.71
C ALA B 221 -25.71 -7.22 -3.43
N ASN B 222 -24.86 -7.93 -2.67
CA ASN B 222 -23.85 -8.82 -3.23
C ASN B 222 -24.24 -10.29 -3.13
N GLY B 223 -25.52 -10.60 -3.24
CA GLY B 223 -25.99 -11.95 -3.10
C GLY B 223 -26.10 -12.33 -1.63
N VAL B 224 -26.86 -13.40 -1.38
CA VAL B 224 -27.01 -13.97 -0.04
C VAL B 224 -26.97 -15.49 -0.11
N ILE B 225 -26.48 -16.09 0.97
CA ILE B 225 -26.28 -17.53 1.10
C ILE B 225 -27.05 -17.99 2.33
N ILE B 226 -28.06 -18.84 2.13
CA ILE B 226 -28.89 -19.33 3.24
C ILE B 226 -28.31 -20.66 3.75
N ILE B 227 -27.87 -20.65 5.00
CA ILE B 227 -27.32 -21.85 5.64
C ILE B 227 -28.28 -22.26 6.75
N THR B 228 -28.69 -23.52 6.76
CA THR B 228 -29.38 -24.10 7.92
C THR B 228 -28.58 -25.27 8.47
N THR B 229 -28.48 -25.33 9.79
CA THR B 229 -27.70 -26.36 10.44
C THR B 229 -28.59 -27.52 10.84
N LYS B 230 -27.95 -28.63 11.19
CA LYS B 230 -28.65 -29.90 11.34
C LYS B 230 -29.59 -29.86 12.55
N GLN B 231 -30.79 -30.40 12.36
CA GLN B 231 -31.79 -30.64 13.39
C GLN B 231 -31.89 -32.13 13.61
N GLY B 232 -32.85 -32.55 14.42
CA GLY B 232 -33.10 -33.96 14.59
C GLY B 232 -34.43 -34.41 14.03
N LYS B 233 -34.39 -35.30 13.02
CA LYS B 233 -35.60 -35.88 12.44
C LYS B 233 -36.41 -36.59 13.52
N LYS B 234 -37.73 -36.63 13.35
CA LYS B 234 -38.60 -37.15 14.40
C LYS B 234 -38.53 -38.67 14.47
N GLY B 235 -38.67 -39.19 15.70
CA GLY B 235 -38.69 -40.61 15.98
C GLY B 235 -37.38 -41.31 15.65
N GLN B 236 -36.32 -40.52 15.43
CA GLN B 236 -35.02 -41.02 15.03
C GLN B 236 -33.95 -40.55 16.00
N ILE B 237 -33.04 -41.44 16.38
CA ILE B 237 -31.90 -41.09 17.25
C ILE B 237 -30.62 -41.64 16.60
N LYS B 238 -29.85 -40.75 15.98
CA LYS B 238 -28.63 -41.12 15.26
C LYS B 238 -27.41 -40.51 15.93
N ILE B 239 -26.24 -40.99 15.52
CA ILE B 239 -24.95 -40.44 15.94
C ILE B 239 -23.98 -40.61 14.78
N ASN B 240 -22.99 -39.72 14.70
CA ASN B 240 -22.11 -39.64 13.55
C ASN B 240 -20.71 -39.24 14.01
N PHE B 241 -19.73 -40.10 13.77
CA PHE B 241 -18.34 -39.79 14.11
C PHE B 241 -17.52 -39.82 12.84
N ASP B 242 -17.20 -38.63 12.33
CA ASP B 242 -16.35 -38.49 11.15
C ASP B 242 -14.95 -38.11 11.62
N ALA B 243 -13.93 -38.63 10.95
CA ALA B 243 -12.57 -38.37 11.38
C ALA B 243 -11.63 -38.52 10.19
N SER B 244 -10.50 -37.82 10.25
CA SER B 244 -9.66 -37.64 9.09
C SER B 244 -8.26 -37.22 9.50
N VAL B 245 -7.29 -37.55 8.66
CA VAL B 245 -5.91 -37.09 8.82
C VAL B 245 -5.29 -36.91 7.43
N SER B 246 -4.43 -35.91 7.28
CA SER B 246 -3.89 -35.51 5.98
C SER B 246 -2.43 -35.08 6.13
N ALA B 247 -1.65 -35.36 5.10
CA ALA B 247 -0.39 -34.67 4.93
C ALA B 247 -0.53 -33.58 3.85
N SER B 248 0.14 -32.47 4.10
CA SER B 248 0.04 -31.26 3.28
C SER B 248 1.44 -30.99 2.77
N MET B 249 1.59 -30.89 1.46
CA MET B 249 2.91 -30.74 0.85
C MET B 249 2.93 -29.55 -0.10
N TYR B 250 3.90 -28.66 0.10
CA TYR B 250 4.28 -27.69 -0.92
C TYR B 250 4.33 -28.36 -2.28
N GLN B 251 3.64 -27.79 -3.27
CA GLN B 251 3.83 -28.24 -4.63
C GLN B 251 4.49 -27.10 -5.40
N SER B 252 3.73 -26.27 -6.08
CA SER B 252 4.36 -25.48 -7.11
C SER B 252 5.32 -24.45 -6.50
N LYS B 253 6.59 -24.86 -6.48
CA LYS B 253 7.73 -24.15 -5.92
C LYS B 253 8.55 -23.48 -7.01
N MET B 254 8.97 -22.24 -6.76
CA MET B 254 9.57 -21.40 -7.78
C MET B 254 11.06 -21.68 -7.92
N ASN B 255 11.52 -21.73 -9.17
CA ASN B 255 12.89 -22.10 -9.48
C ASN B 255 13.78 -20.87 -9.40
N VAL B 256 14.83 -20.95 -8.62
CA VAL B 256 15.52 -19.75 -8.15
C VAL B 256 17.01 -20.05 -8.14
N LEU B 257 17.81 -19.11 -8.63
CA LEU B 257 19.24 -19.33 -8.85
C LEU B 257 19.90 -19.94 -7.63
N ASN B 258 20.83 -20.85 -7.87
CA ASN B 258 21.69 -21.33 -6.80
C ASN B 258 23.04 -20.59 -6.83
N THR B 259 23.91 -20.93 -5.89
CA THR B 259 25.11 -20.12 -5.70
C THR B 259 25.99 -20.09 -6.94
N GLU B 260 26.19 -21.26 -7.56
CA GLU B 260 26.93 -21.30 -8.82
C GLU B 260 26.21 -20.49 -9.89
N GLN B 261 24.91 -20.78 -10.11
CA GLN B 261 24.11 -20.12 -11.13
C GLN B 261 24.11 -18.61 -10.93
N TYR B 262 24.01 -18.17 -9.68
CA TYR B 262 24.11 -16.75 -9.36
C TYR B 262 25.39 -16.16 -9.93
N GLY B 263 26.51 -16.87 -9.78
CA GLY B 263 27.78 -16.35 -10.25
C GLY B 263 27.89 -16.31 -11.76
N ARG B 264 27.21 -17.24 -12.44
CA ARG B 264 27.20 -17.22 -13.90
C ARG B 264 26.39 -16.05 -14.43
N ALA B 265 25.16 -15.88 -13.92
CA ALA B 265 24.33 -14.78 -14.39
C ALA B 265 25.01 -13.45 -14.11
N MET B 266 25.68 -13.34 -12.97
CA MET B 266 26.38 -12.11 -12.62
C MET B 266 27.50 -11.78 -13.61
N TRP B 267 28.33 -12.77 -13.92
CA TRP B 267 29.38 -12.58 -14.93
C TRP B 267 28.76 -12.13 -16.25
N GLN B 268 27.66 -12.77 -16.66
CA GLN B 268 26.95 -12.37 -17.87
C GLN B 268 26.52 -10.92 -17.79
N ALA B 269 25.86 -10.53 -16.69
CA ALA B 269 25.38 -9.16 -16.57
C ALA B 269 26.54 -8.16 -16.64
N TYR B 270 27.62 -8.44 -15.91
CA TYR B 270 28.77 -7.54 -15.93
C TYR B 270 29.33 -7.42 -17.34
N VAL B 271 29.55 -8.57 -17.97
CA VAL B 271 30.19 -8.68 -19.27
C VAL B 271 29.35 -7.99 -20.36
N ASN B 272 28.02 -8.23 -20.38
CA ASN B 272 27.14 -7.60 -21.36
C ASN B 272 27.31 -6.08 -21.35
N ASP B 273 27.33 -5.49 -20.17
CA ASP B 273 27.54 -4.05 -19.99
C ASP B 273 28.99 -3.66 -20.26
N GLY B 274 29.87 -4.65 -20.40
CA GLY B 274 31.26 -4.39 -20.69
C GLY B 274 32.02 -3.86 -19.49
N GLU B 275 31.70 -4.35 -18.30
CA GLU B 275 32.48 -4.05 -17.12
C GLU B 275 33.22 -5.31 -16.68
N ASN B 276 34.27 -5.11 -15.92
CA ASN B 276 35.10 -6.22 -15.52
C ASN B 276 34.38 -7.07 -14.49
N PRO B 277 33.94 -8.30 -14.81
CA PRO B 277 33.16 -9.08 -13.84
C PRO B 277 33.93 -9.42 -12.58
N ASN B 278 35.25 -9.28 -12.57
CA ASN B 278 35.98 -9.46 -11.33
C ASN B 278 35.80 -8.30 -10.37
N GLY B 279 35.10 -7.24 -10.79
CA GLY B 279 34.80 -6.11 -9.94
C GLY B 279 33.59 -6.26 -9.04
N ASN B 280 32.91 -7.40 -9.11
CA ASN B 280 31.84 -7.74 -8.17
C ASN B 280 32.43 -7.88 -6.78
N ALA B 281 32.13 -6.95 -5.88
CA ALA B 281 32.78 -7.01 -4.59
C ALA B 281 32.10 -8.04 -3.70
N LEU B 282 31.57 -9.11 -4.31
CA LEU B 282 31.15 -10.28 -3.57
C LEU B 282 32.31 -11.28 -3.62
N GLY B 283 32.04 -12.57 -3.50
CA GLY B 283 33.18 -13.45 -3.40
C GLY B 283 33.72 -14.06 -4.68
N TYR B 284 33.27 -13.62 -5.86
CA TYR B 284 33.53 -14.36 -7.09
C TYR B 284 34.76 -13.86 -7.83
N ALA B 285 35.48 -14.81 -8.44
CA ALA B 285 36.55 -14.55 -9.38
C ALA B 285 36.33 -15.43 -10.60
N TYR B 286 36.53 -14.85 -11.79
CA TYR B 286 36.16 -15.47 -13.06
C TYR B 286 37.36 -15.62 -13.96
N ASN B 287 37.46 -16.80 -14.59
CA ASN B 287 38.42 -17.08 -15.63
C ASN B 287 37.64 -17.12 -16.94
N TRP B 288 37.74 -16.06 -17.73
CA TRP B 288 36.94 -15.87 -18.94
C TRP B 288 37.79 -15.26 -20.04
N GLY B 289 37.30 -15.40 -21.27
CA GLY B 289 37.97 -14.89 -22.44
C GLY B 289 37.01 -14.61 -23.58
N TYR B 290 37.50 -14.53 -24.80
CA TYR B 290 36.67 -14.30 -25.97
C TYR B 290 36.74 -15.48 -26.92
N ASN B 291 35.59 -15.92 -27.43
CA ASN B 291 35.58 -16.98 -28.42
C ASN B 291 36.06 -16.42 -29.77
N ALA B 292 35.99 -17.27 -30.80
CA ALA B 292 36.47 -16.89 -32.12
C ALA B 292 35.71 -15.69 -32.68
N ASP B 293 34.39 -15.64 -32.48
CA ASP B 293 33.59 -14.54 -33.02
C ASP B 293 33.85 -13.22 -32.32
N GLY B 294 34.36 -13.24 -31.08
CA GLY B 294 34.62 -12.05 -30.31
C GLY B 294 33.64 -11.80 -29.17
N ASN B 295 32.60 -12.64 -29.01
CA ASN B 295 31.72 -12.56 -27.87
C ASN B 295 32.38 -13.20 -26.64
N PRO B 296 32.02 -12.76 -25.44
CA PRO B 296 32.70 -13.27 -24.24
C PRO B 296 32.16 -14.63 -23.81
N VAL B 297 33.07 -15.42 -23.23
CA VAL B 297 32.78 -16.80 -22.81
C VAL B 297 33.45 -17.06 -21.46
N LEU B 298 32.73 -17.74 -20.58
CA LEU B 298 33.20 -18.03 -19.23
C LEU B 298 33.79 -19.44 -19.17
N TYR B 299 35.01 -19.56 -18.67
CA TYR B 299 35.68 -20.86 -18.59
C TYR B 299 35.57 -21.51 -17.23
N GLY B 300 35.95 -20.80 -16.14
CA GLY B 300 35.85 -21.32 -14.80
C GLY B 300 35.52 -20.22 -13.81
N MET B 301 35.18 -20.65 -12.58
CA MET B 301 34.62 -19.73 -11.59
C MET B 301 34.95 -20.21 -10.18
N THR B 302 35.59 -19.36 -9.39
CA THR B 302 35.95 -19.69 -8.01
C THR B 302 35.20 -18.79 -7.03
N LEU B 303 34.80 -19.36 -5.89
CA LEU B 303 34.10 -18.61 -4.85
C LEU B 303 34.92 -18.62 -3.56
N SER B 304 35.04 -17.44 -2.95
CA SER B 304 35.58 -17.32 -1.61
C SER B 304 34.76 -18.15 -0.63
N LYS B 305 35.37 -18.46 0.52
CA LYS B 305 34.69 -19.28 1.52
C LYS B 305 33.86 -18.46 2.52
N TYR B 306 34.18 -17.18 2.74
CA TYR B 306 33.39 -16.35 3.65
C TYR B 306 32.90 -15.09 2.94
N LEU B 307 31.68 -14.67 3.24
CA LEU B 307 31.16 -13.49 2.56
C LEU B 307 31.75 -12.19 3.11
N ASP B 308 32.42 -12.20 4.26
CA ASP B 308 33.06 -11.02 4.84
C ASP B 308 34.53 -11.30 5.11
N SER B 309 35.31 -10.22 5.19
CA SER B 309 36.72 -10.33 5.53
C SER B 309 36.91 -11.05 6.86
N LYS B 310 36.13 -10.68 7.88
CA LYS B 310 36.27 -11.20 9.24
C LYS B 310 35.68 -12.61 9.41
N ASN B 311 35.15 -13.20 8.35
CA ASN B 311 34.83 -14.63 8.31
C ASN B 311 33.77 -14.99 9.35
N THR B 312 32.79 -14.11 9.53
CA THR B 312 31.65 -14.38 10.41
C THR B 312 30.49 -15.07 9.70
N MET B 313 30.52 -15.13 8.37
CA MET B 313 29.38 -15.60 7.59
C MET B 313 29.88 -16.50 6.45
N PRO B 314 29.79 -17.81 6.60
CA PRO B 314 30.26 -18.70 5.52
C PRO B 314 29.40 -18.56 4.28
N VAL B 315 29.97 -18.96 3.15
CA VAL B 315 29.25 -19.08 1.88
C VAL B 315 28.47 -20.40 1.87
N ALA B 316 27.22 -20.36 1.42
CA ALA B 316 26.35 -21.53 1.36
C ALA B 316 25.86 -21.73 -0.07
N ASP B 317 25.16 -22.84 -0.28
CA ASP B 317 24.24 -23.02 -1.39
C ASP B 317 22.90 -23.37 -0.78
N THR B 318 22.31 -22.41 -0.09
CA THR B 318 21.09 -22.68 0.65
C THR B 318 19.92 -22.67 -0.31
N ASP B 319 19.05 -23.66 -0.21
CA ASP B 319 17.78 -23.63 -0.93
C ASP B 319 16.74 -23.09 0.03
N TRP B 320 16.40 -21.81 -0.12
CA TRP B 320 15.64 -21.13 0.93
C TRP B 320 14.20 -21.59 0.96
N PHE B 321 13.60 -21.87 -0.19
CA PHE B 321 12.21 -22.34 -0.10
C PHE B 321 12.13 -23.70 0.57
N ASP B 322 13.09 -24.58 0.30
CA ASP B 322 13.12 -25.84 1.03
C ASP B 322 13.28 -25.59 2.52
N GLU B 323 14.08 -24.58 2.88
CA GLU B 323 14.37 -24.27 4.27
C GLU B 323 13.13 -23.76 5.03
N ILE B 324 12.26 -22.98 4.39
CA ILE B 324 11.12 -22.40 5.10
C ILE B 324 9.84 -23.22 4.93
N THR B 325 9.88 -24.32 4.17
CA THR B 325 8.68 -25.14 4.02
C THR B 325 8.84 -26.47 4.75
N ARG B 326 7.72 -27.16 4.89
CA ARG B 326 7.66 -28.38 5.68
C ARG B 326 6.45 -29.17 5.20
N THR B 327 6.41 -30.43 5.63
CA THR B 327 5.27 -31.27 5.34
C THR B 327 4.19 -31.00 6.37
N GLY B 328 3.06 -30.44 5.92
CA GLY B 328 2.01 -30.08 6.83
C GLY B 328 1.23 -31.28 7.31
N VAL B 329 0.55 -31.11 8.44
CA VAL B 329 -0.27 -32.16 9.01
C VAL B 329 -1.66 -31.59 9.32
N ILE B 330 -2.70 -32.27 8.84
CA ILE B 330 -4.08 -31.87 9.10
C ILE B 330 -4.73 -32.96 9.94
N GLN B 331 -5.54 -32.54 10.93
CA GLN B 331 -6.35 -33.46 11.71
C GLN B 331 -7.77 -32.94 11.75
N GLN B 332 -8.72 -33.85 11.90
CA GLN B 332 -10.11 -33.45 11.86
C GLN B 332 -10.94 -34.50 12.59
N TYR B 333 -11.69 -34.07 13.60
CA TYR B 333 -12.62 -34.96 14.27
C TYR B 333 -13.93 -34.24 14.53
N ASN B 334 -15.03 -34.98 14.39
CA ASN B 334 -16.35 -34.42 14.55
C ASN B 334 -17.27 -35.52 15.05
N LEU B 335 -17.99 -35.24 16.13
CA LEU B 335 -19.06 -36.08 16.61
C LEU B 335 -20.34 -35.26 16.59
N SER B 336 -21.45 -35.90 16.22
CA SER B 336 -22.76 -35.26 16.17
C SER B 336 -23.81 -36.26 16.61
N VAL B 337 -24.89 -35.76 17.22
CA VAL B 337 -25.89 -36.63 17.82
C VAL B 337 -27.23 -35.88 17.85
N SER B 338 -28.30 -36.61 17.56
CA SER B 338 -29.61 -36.02 17.33
C SER B 338 -30.71 -36.93 17.86
N ASN B 339 -31.87 -36.33 18.14
CA ASN B 339 -33.00 -37.04 18.75
C ASN B 339 -34.31 -36.39 18.28
N GLY B 340 -35.31 -37.22 17.98
CA GLY B 340 -36.58 -36.71 17.49
C GLY B 340 -37.84 -37.24 18.16
N SER B 341 -38.54 -36.38 18.90
CA SER B 341 -39.79 -36.71 19.54
C SER B 341 -40.95 -35.97 18.86
N GLU B 342 -42.16 -36.51 19.02
CA GLU B 342 -43.36 -35.83 18.56
C GLU B 342 -43.40 -34.40 19.08
N LYS B 343 -42.93 -34.20 20.30
CA LYS B 343 -43.06 -32.94 21.02
C LYS B 343 -41.87 -32.00 20.82
N GLY B 344 -40.72 -32.49 20.41
CA GLY B 344 -39.60 -31.61 20.17
C GLY B 344 -38.51 -32.26 19.36
N SER B 345 -37.31 -31.70 19.44
CA SER B 345 -36.15 -32.24 18.73
C SER B 345 -34.89 -31.54 19.25
N SER B 346 -33.75 -32.23 19.19
CA SER B 346 -32.50 -31.68 19.73
C SER B 346 -31.27 -32.25 19.02
N PHE B 347 -30.23 -31.41 18.91
CA PHE B 347 -29.00 -31.72 18.18
C PHE B 347 -27.78 -31.24 18.96
N PHE B 348 -26.69 -32.00 18.84
CA PHE B 348 -25.49 -31.67 19.61
C PHE B 348 -24.26 -32.22 18.89
N SER B 349 -23.29 -31.33 18.59
CA SER B 349 -22.05 -31.71 17.91
C SER B 349 -20.85 -31.11 18.60
N LEU B 350 -19.72 -31.82 18.50
CA LEU B 350 -18.41 -31.33 18.92
C LEU B 350 -17.42 -31.59 17.80
N GLY B 351 -16.53 -30.64 17.57
CA GLY B 351 -15.62 -30.73 16.45
C GLY B 351 -14.28 -30.10 16.75
N TYR B 352 -13.28 -30.61 16.05
CA TYR B 352 -11.91 -30.12 16.18
C TYR B 352 -11.26 -30.16 14.82
N TYR B 353 -10.48 -29.11 14.53
CA TYR B 353 -9.64 -28.99 13.36
C TYR B 353 -8.26 -28.58 13.84
N LYS B 354 -7.24 -28.94 13.08
CA LYS B 354 -5.87 -28.52 13.36
C LYS B 354 -5.07 -28.73 12.08
N ASN B 355 -4.34 -27.69 11.67
CA ASN B 355 -3.68 -27.73 10.37
C ASN B 355 -2.40 -26.93 10.52
N LEU B 356 -1.27 -27.64 10.43
CA LEU B 356 0.07 -27.04 10.37
C LEU B 356 0.37 -26.76 8.91
N GLY B 357 0.28 -25.50 8.50
CA GLY B 357 0.51 -25.15 7.12
C GLY B 357 1.90 -25.53 6.64
N VAL B 358 2.05 -25.52 5.31
CA VAL B 358 3.31 -25.94 4.69
C VAL B 358 4.41 -24.92 4.89
N ILE B 359 4.08 -23.69 5.24
CA ILE B 359 5.07 -22.70 5.64
C ILE B 359 5.31 -22.92 7.12
N LYS B 360 6.58 -23.03 7.51
CA LYS B 360 6.93 -23.39 8.87
C LYS B 360 6.40 -22.33 9.83
N ASP B 361 5.99 -22.77 11.01
CA ASP B 361 5.60 -21.87 12.09
C ASP B 361 4.33 -21.11 11.76
N THR B 362 3.47 -21.73 10.94
CA THR B 362 2.12 -21.23 10.71
C THR B 362 1.14 -22.39 10.90
N ASP B 363 0.09 -22.15 11.67
CA ASP B 363 -0.86 -23.21 12.00
C ASP B 363 -2.20 -22.59 12.33
N PHE B 364 -3.24 -23.43 12.36
CA PHE B 364 -4.61 -23.02 12.68
C PHE B 364 -5.35 -24.17 13.35
N ASP B 365 -6.27 -23.83 14.24
CA ASP B 365 -7.12 -24.87 14.80
C ASP B 365 -8.44 -24.26 15.27
N ARG B 366 -9.43 -25.14 15.50
CA ARG B 366 -10.77 -24.72 15.87
C ARG B 366 -11.39 -25.80 16.77
N PHE B 367 -12.00 -25.38 17.88
CA PHE B 367 -12.88 -26.22 18.68
C PHE B 367 -14.31 -25.73 18.48
N SER B 368 -15.25 -26.65 18.39
CA SER B 368 -16.61 -26.30 18.04
C SER B 368 -17.61 -27.11 18.86
N ALA B 369 -18.64 -26.43 19.36
CA ALA B 369 -19.82 -27.09 19.90
C ALA B 369 -21.07 -26.39 19.37
N ARG B 370 -22.11 -27.17 19.13
CA ARG B 370 -23.39 -26.64 18.68
C ARG B 370 -24.50 -27.40 19.36
N MET B 371 -25.44 -26.67 19.93
CA MET B 371 -26.69 -27.23 20.43
C MET B 371 -27.85 -26.51 19.75
N ASN B 372 -28.74 -27.27 19.09
CA ASN B 372 -30.01 -26.76 18.59
C ASN B 372 -31.13 -27.59 19.22
N SER B 373 -32.28 -26.96 19.43
CA SER B 373 -33.43 -27.68 19.98
C SER B 373 -34.70 -26.87 19.80
N ASP B 374 -35.83 -27.56 19.76
CA ASP B 374 -37.14 -26.94 19.66
C ASP B 374 -38.17 -27.71 20.47
N TYR B 375 -39.26 -27.04 20.81
CA TYR B 375 -40.28 -27.55 21.70
C TYR B 375 -41.64 -27.13 21.18
N LYS B 376 -42.56 -28.09 21.01
CA LYS B 376 -43.92 -27.86 20.52
C LYS B 376 -44.89 -28.04 21.68
N LEU B 377 -45.54 -26.95 22.09
CA LEU B 377 -46.45 -26.95 23.22
C LEU B 377 -47.84 -26.53 22.78
N ILE B 378 -48.77 -26.65 23.74
CA ILE B 378 -50.20 -26.52 23.47
C ILE B 378 -50.59 -27.55 22.42
N ASP B 379 -50.82 -27.11 21.17
CA ASP B 379 -51.27 -28.03 20.13
C ASP B 379 -50.40 -27.88 18.90
N ASP B 380 -49.09 -27.89 19.11
CA ASP B 380 -48.15 -27.45 18.08
C ASP B 380 -48.52 -26.06 17.59
N ILE B 381 -49.08 -25.25 18.49
CA ILE B 381 -49.43 -23.87 18.17
C ILE B 381 -48.59 -22.86 18.92
N LEU B 382 -47.94 -23.26 20.01
CA LEU B 382 -46.85 -22.47 20.60
C LEU B 382 -45.57 -23.26 20.43
N THR B 383 -44.59 -22.69 19.72
CA THR B 383 -43.34 -23.38 19.43
C THR B 383 -42.17 -22.50 19.85
N ILE B 384 -41.24 -23.06 20.61
CA ILE B 384 -40.03 -22.38 21.02
C ILE B 384 -38.85 -23.17 20.51
N GLY B 385 -37.81 -22.47 20.09
CA GLY B 385 -36.64 -23.11 19.52
C GLY B 385 -35.40 -22.29 19.77
N GLN B 386 -34.26 -22.93 19.51
CA GLN B 386 -32.97 -22.33 19.78
C GLN B 386 -31.91 -22.98 18.90
N HIS B 387 -31.04 -22.16 18.28
CA HIS B 387 -29.82 -22.64 17.63
C HIS B 387 -28.65 -21.89 18.22
N PHE B 388 -27.56 -22.61 18.52
CA PHE B 388 -26.41 -21.97 19.15
C PHE B 388 -25.15 -22.76 18.92
N THR B 389 -24.10 -22.07 18.50
CA THR B 389 -22.81 -22.68 18.29
C THR B 389 -21.74 -21.86 18.99
N LEU B 390 -20.78 -22.58 19.57
CA LEU B 390 -19.68 -21.99 20.34
C LEU B 390 -18.37 -22.49 19.74
N ASN B 391 -17.45 -21.56 19.48
CA ASN B 391 -16.22 -21.87 18.77
C ASN B 391 -15.03 -21.12 19.35
N ARG B 392 -13.90 -21.82 19.43
CA ARG B 392 -12.62 -21.23 19.82
C ARG B 392 -11.59 -21.61 18.77
N THR B 393 -11.09 -20.62 18.03
CA THR B 393 -10.02 -20.79 17.06
C THR B 393 -8.80 -20.06 17.52
N SER B 394 -7.65 -20.44 16.95
CA SER B 394 -6.36 -19.86 17.29
C SER B 394 -5.40 -20.10 16.13
N GLU B 395 -4.54 -19.12 15.86
CA GLU B 395 -3.73 -19.16 14.65
C GLU B 395 -2.46 -18.34 14.86
N VAL B 396 -1.42 -18.76 14.15
CA VAL B 396 -0.22 -17.97 13.95
C VAL B 396 -0.12 -17.79 12.45
N GLN B 397 -0.08 -16.54 12.00
CA GLN B 397 -0.17 -16.23 10.57
C GLN B 397 1.18 -15.95 9.94
N ALA B 398 1.28 -16.24 8.65
CA ALA B 398 2.53 -16.03 7.95
C ALA B 398 2.83 -14.53 7.85
N PRO B 399 4.06 -14.13 8.11
CA PRO B 399 4.41 -12.71 8.03
C PRO B 399 4.15 -12.13 6.65
N GLY B 400 3.99 -10.81 6.62
CA GLY B 400 3.92 -10.11 5.36
C GLY B 400 5.21 -10.23 4.57
N GLY B 401 5.14 -10.95 3.46
CA GLY B 401 6.21 -10.93 2.47
C GLY B 401 7.31 -11.96 2.59
N ILE B 402 7.06 -13.13 3.23
CA ILE B 402 8.14 -14.12 3.36
C ILE B 402 8.42 -14.76 2.01
N ILE B 403 7.38 -15.00 1.22
CA ILE B 403 7.63 -15.60 -0.09
C ILE B 403 8.52 -14.71 -0.91
N GLU B 404 8.28 -13.40 -0.89
CA GLU B 404 9.13 -12.49 -1.63
C GLU B 404 10.53 -12.44 -1.04
N THR B 405 10.63 -12.47 0.29
CA THR B 405 11.94 -12.48 0.95
C THR B 405 12.72 -13.76 0.60
N ALA B 406 12.03 -14.91 0.62
CA ALA B 406 12.62 -16.17 0.19
C ALA B 406 13.07 -16.14 -1.27
N LEU B 407 12.23 -15.60 -2.17
CA LEU B 407 12.69 -15.35 -3.54
C LEU B 407 13.88 -14.42 -3.58
N ASP B 408 13.97 -13.48 -2.65
CA ASP B 408 14.94 -12.41 -2.80
C ASP B 408 16.31 -12.76 -2.25
N ILE B 409 16.42 -13.67 -1.30
CA ILE B 409 17.68 -13.77 -0.57
C ILE B 409 18.61 -14.76 -1.28
N PRO B 410 19.86 -14.37 -1.53
CA PRO B 410 20.76 -15.22 -2.31
C PRO B 410 21.11 -16.54 -1.63
N SER B 411 21.30 -17.55 -2.48
CA SER B 411 21.76 -18.85 -2.05
C SER B 411 23.03 -18.78 -1.19
N ALA B 412 23.92 -17.82 -1.51
CA ALA B 412 25.21 -17.76 -0.85
C ALA B 412 25.09 -17.47 0.66
N ILE B 413 24.00 -16.80 1.08
CA ILE B 413 23.76 -16.49 2.47
C ILE B 413 23.37 -17.75 3.23
N PRO B 414 24.11 -18.14 4.26
CA PRO B 414 23.82 -19.38 4.98
C PRO B 414 22.69 -19.18 5.98
N VAL B 415 21.98 -20.28 6.27
CA VAL B 415 20.96 -20.27 7.30
C VAL B 415 21.54 -19.85 8.64
N TYR B 416 22.69 -20.41 9.01
CA TYR B 416 23.32 -20.15 10.28
C TYR B 416 24.68 -19.52 10.05
N ALA B 417 24.98 -18.51 10.86
CA ALA B 417 26.26 -17.83 10.83
C ALA B 417 27.28 -18.61 11.65
N SER B 418 28.57 -18.34 11.38
CA SER B 418 29.68 -19.06 12.02
C SER B 418 29.39 -19.39 13.47
N ASP B 419 29.07 -18.36 14.28
CA ASP B 419 28.82 -18.49 15.71
C ASP B 419 27.50 -19.19 16.05
N GLY B 420 26.71 -19.61 15.07
CA GLY B 420 25.43 -20.23 15.37
C GLY B 420 24.27 -19.26 15.48
N SER B 421 24.54 -17.96 15.31
CA SER B 421 23.49 -16.95 15.12
C SER B 421 22.74 -17.27 13.83
N TRP B 422 21.62 -16.57 13.63
CA TRP B 422 20.97 -16.62 12.31
C TRP B 422 21.87 -15.99 11.25
N GLY B 423 21.85 -16.58 10.05
CA GLY B 423 22.65 -16.07 8.95
C GLY B 423 22.02 -14.82 8.34
N GLY B 424 22.89 -13.98 7.75
CA GLY B 424 22.49 -12.72 7.19
C GLY B 424 23.45 -12.17 6.15
N PRO B 425 22.99 -11.22 5.33
CA PRO B 425 23.90 -10.56 4.38
C PRO B 425 24.97 -9.76 5.10
N VAL B 426 26.17 -9.76 4.54
CA VAL B 426 27.26 -8.88 4.94
C VAL B 426 27.97 -8.41 3.68
N GLY B 427 29.00 -7.59 3.88
CA GLY B 427 29.74 -7.05 2.74
C GLY B 427 28.89 -6.39 1.68
N GLY B 428 29.03 -6.83 0.42
CA GLY B 428 28.24 -6.30 -0.68
C GLY B 428 26.88 -6.95 -0.88
N TRP B 429 26.46 -7.82 0.02
CA TRP B 429 25.28 -8.62 -0.24
C TRP B 429 24.00 -7.82 0.10
N PRO B 430 22.90 -8.13 -0.58
CA PRO B 430 21.74 -7.22 -0.57
C PRO B 430 21.02 -7.16 0.77
N ASP B 431 20.19 -6.14 0.84
CA ASP B 431 19.47 -5.69 2.03
C ASP B 431 18.22 -6.55 2.27
N ARG B 432 18.43 -7.84 2.53
CA ARG B 432 17.33 -8.79 2.64
C ARG B 432 17.46 -9.64 3.91
N ARG B 433 16.38 -9.69 4.66
CA ARG B 433 16.27 -10.42 5.91
C ARG B 433 16.29 -11.94 5.68
N ASN B 434 16.71 -12.71 6.72
CA ASN B 434 16.76 -14.18 6.71
C ASN B 434 15.37 -14.77 6.91
N PRO B 435 14.80 -15.39 5.87
CA PRO B 435 13.37 -15.77 5.96
C PRO B 435 13.07 -16.87 6.98
N ARG B 436 14.01 -17.78 7.25
CA ARG B 436 13.78 -18.76 8.33
C ARG B 436 13.68 -18.03 9.68
N ALA B 437 14.56 -17.07 9.90
CA ALA B 437 14.59 -16.36 11.17
C ALA B 437 13.32 -15.54 11.38
N VAL B 438 12.82 -14.90 10.31
CA VAL B 438 11.57 -14.14 10.40
C VAL B 438 10.45 -15.05 10.91
N LEU B 439 10.28 -16.20 10.26
CA LEU B 439 9.19 -17.10 10.63
C LEU B 439 9.32 -17.56 12.07
N GLU B 440 10.55 -17.78 12.54
CA GLU B 440 10.79 -18.27 13.89
C GLU B 440 10.47 -17.20 14.91
N TYR B 441 10.90 -15.96 14.64
CA TYR B 441 10.62 -14.80 15.49
C TYR B 441 9.13 -14.46 15.57
N ASN B 442 8.32 -15.00 14.67
CA ASN B 442 6.90 -14.71 14.56
C ASN B 442 6.06 -15.91 14.99
N LYS B 443 6.69 -16.94 15.55
CA LYS B 443 6.00 -18.20 15.84
C LYS B 443 5.07 -18.10 17.03
N ASP B 444 5.26 -17.13 17.93
CA ASP B 444 4.43 -17.00 19.13
C ASP B 444 3.43 -15.88 19.01
N ASN B 445 3.32 -15.28 17.83
CA ASN B 445 2.32 -14.24 17.59
C ASN B 445 0.97 -14.90 17.32
N ARG B 446 0.48 -15.65 18.32
CA ARG B 446 -0.75 -16.42 18.20
C ARG B 446 -1.93 -15.63 18.75
N TYR B 447 -3.01 -15.55 17.97
CA TYR B 447 -4.25 -14.97 18.48
C TYR B 447 -5.19 -16.11 18.89
N THR B 448 -6.06 -15.81 19.86
CA THR B 448 -7.09 -16.73 20.32
C THR B 448 -8.44 -16.04 20.17
N TYR B 449 -9.37 -16.72 19.51
CA TYR B 449 -10.59 -16.11 19.00
C TYR B 449 -11.77 -16.96 19.43
N TRP B 450 -12.63 -16.39 20.27
CA TRP B 450 -13.85 -17.04 20.75
C TRP B 450 -15.07 -16.37 20.10
N ARG B 451 -15.86 -17.14 19.37
CA ARG B 451 -17.06 -16.61 18.74
C ARG B 451 -18.28 -17.37 19.23
N MET B 452 -19.31 -16.65 19.64
CA MET B 452 -20.57 -17.26 20.05
C MET B 452 -21.64 -16.82 19.06
N PHE B 453 -22.32 -17.80 18.48
CA PHE B 453 -23.28 -17.51 17.43
C PHE B 453 -24.55 -18.31 17.65
N GLY B 454 -25.70 -17.65 17.56
CA GLY B 454 -26.96 -18.35 17.68
C GLY B 454 -28.14 -17.39 17.81
N ASP B 455 -29.28 -17.99 18.13
CA ASP B 455 -30.56 -17.29 18.19
C ASP B 455 -31.50 -18.08 19.09
N ALA B 456 -32.59 -17.42 19.47
CA ALA B 456 -33.74 -18.08 20.06
C ALA B 456 -34.98 -17.46 19.44
N TYR B 457 -36.01 -18.27 19.25
CA TYR B 457 -37.23 -17.79 18.59
C TYR B 457 -38.47 -18.35 19.25
N VAL B 458 -39.56 -17.59 19.17
CA VAL B 458 -40.89 -18.06 19.51
C VAL B 458 -41.75 -18.02 18.25
N ASN B 459 -42.59 -19.04 18.07
CA ASN B 459 -43.52 -19.09 16.96
C ASN B 459 -44.92 -19.38 17.47
N LEU B 460 -45.86 -18.50 17.15
CA LEU B 460 -47.27 -18.64 17.47
C LEU B 460 -48.07 -18.82 16.19
N THR B 461 -49.01 -19.77 16.22
CA THR B 461 -49.95 -19.99 15.12
C THR B 461 -51.37 -19.92 15.69
N PRO B 462 -51.96 -18.72 15.78
CA PRO B 462 -53.27 -18.58 16.44
C PRO B 462 -54.47 -19.13 15.68
N PHE B 463 -54.29 -19.65 14.46
CA PHE B 463 -55.29 -20.40 13.68
C PHE B 463 -54.67 -20.74 12.33
N LYS B 464 -55.33 -21.65 11.61
CA LYS B 464 -54.80 -22.23 10.38
C LYS B 464 -54.32 -21.16 9.42
N GLY B 465 -53.04 -21.22 9.06
CA GLY B 465 -52.46 -20.36 8.04
C GLY B 465 -51.77 -19.12 8.56
N PHE B 466 -52.05 -18.73 9.80
CA PHE B 466 -51.55 -17.49 10.39
C PHE B 466 -50.39 -17.83 11.33
N ASN B 467 -49.27 -17.14 11.15
CA ASN B 467 -48.10 -17.36 11.99
C ASN B 467 -47.48 -16.04 12.40
N LEU B 468 -47.15 -15.96 13.69
CA LEU B 468 -46.34 -14.89 14.27
C LEU B 468 -45.07 -15.51 14.79
N ARG B 469 -43.93 -14.85 14.54
CA ARG B 469 -42.65 -15.41 14.93
C ARG B 469 -41.68 -14.28 15.21
N SER B 470 -40.88 -14.43 16.27
CA SER B 470 -39.91 -13.40 16.65
C SER B 470 -38.58 -14.08 16.97
N THR B 471 -37.50 -13.60 16.33
CA THR B 471 -36.18 -14.17 16.48
C THR B 471 -35.22 -13.13 17.03
N PHE B 472 -34.43 -13.51 18.04
CA PHE B 472 -33.34 -12.69 18.55
C PHE B 472 -32.04 -13.42 18.27
N GLY B 473 -31.20 -12.82 17.43
CA GLY B 473 -29.90 -13.37 17.09
C GLY B 473 -28.80 -12.68 17.88
N LEU B 474 -27.74 -13.44 18.16
CA LEU B 474 -26.56 -12.92 18.86
C LEU B 474 -25.34 -13.41 18.11
N ASP B 475 -24.42 -12.49 17.82
CA ASP B 475 -23.17 -12.81 17.16
C ASP B 475 -22.09 -12.01 17.87
N TYR B 476 -21.22 -12.69 18.59
CA TYR B 476 -20.26 -12.06 19.49
C TYR B 476 -18.95 -12.82 19.44
N ALA B 477 -17.89 -12.11 19.03
CA ALA B 477 -16.53 -12.66 19.01
C ALA B 477 -15.60 -11.75 19.81
N ASN B 478 -14.55 -12.34 20.35
CA ASN B 478 -13.49 -11.58 21.00
C ASN B 478 -12.14 -12.21 20.63
N LYS B 479 -11.16 -11.36 20.35
CA LYS B 479 -9.87 -11.82 19.87
C LYS B 479 -8.79 -11.23 20.77
N GLN B 480 -7.94 -12.11 21.29
CA GLN B 480 -6.83 -11.77 22.17
C GLN B 480 -5.55 -12.21 21.47
N ALA B 481 -4.46 -11.46 21.68
CA ALA B 481 -3.15 -11.81 21.16
C ALA B 481 -2.10 -10.94 21.82
N ARG B 482 -0.98 -11.55 22.19
CA ARG B 482 0.27 -10.82 22.35
C ARG B 482 1.07 -10.93 21.04
N TYR B 483 1.52 -9.79 20.51
CA TYR B 483 2.48 -9.76 19.40
C TYR B 483 3.83 -9.35 19.95
N PHE B 484 4.85 -10.18 19.71
CA PHE B 484 6.19 -9.97 20.26
C PHE B 484 7.15 -9.37 19.23
N THR B 485 7.94 -8.42 19.67
CA THR B 485 9.03 -7.87 18.87
C THR B 485 10.32 -8.32 19.55
N TYR B 486 10.98 -9.35 18.97
CA TYR B 486 12.28 -9.76 19.44
C TYR B 486 13.36 -8.97 18.72
N PRO B 487 14.53 -8.84 19.34
CA PRO B 487 15.67 -8.20 18.67
C PRO B 487 16.31 -9.13 17.65
N TYR B 488 16.49 -8.62 16.42
CA TYR B 488 17.17 -9.42 15.40
C TYR B 488 18.44 -8.72 14.94
N GLN B 489 19.21 -9.46 14.14
CA GLN B 489 20.59 -9.15 13.79
C GLN B 489 21.14 -10.25 12.87
N GLU B 490 20.68 -10.25 11.62
CA GLU B 490 21.12 -11.16 10.57
C GLU B 490 22.09 -10.39 9.68
N GLY B 491 23.38 -10.50 9.99
CA GLY B 491 24.37 -9.77 9.23
C GLY B 491 24.13 -8.29 9.46
N THR B 492 23.93 -7.55 8.37
CA THR B 492 23.68 -6.13 8.50
C THR B 492 22.22 -5.81 8.74
N GLN B 493 21.35 -6.81 8.59
CA GLN B 493 19.92 -6.67 8.88
C GLN B 493 19.74 -6.63 10.39
N THR B 494 19.49 -5.45 10.92
CA THR B 494 19.45 -5.22 12.34
C THR B 494 18.19 -4.44 12.69
N ASN B 495 17.97 -4.42 13.98
CA ASN B 495 16.74 -4.05 14.64
C ASN B 495 17.09 -3.12 15.78
N ASN B 496 18.28 -2.53 15.72
CA ASN B 496 19.06 -2.22 16.89
C ASN B 496 18.95 -3.38 17.86
N GLY B 497 18.48 -3.10 19.07
CA GLY B 497 18.29 -4.19 19.99
C GLY B 497 16.89 -4.14 20.54
N LYS B 498 15.96 -3.69 19.71
CA LYS B 498 14.59 -3.43 20.15
C LYS B 498 13.90 -4.73 20.54
N SER B 499 13.25 -4.70 21.71
CA SER B 499 12.35 -5.76 22.15
C SER B 499 11.08 -5.08 22.65
N ALA B 500 9.92 -5.60 22.25
CA ALA B 500 8.68 -5.05 22.74
C ALA B 500 7.61 -6.14 22.74
N VAL B 501 6.47 -5.83 23.37
CA VAL B 501 5.29 -6.69 23.31
C VAL B 501 4.06 -5.80 23.21
N GLU B 502 3.06 -6.29 22.49
CA GLU B 502 1.77 -5.62 22.44
C GLU B 502 0.68 -6.62 22.79
N ALA B 503 0.01 -6.38 23.91
CA ALA B 503 -1.17 -7.16 24.28
C ALA B 503 -2.41 -6.50 23.68
N LYS B 504 -3.08 -7.20 22.77
CA LYS B 504 -4.16 -6.65 21.96
C LYS B 504 -5.45 -7.40 22.27
N GLN B 505 -6.54 -6.65 22.33
CA GLN B 505 -7.85 -7.18 22.60
C GLN B 505 -8.83 -6.51 21.66
N GLU B 506 -9.82 -7.28 21.19
CA GLU B 506 -10.87 -6.75 20.34
C GLU B 506 -12.13 -7.53 20.62
N HIS B 507 -13.25 -6.81 20.60
CA HIS B 507 -14.58 -7.37 20.74
C HIS B 507 -15.44 -6.89 19.57
N TRP B 508 -16.23 -7.81 19.03
CA TRP B 508 -17.27 -7.52 18.07
C TRP B 508 -18.55 -8.13 18.61
N THR B 509 -19.55 -7.28 18.87
CA THR B 509 -20.83 -7.73 19.45
C THR B 509 -21.98 -7.32 18.55
N LYS B 510 -22.55 -8.27 17.83
CA LYS B 510 -23.68 -7.99 16.95
C LYS B 510 -24.89 -8.75 17.45
N TRP B 511 -26.05 -8.11 17.39
CA TRP B 511 -27.30 -8.76 17.72
C TRP B 511 -28.36 -8.33 16.73
N MET B 512 -29.37 -9.19 16.56
CA MET B 512 -30.45 -8.99 15.58
C MET B 512 -31.76 -9.33 16.24
N TRP B 513 -32.81 -8.56 15.90
CA TRP B 513 -34.16 -8.82 16.40
C TRP B 513 -35.19 -8.58 15.31
N ASN B 514 -36.10 -9.54 15.13
CA ASN B 514 -37.17 -9.38 14.16
C ASN B 514 -38.47 -10.01 14.68
N ALA B 515 -39.59 -9.53 14.11
CA ALA B 515 -40.92 -10.10 14.29
C ALA B 515 -41.57 -10.28 12.91
N ILE B 516 -42.28 -11.39 12.73
CA ILE B 516 -42.71 -11.86 11.42
C ILE B 516 -44.17 -12.31 11.48
N ALA B 517 -45.00 -11.76 10.61
CA ALA B 517 -46.40 -12.18 10.46
C ALA B 517 -46.62 -12.73 9.05
N THR B 518 -47.16 -13.95 8.95
CA THR B 518 -47.35 -14.61 7.66
C THR B 518 -48.73 -15.28 7.61
N TYR B 519 -49.36 -15.26 6.43
CA TYR B 519 -50.63 -15.93 6.19
C TYR B 519 -50.53 -16.84 4.97
N GLN B 520 -51.15 -18.03 5.04
CA GLN B 520 -51.26 -18.95 3.92
C GLN B 520 -52.72 -19.34 3.68
N LEU B 521 -53.04 -19.58 2.41
CA LEU B 521 -54.36 -20.06 2.03
C LEU B 521 -54.21 -20.94 0.79
N GLU B 522 -55.18 -21.86 0.62
CA GLU B 522 -55.22 -22.71 -0.58
C GLU B 522 -56.67 -22.80 -1.05
N VAL B 523 -57.05 -21.99 -2.03
CA VAL B 523 -58.41 -21.94 -2.56
C VAL B 523 -58.42 -22.76 -3.87
N GLY B 524 -58.92 -23.99 -3.78
CA GLY B 524 -59.06 -24.88 -4.91
C GLY B 524 -57.82 -24.98 -5.79
N LYS B 525 -57.62 -23.97 -6.65
CA LYS B 525 -56.41 -23.89 -7.45
C LYS B 525 -55.53 -22.68 -7.15
N HIS B 526 -56.06 -21.65 -6.48
CA HIS B 526 -55.22 -20.55 -6.02
C HIS B 526 -54.31 -21.01 -4.88
N ARG B 527 -53.09 -20.49 -4.86
CA ARG B 527 -52.22 -20.58 -3.70
C ARG B 527 -51.74 -19.17 -3.33
N GLY B 528 -51.19 -19.01 -2.13
CA GLY B 528 -50.76 -17.68 -1.74
C GLY B 528 -50.14 -17.49 -0.37
N ASP B 529 -48.87 -17.10 -0.35
CA ASP B 529 -48.17 -16.69 0.87
C ASP B 529 -48.22 -15.17 0.95
N VAL B 530 -48.46 -14.64 2.15
CA VAL B 530 -48.14 -13.25 2.42
C VAL B 530 -47.27 -13.22 3.66
N MET B 531 -46.50 -12.15 3.80
CA MET B 531 -45.64 -11.99 4.97
C MET B 531 -45.30 -10.51 5.10
N ILE B 532 -45.54 -9.92 6.28
CA ILE B 532 -44.95 -8.64 6.61
C ILE B 532 -44.15 -8.81 7.90
N GLY B 533 -43.11 -7.99 8.06
CA GLY B 533 -42.28 -8.09 9.24
C GLY B 533 -41.35 -6.90 9.42
N MET B 534 -40.63 -6.93 10.54
CA MET B 534 -39.73 -5.86 10.94
C MET B 534 -38.44 -6.46 11.49
N GLU B 535 -37.31 -5.76 11.28
CA GLU B 535 -36.02 -6.26 11.74
C GLU B 535 -35.12 -5.13 12.25
N LEU B 536 -34.51 -5.35 13.41
CA LEU B 536 -33.48 -4.45 13.95
C LEU B 536 -32.13 -5.16 14.01
N ASN B 537 -31.06 -4.42 13.68
CA ASN B 537 -29.68 -4.87 13.77
C ASN B 537 -28.82 -3.85 14.52
N ARG B 538 -27.80 -4.33 15.22
CA ARG B 538 -26.87 -3.42 15.88
C ARG B 538 -25.54 -4.13 16.09
N GLU B 539 -24.47 -3.46 15.70
CA GLU B 539 -23.11 -3.89 15.98
C GLU B 539 -22.45 -2.83 16.83
N ASP B 540 -21.68 -3.28 17.81
CA ASP B 540 -20.85 -2.40 18.61
C ASP B 540 -19.51 -3.12 18.75
N ASP B 541 -18.46 -2.41 18.37
CA ASP B 541 -17.10 -2.92 18.37
C ASP B 541 -16.28 -2.08 19.34
N SER B 542 -15.27 -2.72 19.91
CA SER B 542 -14.26 -2.03 20.68
C SER B 542 -12.96 -2.79 20.49
N HIS B 543 -11.85 -2.09 20.66
CA HIS B 543 -10.53 -2.68 20.58
C HIS B 543 -9.54 -1.75 21.27
N PHE B 544 -8.54 -2.35 21.91
CA PHE B 544 -7.56 -1.60 22.68
C PHE B 544 -6.36 -2.50 22.87
N SER B 545 -5.24 -1.89 23.23
CA SER B 545 -4.02 -2.67 23.35
C SER B 545 -2.99 -1.86 24.13
N GLY B 546 -2.18 -2.56 24.92
CA GLY B 546 -1.08 -1.95 25.65
C GLY B 546 0.24 -2.43 25.08
N TYR B 547 1.15 -1.48 24.84
CA TYR B 547 2.42 -1.71 24.18
C TYR B 547 3.56 -1.31 25.11
N LYS B 548 4.55 -2.18 25.27
CA LYS B 548 5.65 -1.88 26.17
C LYS B 548 6.95 -2.34 25.52
N GLU B 549 8.01 -1.54 25.72
CA GLU B 549 9.34 -1.78 25.19
C GLU B 549 10.33 -2.19 26.28
N ASP B 550 11.31 -3.01 25.87
CA ASP B 550 12.57 -3.31 26.59
C ASP B 550 12.43 -4.42 27.63
N PHE B 551 12.84 -5.64 27.28
CA PHE B 551 12.73 -6.78 28.19
C PHE B 551 14.09 -7.47 28.43
N SER B 552 14.33 -7.90 29.67
CA SER B 552 15.60 -8.51 30.04
C SER B 552 15.66 -9.98 29.66
N ILE B 553 14.56 -10.71 29.81
CA ILE B 553 14.45 -12.07 29.32
C ILE B 553 13.53 -12.06 28.11
N LEU B 554 14.00 -12.67 27.02
CA LEU B 554 13.32 -12.57 25.73
C LEU B 554 12.55 -13.86 25.42
N THR B 555 11.54 -14.13 26.24
CA THR B 555 10.63 -15.22 25.95
C THR B 555 9.19 -14.79 26.18
N PRO B 556 8.23 -15.49 25.57
CA PRO B 556 6.82 -15.17 25.86
C PRO B 556 6.44 -15.32 27.32
N ASP B 557 7.25 -16.00 28.13
CA ASP B 557 6.92 -16.13 29.55
C ASP B 557 7.19 -14.83 30.27
N TYR B 558 8.26 -14.14 29.89
CA TYR B 558 8.64 -12.89 30.50
C TYR B 558 7.94 -11.70 29.88
N MET B 559 7.68 -11.76 28.57
CA MET B 559 7.34 -10.56 27.81
C MET B 559 5.87 -10.21 27.97
N TRP B 560 5.55 -9.76 29.19
CA TRP B 560 4.27 -9.14 29.50
C TRP B 560 4.48 -7.66 29.81
N PRO B 561 3.47 -6.83 29.55
CA PRO B 561 3.65 -5.38 29.73
C PRO B 561 4.15 -4.98 31.10
N ASP B 562 3.75 -5.67 32.17
CA ASP B 562 4.21 -5.33 33.52
C ASP B 562 5.72 -5.35 33.66
N ALA B 563 6.43 -6.10 32.79
CA ALA B 563 7.85 -6.41 32.98
C ALA B 563 8.77 -5.67 32.02
N GLY B 564 8.27 -4.67 31.31
CA GLY B 564 9.11 -3.86 30.45
C GLY B 564 9.70 -2.67 31.20
N SER B 565 10.89 -2.27 30.78
CA SER B 565 11.62 -1.18 31.40
C SER B 565 11.76 0.02 30.49
N GLY B 566 10.99 0.08 29.40
CA GLY B 566 11.08 1.16 28.45
C GLY B 566 9.75 1.86 28.24
N THR B 567 9.63 2.45 27.06
CA THR B 567 8.47 3.30 26.76
C THR B 567 7.23 2.46 26.51
N ALA B 568 6.09 3.04 26.87
CA ALA B 568 4.78 2.44 26.71
C ALA B 568 3.93 3.24 25.73
N GLN B 569 2.97 2.56 25.09
CA GLN B 569 1.92 3.20 24.32
C GLN B 569 0.62 2.46 24.60
N ALA B 570 -0.47 3.21 24.57
CA ALA B 570 -1.80 2.64 24.69
C ALA B 570 -2.62 3.04 23.48
N TYR B 571 -3.41 2.09 22.97
CA TYR B 571 -4.17 2.26 21.74
C TYR B 571 -5.61 1.80 21.93
N GLY B 572 -6.52 2.36 21.15
CA GLY B 572 -7.83 1.76 21.01
C GLY B 572 -8.91 2.80 20.82
N ALA B 573 -10.09 2.31 20.43
CA ALA B 573 -11.22 3.09 19.95
C ALA B 573 -12.39 2.12 19.78
N GLY B 574 -13.60 2.68 19.63
CA GLY B 574 -14.79 1.90 19.32
C GLY B 574 -15.51 2.43 18.09
N GLU B 575 -16.57 1.73 17.72
CA GLU B 575 -17.44 2.21 16.64
C GLU B 575 -18.64 1.29 16.57
N GLY B 576 -19.65 1.69 15.80
CA GLY B 576 -20.79 0.83 15.61
C GLY B 576 -21.79 1.40 14.62
N TYR B 577 -22.78 0.57 14.30
CA TYR B 577 -23.88 1.03 13.48
C TYR B 577 -25.13 0.25 13.84
N SER B 578 -26.27 0.77 13.38
CA SER B 578 -27.56 0.14 13.56
C SER B 578 -28.36 0.18 12.26
N LEU B 579 -29.27 -0.78 12.13
CA LEU B 579 -30.14 -0.87 10.97
C LEU B 579 -31.55 -1.11 11.45
N VAL B 580 -32.51 -0.50 10.76
CA VAL B 580 -33.92 -0.78 10.91
C VAL B 580 -34.44 -1.22 9.56
N SER B 581 -35.41 -2.13 9.55
CA SER B 581 -35.93 -2.65 8.30
C SER B 581 -37.39 -3.04 8.40
N PHE B 582 -38.18 -2.64 7.42
CA PHE B 582 -39.60 -3.00 7.32
C PHE B 582 -39.81 -3.66 5.98
N PHE B 583 -40.47 -4.82 5.98
CA PHE B 583 -40.54 -5.57 4.73
C PHE B 583 -41.84 -6.34 4.63
N GLY B 584 -42.22 -6.63 3.40
CA GLY B 584 -43.28 -7.58 3.13
C GLY B 584 -42.97 -8.34 1.87
N LYS B 585 -43.47 -9.58 1.80
CA LYS B 585 -43.27 -10.44 0.64
C LYS B 585 -44.54 -11.23 0.36
N MET B 586 -44.95 -11.25 -0.90
CA MET B 586 -46.22 -11.78 -1.36
C MET B 586 -45.96 -12.83 -2.43
N ASN B 587 -46.29 -14.09 -2.14
CA ASN B 587 -46.25 -15.16 -3.14
C ASN B 587 -47.65 -15.50 -3.60
N TYR B 588 -47.79 -15.78 -4.90
CA TYR B 588 -49.06 -16.20 -5.51
C TYR B 588 -48.76 -17.28 -6.53
N SER B 589 -49.53 -18.37 -6.49
CA SER B 589 -49.48 -19.39 -7.51
C SER B 589 -50.90 -19.65 -8.01
N TYR B 590 -51.08 -19.67 -9.32
CA TYR B 590 -52.35 -19.97 -9.97
C TYR B 590 -52.26 -21.35 -10.59
N ALA B 591 -53.07 -22.28 -10.07
CA ALA B 591 -53.22 -23.61 -10.68
C ALA B 591 -51.90 -24.38 -10.74
N ASP B 592 -50.96 -24.04 -9.88
CA ASP B 592 -49.64 -24.65 -9.84
C ASP B 592 -48.91 -24.55 -11.17
N ARG B 593 -49.29 -23.59 -12.02
CA ARG B 593 -48.62 -23.38 -13.29
C ARG B 593 -48.21 -21.94 -13.59
N TYR B 594 -48.77 -20.94 -12.89
CA TYR B 594 -48.33 -19.55 -13.03
C TYR B 594 -48.04 -18.99 -11.65
N LEU B 595 -46.84 -18.43 -11.47
CA LEU B 595 -46.36 -17.96 -10.19
C LEU B 595 -45.94 -16.50 -10.29
N LEU B 596 -46.47 -15.67 -9.40
CA LEU B 596 -46.04 -14.29 -9.24
C LEU B 596 -45.51 -14.09 -7.82
N SER B 597 -44.48 -13.24 -7.67
CA SER B 597 -43.90 -12.97 -6.36
C SER B 597 -43.51 -11.50 -6.25
N LEU B 598 -43.73 -10.93 -5.07
CA LEU B 598 -43.58 -9.49 -4.84
C LEU B 598 -42.89 -9.23 -3.50
N THR B 599 -41.84 -8.42 -3.53
CA THR B 599 -41.06 -8.08 -2.36
C THR B 599 -40.97 -6.56 -2.22
N LEU B 600 -41.01 -6.07 -0.99
CA LEU B 600 -40.99 -4.62 -0.77
C LEU B 600 -40.40 -4.35 0.60
N ARG B 601 -39.30 -3.56 0.63
CA ARG B 601 -38.64 -3.18 1.87
C ARG B 601 -38.48 -1.66 1.95
N ARG B 602 -38.46 -1.15 3.17
CA ARG B 602 -37.98 0.19 3.49
C ARG B 602 -36.89 0.03 4.54
N ASP B 603 -35.72 0.62 4.27
CA ASP B 603 -34.47 0.24 4.93
C ASP B 603 -33.72 1.48 5.39
N GLY B 604 -33.55 1.62 6.71
CA GLY B 604 -32.84 2.74 7.29
C GLY B 604 -31.51 2.30 7.86
N SER B 605 -30.56 3.22 7.91
CA SER B 605 -29.25 2.93 8.46
C SER B 605 -28.73 4.12 9.23
N SER B 606 -28.13 3.84 10.39
CA SER B 606 -27.48 4.87 11.20
C SER B 606 -26.33 5.53 10.45
N ARG B 607 -25.84 4.93 9.36
CA ARG B 607 -24.69 5.52 8.69
C ARG B 607 -25.06 6.74 7.84
N PHE B 608 -26.36 7.07 7.71
CA PHE B 608 -26.84 8.24 6.99
C PHE B 608 -27.58 9.21 7.90
N GLY B 609 -27.68 10.47 7.45
CA GLY B 609 -28.44 11.46 8.17
C GLY B 609 -29.93 11.16 8.10
N LYS B 610 -30.72 11.86 8.94
CA LYS B 610 -32.18 11.74 8.87
C LYS B 610 -32.70 12.00 7.45
N ASN B 611 -32.17 13.04 6.79
CA ASN B 611 -32.67 13.50 5.49
C ASN B 611 -32.53 12.45 4.40
N HIS B 612 -31.72 11.38 4.63
CA HIS B 612 -31.53 10.29 3.67
C HIS B 612 -31.59 8.91 4.33
N ARG B 613 -32.08 8.83 5.59
CA ARG B 613 -32.03 7.61 6.39
C ARG B 613 -32.46 6.37 5.63
N TYR B 614 -33.68 6.41 5.08
CA TYR B 614 -34.32 5.23 4.54
C TYR B 614 -34.30 5.22 3.01
N ALA B 615 -34.73 4.10 2.45
CA ALA B 615 -34.80 3.91 1.01
C ALA B 615 -35.69 2.71 0.79
N THR B 616 -36.27 2.61 -0.41
CA THR B 616 -37.37 1.68 -0.63
C THR B 616 -37.07 0.82 -1.84
N PHE B 617 -37.17 -0.48 -1.65
CA PHE B 617 -36.65 -1.44 -2.60
C PHE B 617 -37.72 -2.46 -2.94
N PRO B 618 -38.32 -2.38 -4.14
CA PRO B 618 -39.33 -3.34 -4.57
C PRO B 618 -38.72 -4.47 -5.40
N SER B 619 -39.41 -5.61 -5.46
CA SER B 619 -38.92 -6.70 -6.31
C SER B 619 -40.09 -7.49 -6.88
N VAL B 620 -39.91 -7.98 -8.11
CA VAL B 620 -40.96 -8.63 -8.87
C VAL B 620 -40.36 -9.82 -9.60
N SER B 621 -40.98 -10.98 -9.42
CA SER B 621 -40.55 -12.18 -10.13
C SER B 621 -41.76 -12.92 -10.66
N LEU B 622 -41.60 -13.51 -11.85
CA LEU B 622 -42.67 -14.25 -12.52
C LEU B 622 -42.19 -15.65 -12.90
N GLY B 623 -43.13 -16.59 -12.92
CA GLY B 623 -42.81 -17.97 -13.20
C GLY B 623 -43.92 -18.69 -13.96
N TRP B 624 -43.52 -19.49 -14.94
CA TRP B 624 -44.41 -20.05 -15.97
C TRP B 624 -44.09 -21.53 -16.12
N ARG B 625 -44.74 -22.39 -15.33
CA ARG B 625 -44.48 -23.82 -15.40
C ARG B 625 -45.06 -24.39 -16.68
N ILE B 626 -44.25 -24.31 -17.76
CA ILE B 626 -44.70 -24.59 -19.12
C ILE B 626 -45.36 -25.97 -19.21
N THR B 627 -44.68 -26.99 -18.71
CA THR B 627 -45.07 -28.37 -18.99
C THR B 627 -46.42 -28.72 -18.39
N GLN B 628 -46.81 -28.07 -17.31
CA GLN B 628 -48.07 -28.42 -16.68
C GLN B 628 -49.29 -27.86 -17.41
N GLU B 629 -49.07 -27.07 -18.46
CA GLU B 629 -50.14 -26.70 -19.38
C GLU B 629 -50.33 -27.81 -20.40
N ASN B 630 -51.61 -28.06 -20.75
CA ASN B 630 -51.98 -29.29 -21.40
C ASN B 630 -51.29 -29.48 -22.75
N PHE B 631 -51.06 -28.40 -23.50
CA PHE B 631 -50.56 -28.57 -24.86
C PHE B 631 -49.11 -28.99 -24.94
N MET B 632 -48.44 -29.15 -23.80
CA MET B 632 -47.12 -29.75 -23.72
C MET B 632 -47.16 -31.20 -23.30
N LYS B 633 -48.32 -31.69 -22.84
CA LYS B 633 -48.40 -33.05 -22.35
C LYS B 633 -48.19 -34.09 -23.43
N GLU B 634 -48.16 -33.67 -24.71
CA GLU B 634 -47.79 -34.53 -25.84
C GLU B 634 -46.28 -34.69 -26.00
N LEU B 635 -45.54 -34.78 -24.89
CA LEU B 635 -44.07 -34.91 -24.93
C LEU B 635 -43.67 -35.76 -23.72
N THR B 636 -43.57 -37.09 -23.94
CA THR B 636 -43.17 -38.01 -22.87
C THR B 636 -41.76 -37.74 -22.34
N TRP B 637 -40.97 -36.91 -23.03
CA TRP B 637 -39.54 -36.87 -22.87
C TRP B 637 -39.03 -35.62 -22.15
N LEU B 638 -39.92 -34.82 -21.55
CA LEU B 638 -39.49 -33.62 -20.84
C LEU B 638 -40.45 -33.37 -19.69
N ASP B 639 -39.96 -33.56 -18.45
CA ASP B 639 -40.83 -33.70 -17.27
C ASP B 639 -41.18 -32.35 -16.65
N ASP B 640 -40.29 -31.37 -16.75
CA ASP B 640 -40.64 -30.02 -16.33
C ASP B 640 -39.81 -29.03 -17.13
N LEU B 641 -40.44 -27.89 -17.47
CA LEU B 641 -39.79 -26.76 -18.11
C LEU B 641 -40.46 -25.52 -17.55
N LYS B 642 -39.67 -24.60 -17.01
CA LYS B 642 -40.18 -23.45 -16.26
C LYS B 642 -39.38 -22.22 -16.66
N LEU B 643 -40.04 -21.25 -17.29
CA LEU B 643 -39.40 -19.98 -17.62
C LEU B 643 -39.70 -18.98 -16.49
N ARG B 644 -38.66 -18.28 -16.02
CA ARG B 644 -38.82 -17.29 -14.97
C ARG B 644 -38.03 -16.03 -15.32
N ALA B 645 -38.64 -14.88 -15.01
CA ALA B 645 -38.02 -13.56 -15.16
C ALA B 645 -38.17 -12.79 -13.86
N SER B 646 -37.23 -11.88 -13.59
CA SER B 646 -37.33 -11.09 -12.37
C SER B 646 -36.66 -9.73 -12.52
N TRP B 647 -37.24 -8.74 -11.85
CA TRP B 647 -36.68 -7.40 -11.70
C TRP B 647 -36.75 -7.01 -10.23
N GLY B 648 -35.75 -6.30 -9.76
CA GLY B 648 -35.71 -5.93 -8.37
C GLY B 648 -34.49 -5.12 -8.02
N GLN B 649 -34.56 -4.48 -6.87
CA GLN B 649 -33.53 -3.59 -6.40
C GLN B 649 -33.12 -3.98 -4.99
N THR B 650 -31.88 -3.68 -4.64
CA THR B 650 -31.34 -3.92 -3.31
C THR B 650 -30.49 -2.72 -2.91
N GLY B 651 -30.70 -2.19 -1.69
CA GLY B 651 -29.83 -1.15 -1.18
C GLY B 651 -28.45 -1.67 -0.76
N ASN B 652 -27.50 -0.74 -0.65
CA ASN B 652 -26.18 -1.04 -0.14
C ASN B 652 -25.79 0.11 0.76
N GLN B 653 -25.41 -0.21 1.99
CA GLN B 653 -25.01 0.82 2.95
C GLN B 653 -23.62 0.55 3.53
N GLU B 654 -22.87 -0.39 2.93
CA GLU B 654 -21.66 -0.96 3.54
C GLU B 654 -20.48 -0.01 3.41
N ILE B 655 -20.42 0.96 4.33
CA ILE B 655 -19.42 2.01 4.27
C ILE B 655 -18.92 2.29 5.69
N SER B 656 -17.81 3.01 5.77
CA SER B 656 -17.26 3.44 7.05
C SER B 656 -18.35 3.97 7.98
N ASN B 657 -18.32 3.53 9.26
CA ASN B 657 -19.31 4.00 10.22
C ASN B 657 -19.29 5.52 10.37
N LEU B 658 -18.15 6.13 10.07
CA LEU B 658 -17.97 7.58 10.18
C LEU B 658 -18.17 8.32 8.86
N ALA B 659 -18.86 7.70 7.89
CA ALA B 659 -18.74 8.16 6.51
C ALA B 659 -19.30 9.57 6.35
N ARG B 660 -20.38 9.87 7.08
CA ARG B 660 -21.10 11.14 7.00
C ARG B 660 -20.24 12.34 7.37
N TYR B 661 -19.24 12.19 8.26
CA TYR B 661 -18.73 13.27 9.11
C TYR B 661 -17.45 13.92 8.60
N THR B 662 -17.19 15.15 9.09
CA THR B 662 -15.85 15.72 9.04
C THR B 662 -15.11 15.27 10.28
N ILE B 663 -13.97 14.62 10.09
CA ILE B 663 -13.26 13.93 11.15
C ILE B 663 -11.97 14.66 11.43
N TYR B 664 -11.85 15.17 12.65
CA TYR B 664 -10.57 15.59 13.20
C TYR B 664 -10.16 14.57 14.25
N ALA B 665 -8.87 14.23 14.26
CA ALA B 665 -8.33 13.28 15.21
C ALA B 665 -7.14 13.92 15.92
N PRO B 666 -6.97 13.66 17.22
CA PRO B 666 -5.79 14.23 17.88
C PRO B 666 -4.46 13.67 17.36
N ASN B 667 -4.40 12.39 16.99
CA ASN B 667 -3.23 11.72 16.42
C ASN B 667 -1.90 12.34 16.85
N TYR B 668 -1.65 12.34 18.16
CA TYR B 668 -0.38 12.80 18.71
C TYR B 668 0.80 12.19 17.98
N GLY B 669 0.64 10.94 17.53
CA GLY B 669 1.62 10.26 16.73
C GLY B 669 2.30 9.19 17.54
N THR B 670 1.54 8.20 18.00
CA THR B 670 2.01 7.22 18.98
C THR B 670 2.27 5.86 18.36
N THR B 671 2.39 5.81 17.06
CA THR B 671 2.03 4.64 16.29
C THR B 671 3.13 4.38 15.28
N ASP B 672 3.38 3.12 14.99
CA ASP B 672 4.46 2.83 14.05
C ASP B 672 4.09 3.39 12.68
N SER B 673 5.05 4.04 12.05
CA SER B 673 4.93 4.50 10.69
C SER B 673 5.84 3.65 9.82
N PHE B 674 6.36 4.22 8.73
CA PHE B 674 7.45 3.64 7.95
C PHE B 674 8.15 4.77 7.22
N GLY B 675 9.42 4.96 7.54
CA GLY B 675 10.15 6.08 6.98
C GLY B 675 9.53 7.43 7.28
N GLY B 676 8.93 7.60 8.47
CA GLY B 676 8.28 8.85 8.80
C GLY B 676 6.84 8.88 8.30
N GLN B 677 6.33 10.10 8.07
CA GLN B 677 4.94 10.32 7.64
C GLN B 677 3.97 9.65 8.63
N SER B 678 4.22 9.87 9.92
CA SER B 678 3.21 9.57 10.94
C SER B 678 2.04 10.54 10.85
N TYR B 679 2.28 11.77 10.35
CA TYR B 679 1.28 12.83 10.26
C TYR B 679 0.74 13.21 11.64
N GLY B 680 1.61 13.15 12.65
CA GLY B 680 1.18 13.43 14.00
C GLY B 680 1.01 14.91 14.24
N THR B 681 0.29 15.27 15.30
CA THR B 681 0.08 16.68 15.61
C THR B 681 0.96 17.19 16.74
N ALA B 682 1.77 16.34 17.36
CA ALA B 682 2.71 16.83 18.36
C ALA B 682 3.86 17.57 17.69
N TYR B 683 4.42 18.56 18.39
CA TYR B 683 5.59 19.29 17.90
C TYR B 683 6.30 19.99 19.06
N ASP B 684 7.63 19.92 19.03
CA ASP B 684 8.46 20.61 20.02
C ASP B 684 8.51 22.11 19.70
N ILE B 685 7.34 22.75 19.84
CA ILE B 685 7.24 24.19 19.58
C ILE B 685 8.23 24.98 20.40
N THR B 686 8.72 24.43 21.50
CA THR B 686 9.59 25.19 22.38
C THR B 686 11.04 25.11 21.98
N GLY B 687 11.44 24.05 21.26
CA GLY B 687 12.83 23.86 20.87
C GLY B 687 13.68 23.22 21.93
N SER B 688 13.07 22.46 22.84
CA SER B 688 13.78 21.81 23.94
C SER B 688 14.45 20.52 23.52
N ASN B 689 13.96 19.90 22.45
CA ASN B 689 14.40 18.64 21.87
C ASN B 689 13.64 17.50 22.52
N GLY B 690 12.64 17.83 23.33
CA GLY B 690 11.74 16.86 23.92
C GLY B 690 12.03 16.53 25.38
N GLY B 691 11.93 15.25 25.74
CA GLY B 691 12.00 14.84 27.12
C GLY B 691 10.77 15.25 27.93
N GLY B 692 9.63 14.65 27.63
CA GLY B 692 8.37 15.11 28.16
C GLY B 692 7.31 15.28 27.08
N VAL B 693 6.08 15.47 27.54
CA VAL B 693 4.95 15.53 26.62
C VAL B 693 5.05 16.82 25.80
N LEU B 694 4.88 16.69 24.43
CA LEU B 694 4.83 17.87 23.58
C LEU B 694 3.39 18.38 23.42
N PRO B 695 3.21 19.67 23.17
CA PRO B 695 1.87 20.16 22.77
C PRO B 695 1.45 19.55 21.43
N SER B 696 0.15 19.31 21.27
CA SER B 696 -0.34 18.64 20.07
C SER B 696 -1.67 19.28 19.67
N GLY B 697 -2.37 18.64 18.74
CA GLY B 697 -3.64 19.17 18.30
C GLY B 697 -4.48 18.19 17.52
N PHE B 698 -4.87 18.54 16.30
CA PHE B 698 -5.83 17.75 15.52
C PHE B 698 -5.51 17.85 14.04
N LYS B 699 -5.86 16.80 13.31
CA LYS B 699 -5.68 16.75 11.87
C LYS B 699 -6.91 16.13 11.23
N ARG B 700 -7.29 16.70 10.09
CA ARG B 700 -8.46 16.27 9.35
C ARG B 700 -8.21 14.90 8.71
N ASN B 701 -9.15 13.98 8.91
CA ASN B 701 -9.06 12.68 8.29
C ASN B 701 -10.00 12.51 7.10
N GLN B 702 -11.01 13.35 7.00
CA GLN B 702 -12.16 13.11 6.15
C GLN B 702 -13.03 14.36 6.17
N ILE B 703 -13.52 14.74 5.00
CA ILE B 703 -14.52 15.79 4.88
C ILE B 703 -15.89 15.12 4.84
N GLY B 704 -16.87 15.70 5.52
CA GLY B 704 -18.19 15.11 5.58
C GLY B 704 -19.03 15.30 4.31
N ASN B 705 -20.23 14.73 4.36
CA ASN B 705 -21.18 14.89 3.26
C ASN B 705 -22.60 14.72 3.80
N ASP B 706 -23.31 15.84 3.93
CA ASP B 706 -24.63 15.84 4.56
C ASP B 706 -25.60 14.91 3.86
N ASN B 707 -25.45 14.77 2.54
CA ASN B 707 -26.46 14.07 1.74
C ASN B 707 -25.96 12.78 1.09
N ILE B 708 -25.25 11.94 1.85
CA ILE B 708 -25.09 10.56 1.41
C ILE B 708 -26.40 9.81 1.61
N LYS B 709 -26.73 8.94 0.67
CA LYS B 709 -27.95 8.16 0.67
C LYS B 709 -27.58 6.71 0.41
N TRP B 710 -28.61 5.87 0.30
CA TRP B 710 -28.41 4.49 -0.08
C TRP B 710 -27.88 4.37 -1.51
N GLU B 711 -26.86 3.54 -1.69
CA GLU B 711 -26.53 3.01 -3.00
C GLU B 711 -27.55 1.93 -3.40
N THR B 712 -27.81 1.83 -4.70
CA THR B 712 -28.84 0.93 -5.21
C THR B 712 -28.26 0.04 -6.31
N THR B 713 -28.51 -1.27 -6.17
CA THR B 713 -28.18 -2.27 -7.18
C THR B 713 -29.48 -2.81 -7.72
N THR B 714 -29.65 -2.76 -9.04
CA THR B 714 -30.87 -3.21 -9.68
C THR B 714 -30.54 -4.41 -10.56
N GLN B 715 -31.29 -5.49 -10.40
CA GLN B 715 -31.01 -6.69 -11.16
C GLN B 715 -32.23 -7.14 -11.96
N THR B 716 -32.02 -7.38 -13.24
CA THR B 716 -32.95 -8.12 -14.08
C THR B 716 -32.36 -9.49 -14.38
N ASN B 717 -33.22 -10.51 -14.35
CA ASN B 717 -32.79 -11.88 -14.46
C ASN B 717 -33.85 -12.67 -15.18
N VAL B 718 -33.42 -13.56 -16.06
CA VAL B 718 -34.30 -14.52 -16.71
C VAL B 718 -33.54 -15.85 -16.77
N GLY B 719 -34.28 -16.95 -16.63
CA GLY B 719 -33.66 -18.26 -16.70
C GLY B 719 -34.70 -19.36 -16.88
N ILE B 720 -34.22 -20.56 -17.24
CA ILE B 720 -35.13 -21.68 -17.45
C ILE B 720 -34.59 -22.95 -16.82
N ASP B 721 -35.40 -23.58 -15.98
CA ASP B 721 -35.12 -24.91 -15.45
C ASP B 721 -35.63 -25.95 -16.43
N PHE B 722 -35.15 -27.19 -16.28
CA PHE B 722 -35.60 -28.25 -17.19
C PHE B 722 -35.26 -29.61 -16.60
N SER B 723 -36.07 -30.61 -16.96
CA SER B 723 -35.84 -32.00 -16.57
C SER B 723 -36.34 -32.91 -17.68
N LEU B 724 -35.45 -33.73 -18.22
CA LEU B 724 -35.74 -34.59 -19.36
C LEU B 724 -35.65 -36.06 -18.97
N PHE B 725 -35.98 -36.92 -19.93
CA PHE B 725 -35.84 -38.37 -19.86
C PHE B 725 -36.05 -38.96 -18.46
N LYS B 726 -37.17 -38.61 -17.83
CA LYS B 726 -37.55 -39.08 -16.50
C LYS B 726 -36.48 -38.75 -15.47
N GLN B 727 -36.38 -37.45 -15.18
CA GLN B 727 -35.59 -36.85 -14.11
C GLN B 727 -34.09 -37.13 -14.22
N SER B 728 -33.64 -37.70 -15.34
CA SER B 728 -32.24 -38.09 -15.48
C SER B 728 -31.35 -37.00 -16.05
N LEU B 729 -31.91 -36.05 -16.81
CA LEU B 729 -31.17 -34.92 -17.35
C LEU B 729 -31.84 -33.64 -16.85
N TYR B 730 -31.15 -32.91 -15.97
CA TYR B 730 -31.69 -31.75 -15.28
C TYR B 730 -30.71 -30.60 -15.40
N GLY B 731 -31.16 -29.40 -15.06
CA GLY B 731 -30.32 -28.22 -15.13
C GLY B 731 -31.14 -26.94 -15.23
N SER B 732 -30.41 -25.83 -15.42
CA SER B 732 -31.02 -24.51 -15.56
C SER B 732 -30.04 -23.53 -16.21
N LEU B 733 -30.57 -22.66 -17.07
CA LEU B 733 -29.83 -21.52 -17.58
C LEU B 733 -30.19 -20.26 -16.79
N GLU B 734 -29.33 -19.25 -16.89
CA GLU B 734 -29.51 -17.98 -16.18
C GLU B 734 -28.89 -16.86 -17.00
N TYR B 735 -29.66 -15.80 -17.24
CA TYR B 735 -29.13 -14.56 -17.81
C TYR B 735 -29.56 -13.40 -16.93
N TYR B 736 -28.61 -12.49 -16.65
CA TYR B 736 -28.89 -11.36 -15.76
C TYR B 736 -28.20 -10.10 -16.28
N TYR B 737 -28.83 -8.96 -15.98
CA TYR B 737 -28.23 -7.63 -16.10
C TYR B 737 -28.32 -6.99 -14.72
N LYS B 738 -27.17 -6.54 -14.20
CA LYS B 738 -27.00 -6.14 -12.81
C LYS B 738 -26.26 -4.82 -12.79
N LYS B 739 -26.90 -3.77 -12.31
CA LYS B 739 -26.37 -2.42 -12.38
C LYS B 739 -26.39 -1.77 -11.00
N ALA B 740 -25.27 -1.17 -10.60
CA ALA B 740 -25.20 -0.44 -9.36
C ALA B 740 -25.15 1.05 -9.67
N THR B 741 -26.06 1.82 -9.07
CA THR B 741 -26.16 3.25 -9.28
C THR B 741 -26.08 3.98 -7.94
N ASP B 742 -25.78 5.29 -8.02
CA ASP B 742 -25.48 6.13 -6.84
C ASP B 742 -24.46 5.43 -5.94
N ILE B 743 -23.42 4.87 -6.55
CA ILE B 743 -22.51 4.02 -5.81
C ILE B 743 -21.80 4.86 -4.77
N LEU B 744 -21.72 4.32 -3.54
CA LEU B 744 -21.06 5.00 -2.44
C LEU B 744 -19.56 4.78 -2.57
N THR B 745 -18.83 5.85 -2.87
CA THR B 745 -17.42 5.80 -3.21
C THR B 745 -16.63 6.62 -2.21
N GLU B 746 -15.64 6.01 -1.56
CA GLU B 746 -14.65 6.83 -0.87
C GLU B 746 -13.86 7.56 -1.94
N MET B 747 -14.14 8.85 -2.08
CA MET B 747 -13.61 9.66 -3.15
C MET B 747 -12.44 10.48 -2.64
N ALA B 748 -11.26 10.26 -3.20
CA ALA B 748 -10.08 11.08 -2.93
C ALA B 748 -10.40 12.56 -3.07
N GLY B 749 -9.59 13.39 -2.46
CA GLY B 749 -9.69 14.81 -2.66
C GLY B 749 -8.80 15.26 -3.79
N VAL B 750 -9.17 16.38 -4.39
CA VAL B 750 -8.28 17.08 -5.31
C VAL B 750 -6.98 17.37 -4.57
N GLY B 751 -5.86 17.30 -5.26
CA GLY B 751 -4.57 17.44 -4.60
C GLY B 751 -4.46 18.66 -3.72
N VAL B 752 -4.79 19.84 -4.26
CA VAL B 752 -4.61 21.09 -3.52
C VAL B 752 -5.51 21.14 -2.30
N LEU B 753 -6.52 20.29 -2.22
CA LEU B 753 -7.36 20.25 -1.01
C LEU B 753 -6.59 19.72 0.21
N GLY B 754 -5.61 18.84 0.03
CA GLY B 754 -4.62 18.59 1.05
C GLY B 754 -5.02 17.48 2.00
N GLU B 755 -4.84 17.72 3.30
CA GLU B 755 -4.86 16.66 4.32
C GLU B 755 -6.28 16.18 4.60
N GLY B 756 -6.50 14.89 4.43
CA GLY B 756 -7.82 14.34 4.68
C GLY B 756 -8.94 14.95 3.86
N GLY B 757 -8.65 15.32 2.61
CA GLY B 757 -9.73 15.84 1.79
C GLY B 757 -10.72 14.84 1.22
N SER B 758 -10.65 13.56 1.58
CA SER B 758 -11.56 12.58 1.00
C SER B 758 -12.94 12.67 1.63
N ARG B 759 -13.94 12.19 0.88
CA ARG B 759 -15.32 12.14 1.35
C ARG B 759 -16.06 11.02 0.61
N TRP B 760 -17.02 10.42 1.31
CA TRP B 760 -17.89 9.44 0.68
C TRP B 760 -18.99 10.16 -0.09
N ILE B 761 -19.10 9.89 -1.39
CA ILE B 761 -20.08 10.51 -2.27
C ILE B 761 -20.88 9.39 -2.89
N ASN B 762 -22.18 9.60 -3.10
CA ASN B 762 -22.88 8.77 -4.08
C ASN B 762 -22.50 9.30 -5.47
N SER B 763 -21.60 8.60 -6.15
CA SER B 763 -21.09 9.08 -7.43
C SER B 763 -20.37 7.89 -8.09
N GLY B 764 -21.05 7.22 -9.00
CA GLY B 764 -20.49 6.09 -9.70
C GLY B 764 -21.53 5.04 -10.03
N ALA B 765 -21.26 4.28 -11.09
CA ALA B 765 -22.16 3.24 -11.58
C ALA B 765 -21.36 2.12 -12.24
N MET B 766 -21.88 0.90 -12.18
CA MET B 766 -21.17 -0.27 -12.68
C MET B 766 -22.13 -1.41 -13.02
N LYS B 767 -21.93 -2.03 -14.19
CA LYS B 767 -22.75 -3.14 -14.66
C LYS B 767 -22.02 -4.46 -14.51
N ASN B 768 -22.81 -5.53 -14.44
CA ASN B 768 -22.35 -6.89 -14.59
C ASN B 768 -23.46 -7.64 -15.31
N GLN B 769 -23.18 -8.20 -16.49
CA GLN B 769 -24.15 -9.09 -17.14
C GLN B 769 -23.46 -10.39 -17.52
N GLY B 770 -24.23 -11.48 -17.52
CA GLY B 770 -23.64 -12.77 -17.84
C GLY B 770 -24.65 -13.90 -17.88
N PHE B 771 -24.14 -15.08 -18.25
CA PHE B 771 -24.90 -16.31 -18.34
C PHE B 771 -24.37 -17.33 -17.34
N GLU B 772 -25.27 -18.18 -16.84
CA GLU B 772 -24.93 -19.22 -15.87
C GLU B 772 -25.70 -20.47 -16.22
N PHE B 773 -25.01 -21.61 -16.28
CA PHE B 773 -25.56 -22.85 -16.83
C PHE B 773 -25.18 -24.02 -15.94
N ASN B 774 -26.19 -24.71 -15.37
CA ASN B 774 -26.03 -25.99 -14.67
C ASN B 774 -26.57 -27.11 -15.54
N LEU B 775 -25.88 -28.26 -15.58
CA LEU B 775 -26.36 -29.41 -16.35
C LEU B 775 -25.85 -30.69 -15.69
N GLY B 776 -26.77 -31.51 -15.18
CA GLY B 776 -26.39 -32.76 -14.55
C GLY B 776 -27.03 -34.01 -15.14
N TYR B 777 -26.22 -35.00 -15.53
CA TYR B 777 -26.74 -36.27 -16.01
C TYR B 777 -26.46 -37.36 -14.99
N ARG B 778 -27.48 -38.16 -14.71
CA ARG B 778 -27.39 -39.24 -13.72
C ARG B 778 -28.14 -40.45 -14.26
N ASN B 779 -27.65 -41.63 -13.94
CA ASN B 779 -28.28 -42.90 -14.29
C ASN B 779 -27.35 -44.00 -13.83
N LYS B 780 -27.89 -45.21 -13.64
CA LYS B 780 -27.06 -46.34 -13.26
C LYS B 780 -26.78 -47.20 -14.51
N THR B 781 -26.31 -48.42 -14.30
CA THR B 781 -25.95 -49.27 -15.41
C THR B 781 -26.20 -50.71 -15.02
N ALA B 782 -26.39 -51.56 -16.02
CA ALA B 782 -26.81 -52.94 -15.78
C ALA B 782 -25.65 -53.86 -15.43
N PHE B 783 -24.48 -53.33 -15.06
CA PHE B 783 -23.43 -54.15 -14.47
C PHE B 783 -22.97 -53.61 -13.12
N GLY B 784 -23.80 -52.77 -12.49
CA GLY B 784 -23.58 -52.37 -11.11
C GLY B 784 -22.90 -51.04 -10.87
N LEU B 785 -22.90 -50.15 -11.85
CA LEU B 785 -22.18 -48.88 -11.77
C LEU B 785 -23.16 -47.72 -11.88
N THR B 786 -23.37 -47.01 -10.77
CA THR B 786 -24.05 -45.73 -10.81
C THR B 786 -23.05 -44.62 -11.16
N TYR B 787 -23.45 -43.73 -12.06
CA TYR B 787 -22.62 -42.60 -12.43
C TYR B 787 -23.48 -41.34 -12.47
N ASP B 788 -23.02 -40.30 -11.79
CA ASP B 788 -23.77 -39.05 -11.60
C ASP B 788 -22.83 -37.89 -11.91
N LEU B 789 -23.02 -37.28 -13.08
CA LEU B 789 -22.29 -36.07 -13.42
C LEU B 789 -23.20 -34.87 -13.21
N ASN B 790 -22.64 -33.79 -12.65
CA ASN B 790 -23.30 -32.49 -12.76
C ASN B 790 -22.21 -31.44 -12.81
N GLY B 791 -22.14 -30.74 -13.94
CA GLY B 791 -21.18 -29.69 -14.16
C GLY B 791 -21.88 -28.35 -14.24
N ASN B 792 -21.07 -27.32 -14.45
CA ASN B 792 -21.61 -25.97 -14.58
C ASN B 792 -20.61 -25.10 -15.31
N ILE B 793 -21.11 -23.98 -15.84
CA ILE B 793 -20.28 -23.05 -16.58
C ILE B 793 -20.96 -21.69 -16.51
N SER B 794 -20.17 -20.62 -16.61
CA SER B 794 -20.71 -19.27 -16.57
C SER B 794 -19.71 -18.31 -17.19
N THR B 795 -20.21 -17.12 -17.55
CA THR B 795 -19.37 -16.03 -18.03
C THR B 795 -20.06 -14.71 -17.72
N TYR B 796 -19.26 -13.64 -17.66
CA TYR B 796 -19.82 -12.33 -17.35
C TYR B 796 -18.91 -11.27 -17.94
N ARG B 797 -19.49 -10.08 -18.12
CA ARG B 797 -18.75 -8.86 -18.40
C ARG B 797 -19.03 -7.86 -17.31
N ASN B 798 -18.04 -7.04 -16.99
CA ASN B 798 -18.16 -5.98 -16.00
C ASN B 798 -17.68 -4.67 -16.62
N GLU B 799 -18.44 -3.60 -16.41
CA GLU B 799 -18.10 -2.29 -16.95
C GLU B 799 -18.35 -1.19 -15.92
N ILE B 800 -17.33 -0.38 -15.68
CA ILE B 800 -17.51 0.84 -14.90
C ILE B 800 -18.10 1.91 -15.82
N LEU B 801 -19.24 2.47 -15.40
CA LEU B 801 -20.03 3.36 -16.24
C LEU B 801 -19.72 4.83 -16.00
N GLU B 802 -19.88 5.30 -14.76
CA GLU B 802 -19.42 6.62 -14.39
C GLU B 802 -18.61 6.49 -13.10
N LEU B 803 -17.89 7.55 -12.80
CA LEU B 803 -16.91 7.52 -11.73
C LEU B 803 -16.49 8.95 -11.43
N PRO B 804 -16.39 9.37 -10.16
CA PRO B 804 -15.92 10.72 -9.87
C PRO B 804 -14.65 11.05 -10.65
N GLU B 805 -14.50 12.33 -10.98
CA GLU B 805 -13.35 12.79 -11.75
C GLU B 805 -12.03 12.38 -11.08
N THR B 806 -11.98 12.49 -9.76
CA THR B 806 -10.72 12.32 -9.07
C THR B 806 -10.39 10.85 -8.82
N VAL B 807 -11.40 9.97 -8.78
CA VAL B 807 -11.15 8.53 -8.77
C VAL B 807 -10.73 8.03 -10.15
N ALA B 808 -11.12 8.73 -11.23
CA ALA B 808 -10.78 8.28 -12.57
C ALA B 808 -9.30 8.52 -12.84
N ALA B 809 -8.82 9.73 -12.55
CA ALA B 809 -7.40 10.02 -12.59
C ALA B 809 -6.64 9.28 -11.50
N ASN B 810 -7.35 8.83 -10.45
CA ASN B 810 -6.73 8.15 -9.32
C ASN B 810 -6.01 6.87 -9.73
N GLY B 811 -6.67 6.08 -10.58
CA GLY B 811 -6.26 4.73 -10.82
C GLY B 811 -6.83 3.73 -9.84
N LYS B 812 -7.59 4.19 -8.85
CA LYS B 812 -7.97 3.31 -7.74
C LYS B 812 -8.65 2.05 -8.22
N PHE B 813 -9.48 2.16 -9.26
CA PHE B 813 -10.17 1.00 -9.80
C PHE B 813 -9.70 0.65 -11.20
N GLY B 814 -8.62 1.24 -11.67
CA GLY B 814 -8.24 0.98 -13.05
C GLY B 814 -6.97 1.63 -13.54
N GLY B 815 -7.06 2.21 -14.72
CA GLY B 815 -5.91 2.44 -15.59
C GLY B 815 -4.74 3.25 -15.07
N ASN B 816 -4.22 2.84 -13.91
CA ASN B 816 -2.86 3.13 -13.43
C ASN B 816 -2.62 4.62 -13.21
N GLY B 817 -3.69 5.38 -13.07
CA GLY B 817 -3.57 6.81 -13.02
C GLY B 817 -2.97 7.42 -14.26
N VAL B 818 -3.15 6.79 -15.42
CA VAL B 818 -2.81 7.41 -16.68
C VAL B 818 -4.03 7.57 -17.59
N LYS B 819 -4.92 6.56 -17.62
CA LYS B 819 -6.19 6.65 -18.32
C LYS B 819 -7.33 6.28 -17.36
N SER B 820 -8.53 6.77 -17.69
CA SER B 820 -9.68 6.58 -16.83
C SER B 820 -10.35 5.24 -17.12
N VAL B 821 -10.70 4.51 -16.07
CA VAL B 821 -11.24 3.16 -16.23
C VAL B 821 -12.71 3.21 -16.65
N VAL B 822 -13.29 4.40 -16.74
CA VAL B 822 -14.67 4.52 -17.21
C VAL B 822 -14.81 3.86 -18.57
N GLY B 823 -15.69 2.87 -18.64
CA GLY B 823 -15.91 2.12 -19.85
C GLY B 823 -15.10 0.86 -19.98
N HIS B 824 -14.28 0.52 -18.99
CA HIS B 824 -13.54 -0.73 -19.00
C HIS B 824 -13.92 -1.56 -17.78
N THR B 825 -13.28 -2.73 -17.67
CA THR B 825 -13.55 -3.63 -16.55
C THR B 825 -12.89 -3.15 -15.27
N TYR B 826 -13.59 -3.33 -14.14
CA TYR B 826 -13.02 -3.12 -12.81
C TYR B 826 -11.66 -3.80 -12.68
N GLY B 827 -10.64 -2.99 -12.41
CA GLY B 827 -9.27 -3.46 -12.28
C GLY B 827 -8.50 -3.62 -13.58
N ALA B 828 -9.10 -3.26 -14.72
CA ALA B 828 -8.34 -3.22 -15.96
C ALA B 828 -7.16 -2.26 -15.82
N GLN B 829 -6.09 -2.55 -16.54
CA GLN B 829 -4.86 -1.79 -16.41
C GLN B 829 -4.31 -1.42 -17.78
N VAL B 830 -3.51 -0.36 -17.78
CA VAL B 830 -3.01 0.32 -18.97
C VAL B 830 -1.49 0.23 -18.95
N GLY B 831 -0.88 0.03 -20.12
CA GLY B 831 0.57 -0.07 -20.12
C GLY B 831 1.18 0.08 -21.49
N TYR B 832 2.51 0.06 -21.50
CA TYR B 832 3.30 0.03 -22.73
C TYR B 832 3.17 -1.32 -23.41
N ILE B 833 3.25 -1.31 -24.75
CA ILE B 833 3.23 -2.53 -25.53
C ILE B 833 4.66 -2.94 -25.84
N ALA B 834 5.08 -4.10 -25.33
CA ALA B 834 6.39 -4.65 -25.61
C ALA B 834 6.34 -5.39 -26.93
N ASP B 835 7.20 -5.00 -27.85
CA ASP B 835 7.28 -5.60 -29.18
C ASP B 835 8.61 -6.34 -29.31
N GLY B 836 8.74 -7.45 -28.59
CA GLY B 836 9.96 -8.23 -28.68
C GLY B 836 11.19 -7.47 -28.19
N ILE B 837 12.31 -7.68 -28.87
CA ILE B 837 13.62 -7.25 -28.41
C ILE B 837 14.39 -6.68 -29.60
N PHE B 838 15.10 -5.57 -29.38
CA PHE B 838 16.09 -5.11 -30.35
C PHE B 838 17.18 -6.15 -30.48
N LYS B 839 17.32 -6.76 -31.66
CA LYS B 839 18.24 -7.86 -31.86
C LYS B 839 19.47 -7.49 -32.68
N SER B 840 19.64 -6.20 -32.96
CA SER B 840 20.64 -5.70 -33.90
C SER B 840 20.59 -4.18 -33.90
N GLN B 841 21.76 -3.51 -33.88
CA GLN B 841 21.79 -2.06 -33.82
C GLN B 841 20.87 -1.43 -34.88
N ASP B 842 20.80 -2.05 -36.05
CA ASP B 842 19.79 -1.75 -37.07
C ASP B 842 18.44 -1.40 -36.44
N GLU B 843 17.93 -2.29 -35.59
CA GLU B 843 16.57 -2.23 -35.11
C GLU B 843 16.35 -1.11 -34.09
N VAL B 844 17.41 -0.62 -33.44
CA VAL B 844 17.29 0.52 -32.55
C VAL B 844 17.19 1.81 -33.34
N ASP B 845 18.14 2.03 -34.25
CA ASP B 845 18.18 3.27 -35.02
C ASP B 845 16.96 3.44 -35.93
N ASN B 846 16.25 2.37 -36.25
CA ASN B 846 15.06 2.44 -37.08
C ASN B 846 13.78 2.49 -36.28
N HIS B 847 13.87 2.35 -34.96
CA HIS B 847 12.74 2.48 -34.07
C HIS B 847 12.57 3.94 -33.68
N ALA B 848 11.39 4.24 -33.14
CA ALA B 848 11.20 5.53 -32.50
C ALA B 848 12.29 5.79 -31.46
N THR B 849 12.55 7.07 -31.20
CA THR B 849 13.47 7.44 -30.14
C THR B 849 12.97 6.89 -28.81
N GLN B 850 13.78 6.03 -28.19
CA GLN B 850 13.40 5.34 -26.96
C GLN B 850 14.58 5.39 -25.97
N GLU B 851 14.41 6.21 -24.92
CA GLU B 851 15.48 6.43 -23.94
C GLU B 851 15.92 5.11 -23.33
N GLY B 852 17.22 4.84 -23.40
CA GLY B 852 17.79 3.61 -22.86
C GLY B 852 17.73 2.42 -23.78
N ALA B 853 17.36 2.61 -25.04
CA ALA B 853 17.19 1.48 -25.96
C ALA B 853 18.53 1.09 -26.57
N ALA B 854 18.77 -0.21 -26.62
CA ALA B 854 20.00 -0.72 -27.19
C ALA B 854 19.78 -2.18 -27.55
N VAL B 855 20.81 -2.78 -28.17
CA VAL B 855 20.73 -4.19 -28.51
C VAL B 855 20.58 -5.01 -27.24
N GLY B 856 19.58 -5.89 -27.24
CA GLY B 856 19.27 -6.74 -26.12
C GLY B 856 18.13 -6.24 -25.26
N ARG B 857 17.69 -4.99 -25.46
CA ARG B 857 16.67 -4.35 -24.64
C ARG B 857 15.29 -4.48 -25.29
N ILE B 858 14.26 -4.26 -24.46
CA ILE B 858 12.88 -4.41 -24.93
C ILE B 858 12.51 -3.25 -25.84
N ARG B 859 11.90 -3.58 -26.98
CA ARG B 859 11.38 -2.58 -27.91
C ARG B 859 9.94 -2.26 -27.52
N TYR B 860 9.68 -1.01 -27.12
CA TYR B 860 8.32 -0.62 -26.76
C TYR B 860 7.64 0.09 -27.93
N ARG B 861 6.38 -0.26 -28.16
CA ARG B 861 5.66 0.18 -29.36
C ARG B 861 5.36 1.67 -29.34
N ASP B 862 5.43 2.28 -30.53
CA ASP B 862 5.16 3.71 -30.72
C ASP B 862 3.71 3.86 -31.12
N ILE B 863 2.83 3.96 -30.11
CA ILE B 863 1.40 3.79 -30.36
C ILE B 863 0.83 5.00 -31.09
N ASP B 864 1.28 6.20 -30.74
CA ASP B 864 0.81 7.44 -31.35
C ASP B 864 1.56 7.78 -32.64
N HIS B 865 2.62 7.04 -32.95
CA HIS B 865 3.39 7.18 -34.19
C HIS B 865 4.13 8.51 -34.27
N ASN B 866 4.49 9.09 -33.14
CA ASN B 866 5.10 10.41 -33.12
C ASN B 866 6.62 10.37 -33.22
N GLY B 867 7.20 9.18 -33.41
CA GLY B 867 8.64 9.04 -33.53
C GLY B 867 9.41 9.11 -32.22
N VAL B 868 8.72 9.20 -31.08
CA VAL B 868 9.34 9.15 -29.76
C VAL B 868 8.58 8.12 -28.93
N ILE B 869 9.32 7.31 -28.18
CA ILE B 869 8.72 6.42 -27.19
C ILE B 869 8.72 7.12 -25.85
N ASP B 870 7.54 7.54 -25.42
CA ASP B 870 7.39 8.33 -24.22
C ASP B 870 6.07 7.94 -23.55
N GLU B 871 5.74 8.65 -22.48
CA GLU B 871 4.68 8.22 -21.57
C GLU B 871 3.32 8.16 -22.23
N ARG B 872 3.17 8.70 -23.45
CA ARG B 872 1.89 8.68 -24.16
C ARG B 872 1.60 7.35 -24.85
N ASP B 873 2.59 6.48 -24.96
CA ASP B 873 2.48 5.27 -25.75
C ASP B 873 2.03 4.08 -24.90
N GLN B 874 0.91 4.26 -24.18
CA GLN B 874 0.35 3.18 -23.38
C GLN B 874 -1.11 2.98 -23.75
N ASN B 875 -1.60 1.77 -23.47
CA ASN B 875 -2.91 1.35 -23.95
C ASN B 875 -3.45 0.27 -23.02
N TRP B 876 -4.74 -0.01 -23.17
CA TRP B 876 -5.40 -1.03 -22.37
C TRP B 876 -4.81 -2.41 -22.64
N ILE B 877 -4.03 -2.94 -21.70
CA ILE B 877 -3.30 -4.18 -21.90
C ILE B 877 -3.70 -5.29 -20.94
N TYR B 878 -4.58 -5.03 -19.97
CA TYR B 878 -4.91 -6.04 -18.96
C TYR B 878 -6.39 -6.01 -18.58
N ASP B 879 -7.03 -7.20 -18.59
CA ASP B 879 -8.42 -7.38 -18.16
C ASP B 879 -8.54 -8.62 -17.27
N PRO B 880 -8.97 -8.47 -16.01
CA PRO B 880 -9.05 -9.64 -15.12
C PRO B 880 -10.20 -10.59 -15.40
N THR B 881 -11.02 -10.37 -16.44
CA THR B 881 -12.24 -11.16 -16.59
C THR B 881 -12.02 -12.35 -17.51
N PRO B 882 -12.31 -13.57 -17.07
CA PRO B 882 -12.22 -14.73 -17.96
C PRO B 882 -13.29 -14.73 -19.05
N SER B 883 -12.97 -15.45 -20.13
CA SER B 883 -14.00 -15.78 -21.11
C SER B 883 -15.10 -16.60 -20.46
N PHE B 884 -14.73 -17.58 -19.66
CA PHE B 884 -15.69 -18.40 -18.96
C PHE B 884 -14.95 -19.24 -17.92
N SER B 885 -15.67 -19.63 -16.86
CA SER B 885 -15.20 -20.57 -15.87
C SER B 885 -16.19 -21.72 -15.78
N TYR B 886 -15.76 -22.82 -15.17
CA TYR B 886 -16.60 -24.01 -15.21
C TYR B 886 -16.13 -25.01 -14.17
N GLY B 887 -17.06 -25.88 -13.75
CA GLY B 887 -16.77 -26.93 -12.79
C GLY B 887 -17.52 -28.18 -13.17
N LEU B 888 -17.10 -29.31 -12.60
CA LEU B 888 -17.61 -30.61 -13.05
C LEU B 888 -17.36 -31.64 -11.96
N ASN B 889 -18.42 -32.31 -11.52
CA ASN B 889 -18.32 -33.29 -10.46
C ASN B 889 -18.72 -34.66 -11.01
N ILE B 890 -17.74 -35.56 -11.12
CA ILE B 890 -17.97 -36.93 -11.55
C ILE B 890 -18.09 -37.81 -10.31
N TYR B 891 -19.13 -38.64 -10.27
CA TYR B 891 -19.40 -39.52 -9.15
C TYR B 891 -19.73 -40.91 -9.67
N LEU B 892 -19.13 -41.93 -9.05
CA LEU B 892 -19.36 -43.32 -9.43
C LEU B 892 -19.55 -44.19 -8.19
N GLU B 893 -20.54 -45.08 -8.25
CA GLU B 893 -20.69 -46.15 -7.28
C GLU B 893 -20.68 -47.48 -8.00
N TYR B 894 -19.89 -48.41 -7.47
CA TYR B 894 -19.70 -49.72 -8.09
C TYR B 894 -19.15 -50.62 -7.00
N LYS B 895 -19.97 -51.56 -6.50
CA LYS B 895 -19.49 -52.64 -5.62
C LYS B 895 -19.06 -52.03 -4.26
N ASN B 896 -19.95 -51.23 -3.66
CA ASN B 896 -19.67 -50.55 -2.38
C ASN B 896 -18.51 -49.55 -2.44
N PHE B 897 -17.87 -49.43 -3.60
CA PHE B 897 -16.86 -48.42 -3.80
C PHE B 897 -17.53 -47.20 -4.39
N ASP B 898 -16.87 -46.07 -4.18
CA ASP B 898 -17.33 -44.80 -4.74
C ASP B 898 -16.14 -43.96 -5.13
N LEU B 899 -16.30 -43.19 -6.21
CA LEU B 899 -15.23 -42.34 -6.71
C LEU B 899 -15.80 -40.97 -7.06
N THR B 900 -15.18 -39.92 -6.54
CA THR B 900 -15.55 -38.57 -6.89
C THR B 900 -14.34 -37.87 -7.47
N MET B 901 -14.56 -37.10 -8.52
CA MET B 901 -13.62 -36.07 -8.92
C MET B 901 -14.37 -34.75 -8.99
N PHE B 902 -13.67 -33.67 -8.66
CA PHE B 902 -14.16 -32.34 -8.98
C PHE B 902 -13.08 -31.59 -9.74
N TRP B 903 -13.43 -31.17 -10.96
CA TRP B 903 -12.56 -30.35 -11.78
C TRP B 903 -13.09 -28.92 -11.82
N GLN B 904 -12.17 -27.97 -11.80
CA GLN B 904 -12.50 -26.55 -11.91
C GLN B 904 -11.53 -25.92 -12.91
N GLY B 905 -12.08 -25.11 -13.80
CA GLY B 905 -11.26 -24.41 -14.76
C GLY B 905 -11.66 -22.95 -14.82
N VAL B 906 -10.68 -22.12 -15.10
CA VAL B 906 -10.92 -20.75 -15.54
C VAL B 906 -10.19 -20.57 -16.85
N GLN B 907 -10.90 -20.08 -17.87
CA GLN B 907 -10.37 -19.99 -19.22
C GLN B 907 -10.37 -18.54 -19.70
N GLY B 908 -9.23 -18.09 -20.21
CA GLY B 908 -9.11 -16.80 -20.83
C GLY B 908 -8.73 -15.63 -19.95
N VAL B 909 -8.11 -15.88 -18.79
CA VAL B 909 -7.81 -14.81 -17.82
C VAL B 909 -6.41 -14.27 -18.03
N ASP B 910 -6.29 -12.95 -18.02
CA ASP B 910 -5.01 -12.29 -17.88
C ASP B 910 -4.59 -12.34 -16.42
N ILE B 911 -3.30 -12.57 -16.17
CA ILE B 911 -2.72 -12.27 -14.88
C ILE B 911 -1.58 -11.30 -15.15
N ILE B 912 -1.22 -10.54 -14.12
CA ILE B 912 -0.01 -9.74 -14.11
C ILE B 912 1.00 -10.43 -13.22
N SER B 913 2.17 -10.78 -13.77
CA SER B 913 3.21 -11.44 -13.00
C SER B 913 4.21 -10.41 -12.52
N ASP B 914 4.42 -10.35 -11.22
CA ASP B 914 5.52 -9.59 -10.66
C ASP B 914 6.71 -10.48 -10.33
N VAL B 915 6.53 -11.80 -10.42
CA VAL B 915 7.68 -12.69 -10.38
C VAL B 915 8.52 -12.50 -11.63
N LYS B 916 7.86 -12.36 -12.80
CA LYS B 916 8.59 -12.21 -14.04
C LYS B 916 9.60 -11.09 -13.96
N LYS B 917 9.30 -10.05 -13.16
CA LYS B 917 10.27 -9.00 -12.93
C LYS B 917 11.53 -9.55 -12.29
N LYS B 918 11.38 -10.58 -11.45
CA LYS B 918 12.50 -11.20 -10.75
C LYS B 918 13.12 -12.36 -11.51
N SER B 919 12.37 -12.96 -12.44
CA SER B 919 12.89 -14.13 -13.16
C SER B 919 13.62 -13.76 -14.44
N ASP B 920 13.23 -12.65 -15.09
CA ASP B 920 13.70 -12.35 -16.45
C ASP B 920 14.66 -11.18 -16.55
N PHE B 921 15.09 -10.59 -15.43
CA PHE B 921 15.96 -9.42 -15.47
C PHE B 921 16.95 -9.49 -14.31
N TRP B 922 18.12 -8.91 -14.53
CA TRP B 922 19.07 -8.79 -13.44
C TRP B 922 18.85 -7.51 -12.65
N SER B 923 18.07 -6.56 -13.20
CA SER B 923 17.98 -5.24 -12.60
C SER B 923 16.60 -4.61 -12.74
N ALA B 924 15.55 -5.41 -12.93
CA ALA B 924 14.17 -4.94 -12.80
C ALA B 924 13.70 -4.98 -11.34
N SER B 925 14.47 -4.34 -10.46
CA SER B 925 14.21 -4.36 -9.03
C SER B 925 14.88 -3.13 -8.45
N ASN B 926 14.42 -2.72 -7.28
CA ASN B 926 14.92 -1.45 -6.76
C ASN B 926 16.37 -1.56 -6.32
N VAL B 927 16.82 -2.77 -5.99
CA VAL B 927 18.04 -2.99 -5.24
C VAL B 927 18.92 -3.99 -6.01
N GLY B 928 20.19 -3.64 -6.16
CA GLY B 928 21.11 -4.54 -6.83
C GLY B 928 21.45 -5.74 -5.98
N PHE B 929 21.59 -6.90 -6.65
CA PHE B 929 22.28 -8.11 -6.20
C PHE B 929 21.36 -9.10 -5.51
N LEU B 930 20.06 -8.90 -5.67
CA LEU B 930 19.05 -9.84 -5.20
C LEU B 930 19.12 -11.17 -5.93
N ASN B 931 18.56 -12.21 -5.30
CA ASN B 931 18.45 -13.49 -5.97
C ASN B 931 17.45 -13.34 -7.10
N LYS B 932 17.62 -14.17 -8.10
CA LYS B 932 16.85 -14.01 -9.33
C LYS B 932 16.25 -15.34 -9.74
N GLY B 933 15.22 -15.26 -10.58
CA GLY B 933 14.60 -16.46 -11.08
C GLY B 933 15.58 -17.26 -11.90
N THR B 934 15.18 -18.46 -12.27
CA THR B 934 16.09 -19.34 -12.98
C THR B 934 15.98 -19.19 -14.49
N ARG B 935 14.96 -18.48 -14.97
CA ARG B 935 14.76 -18.29 -16.40
C ARG B 935 15.81 -17.37 -17.03
N LEU B 936 16.38 -16.44 -16.27
CA LEU B 936 17.31 -15.50 -16.91
C LEU B 936 18.63 -16.15 -17.27
N LEU B 937 18.87 -17.40 -16.84
CA LEU B 937 19.99 -18.16 -17.36
C LEU B 937 19.89 -18.38 -18.87
N ASN B 938 18.74 -18.07 -19.45
CA ASN B 938 18.49 -18.25 -20.87
C ASN B 938 18.44 -16.91 -21.60
N ALA B 939 18.92 -15.83 -20.97
CA ALA B 939 18.77 -14.50 -21.51
C ALA B 939 19.48 -14.37 -22.85
N TRP B 940 18.85 -13.61 -23.76
CA TRP B 940 19.44 -13.29 -25.06
C TRP B 940 20.85 -12.73 -24.88
N SER B 941 21.71 -13.11 -25.82
CA SER B 941 23.03 -12.50 -26.00
C SER B 941 23.46 -12.81 -27.43
N PRO B 942 24.55 -12.20 -27.91
CA PRO B 942 25.17 -12.71 -29.14
C PRO B 942 25.36 -14.22 -29.10
N THR B 943 25.98 -14.76 -28.03
CA THR B 943 26.12 -16.18 -27.72
C THR B 943 24.84 -16.97 -27.97
N ASN B 944 23.71 -16.44 -27.52
CA ASN B 944 22.44 -17.17 -27.44
C ASN B 944 21.36 -16.25 -28.01
N PRO B 945 21.20 -16.26 -29.34
CA PRO B 945 20.31 -15.28 -29.98
C PRO B 945 18.88 -15.75 -30.15
N ASN B 946 18.55 -16.97 -29.70
CA ASN B 946 17.20 -17.52 -29.83
C ASN B 946 16.48 -17.42 -28.48
N SER B 947 16.05 -16.20 -28.16
CA SER B 947 15.52 -15.95 -26.82
C SER B 947 14.54 -14.78 -26.85
N ASP B 948 13.47 -14.89 -26.05
CA ASP B 948 12.62 -13.74 -25.74
C ASP B 948 13.13 -12.94 -24.55
N ILE B 949 14.02 -13.51 -23.73
CA ILE B 949 14.40 -12.88 -22.46
C ILE B 949 15.39 -11.76 -22.73
N PRO B 950 15.10 -10.52 -22.34
CA PRO B 950 16.07 -9.44 -22.52
C PRO B 950 17.45 -9.82 -22.02
N ALA B 951 18.46 -9.27 -22.69
CA ALA B 951 19.85 -9.48 -22.31
C ALA B 951 20.09 -8.94 -20.90
N LEU B 952 20.93 -9.63 -20.15
CA LEU B 952 21.22 -9.24 -18.77
C LEU B 952 21.93 -7.90 -18.74
N THR B 953 21.38 -6.93 -18.01
CA THR B 953 22.12 -5.71 -17.72
C THR B 953 22.17 -5.48 -16.21
N ARG B 954 22.99 -4.52 -15.81
CA ARG B 954 23.10 -4.13 -14.41
C ARG B 954 22.32 -2.86 -14.07
N SER B 955 21.84 -2.11 -15.07
CA SER B 955 21.03 -0.90 -14.86
C SER B 955 19.82 -0.91 -15.78
N ASP B 956 18.65 -0.63 -15.20
CA ASP B 956 17.38 -0.53 -15.91
C ASP B 956 17.28 0.78 -16.71
N THR B 957 18.37 1.13 -17.38
CA THR B 957 18.44 2.11 -18.48
C THR B 957 17.17 2.21 -19.32
N ASN B 958 16.64 1.06 -19.75
CA ASN B 958 15.46 1.01 -20.59
C ASN B 958 14.16 1.05 -19.78
N ASN B 959 14.23 1.14 -18.44
CA ASN B 959 13.06 1.12 -17.54
C ASN B 959 12.09 -0.01 -17.92
N GLU B 960 12.62 -1.23 -18.04
CA GLU B 960 11.76 -2.36 -18.38
C GLU B 960 10.91 -2.80 -17.19
N GLN B 961 11.04 -2.11 -16.06
CA GLN B 961 10.09 -2.16 -14.94
C GLN B 961 8.74 -1.51 -15.27
N ARG B 962 8.68 -0.62 -16.26
CA ARG B 962 7.40 0.00 -16.61
C ARG B 962 6.32 -1.05 -16.86
N VAL B 963 5.09 -0.74 -16.47
CA VAL B 963 4.00 -1.67 -16.76
C VAL B 963 3.96 -1.89 -18.26
N SER B 964 3.82 -3.14 -18.66
CA SER B 964 3.86 -3.45 -20.08
C SER B 964 3.28 -4.83 -20.27
N THR B 965 2.95 -5.14 -21.53
CA THR B 965 2.48 -6.47 -21.89
C THR B 965 3.47 -7.55 -21.47
N TYR B 966 4.73 -7.20 -21.19
CA TYR B 966 5.72 -8.21 -20.86
C TYR B 966 5.31 -9.01 -19.64
N PHE B 967 4.47 -8.42 -18.78
CA PHE B 967 4.11 -9.04 -17.52
C PHE B 967 2.72 -9.66 -17.55
N VAL B 968 1.94 -9.37 -18.57
CA VAL B 968 0.63 -10.00 -18.71
C VAL B 968 0.80 -11.37 -19.33
N GLU B 969 0.23 -12.38 -18.69
CA GLU B 969 0.32 -13.76 -19.17
C GLU B 969 -1.05 -14.41 -19.12
N ASN B 970 -1.15 -15.56 -19.79
CA ASN B 970 -2.39 -16.35 -19.84
C ASN B 970 -2.45 -17.22 -18.59
N GLY B 971 -3.37 -16.91 -17.69
CA GLY B 971 -3.45 -17.57 -16.41
C GLY B 971 -4.59 -18.55 -16.36
N SER B 972 -4.91 -19.13 -17.52
CA SER B 972 -5.96 -20.12 -17.58
C SER B 972 -5.48 -21.45 -17.02
N PHE B 973 -6.42 -22.19 -16.44
CA PHE B 973 -6.03 -23.39 -15.72
C PHE B 973 -7.20 -24.33 -15.60
N LEU B 974 -6.88 -25.60 -15.48
CA LEU B 974 -7.82 -26.62 -15.08
C LEU B 974 -7.16 -27.38 -13.95
N LYS B 975 -7.88 -27.60 -12.86
CA LYS B 975 -7.31 -28.16 -11.65
C LYS B 975 -8.17 -29.32 -11.15
N LEU B 976 -7.53 -30.43 -10.83
CA LEU B 976 -8.23 -31.50 -10.11
C LEU B 976 -8.33 -31.04 -8.68
N ARG B 977 -9.38 -30.29 -8.37
CA ARG B 977 -9.58 -29.78 -7.02
C ARG B 977 -9.60 -30.90 -5.99
N ASN B 978 -10.20 -32.03 -6.34
CA ASN B 978 -10.43 -33.10 -5.38
C ASN B 978 -10.63 -34.41 -6.11
N ILE B 979 -10.10 -35.49 -5.55
CA ILE B 979 -10.47 -36.84 -5.95
C ILE B 979 -10.54 -37.67 -4.68
N GLN B 980 -11.65 -38.40 -4.53
CA GLN B 980 -11.92 -39.19 -3.33
C GLN B 980 -12.36 -40.58 -3.75
N LEU B 981 -11.83 -41.59 -3.06
CA LEU B 981 -12.18 -42.99 -3.30
C LEU B 981 -12.54 -43.63 -1.97
N GLY B 982 -13.75 -44.19 -1.89
CA GLY B 982 -14.23 -44.74 -0.65
C GLY B 982 -14.70 -46.18 -0.80
N TYR B 983 -14.54 -46.93 0.29
CA TYR B 983 -15.16 -48.24 0.47
C TYR B 983 -16.09 -48.15 1.67
N THR B 984 -17.35 -48.55 1.49
CA THR B 984 -18.28 -48.64 2.60
C THR B 984 -18.61 -50.11 2.82
N VAL B 985 -18.09 -50.67 3.92
CA VAL B 985 -18.36 -52.03 4.38
C VAL B 985 -19.85 -52.36 4.28
N PRO B 986 -20.23 -53.48 3.66
CA PRO B 986 -21.65 -53.73 3.40
C PRO B 986 -22.44 -53.88 4.69
N ALA B 987 -23.73 -53.57 4.59
CA ALA B 987 -24.62 -53.50 5.75
C ALA B 987 -24.50 -54.74 6.63
N VAL B 988 -24.72 -55.92 6.03
CA VAL B 988 -24.82 -57.17 6.79
C VAL B 988 -23.60 -57.37 7.69
N ILE B 989 -22.41 -56.98 7.22
CA ILE B 989 -21.22 -57.07 8.05
C ILE B 989 -21.26 -56.02 9.16
N SER B 990 -21.59 -54.78 8.79
CA SER B 990 -21.44 -53.67 9.73
C SER B 990 -22.59 -53.63 10.75
N LYS B 991 -23.84 -53.76 10.29
CA LYS B 991 -25.05 -53.77 11.13
C LYS B 991 -24.89 -54.69 12.34
N LYS B 992 -24.07 -55.73 12.19
CA LYS B 992 -23.80 -56.72 13.22
C LYS B 992 -22.79 -56.23 14.25
N MET B 993 -22.07 -55.15 13.96
CA MET B 993 -21.40 -54.37 15.00
C MET B 993 -22.25 -53.19 15.46
N ARG B 994 -23.51 -53.16 15.02
CA ARG B 994 -24.45 -52.06 15.28
C ARG B 994 -23.92 -50.75 14.69
N MET B 995 -23.94 -50.68 13.36
CA MET B 995 -23.48 -49.51 12.63
C MET B 995 -24.31 -49.45 11.34
N ASP B 996 -25.24 -48.49 11.27
CA ASP B 996 -25.98 -48.28 10.02
C ASP B 996 -25.03 -48.10 8.85
N ARG B 997 -23.90 -47.45 9.10
CA ARG B 997 -22.95 -47.07 8.05
C ARG B 997 -21.55 -47.08 8.63
N LEU B 998 -20.65 -47.80 7.98
CA LEU B 998 -19.22 -47.73 8.27
C LEU B 998 -18.50 -47.57 6.94
N ARG B 999 -17.70 -46.50 6.82
CA ARG B 999 -17.04 -46.16 5.56
C ARG B 999 -15.63 -45.65 5.81
N PHE B 1000 -14.68 -46.21 5.09
CA PHE B 1000 -13.33 -45.70 5.01
C PHE B 1000 -13.14 -45.08 3.63
N TYR B 1001 -12.24 -44.11 3.52
CA TYR B 1001 -12.04 -43.39 2.27
C TYR B 1001 -10.64 -42.78 2.25
N CYS B 1002 -10.24 -42.32 1.07
CA CYS B 1002 -8.97 -41.61 0.94
C CYS B 1002 -8.99 -40.75 -0.31
N SER B 1003 -8.37 -39.58 -0.23
CA SER B 1003 -8.61 -38.50 -1.17
C SER B 1003 -7.37 -37.62 -1.26
N ALA B 1004 -7.35 -36.77 -2.29
CA ALA B 1004 -6.28 -35.80 -2.48
C ALA B 1004 -6.84 -34.53 -3.10
N GLN B 1005 -6.53 -33.39 -2.50
CA GLN B 1005 -7.04 -32.10 -2.96
C GLN B 1005 -5.94 -31.36 -3.68
N ASN B 1006 -6.34 -30.63 -4.73
CA ASN B 1006 -5.43 -29.86 -5.58
C ASN B 1006 -4.25 -30.71 -6.05
N LEU B 1007 -4.57 -31.90 -6.57
CA LEU B 1007 -3.56 -32.87 -6.95
C LEU B 1007 -2.86 -32.55 -8.27
N LEU B 1008 -3.50 -31.79 -9.17
CA LEU B 1008 -3.04 -31.65 -10.54
C LEU B 1008 -3.50 -30.32 -11.17
N THR B 1009 -2.62 -29.73 -11.98
CA THR B 1009 -2.82 -28.38 -12.51
C THR B 1009 -2.46 -28.38 -13.99
N ILE B 1010 -3.40 -28.01 -14.85
CA ILE B 1010 -3.13 -27.81 -16.27
C ILE B 1010 -3.16 -26.32 -16.55
N LYS B 1011 -2.21 -25.84 -17.36
CA LYS B 1011 -2.01 -24.41 -17.53
C LYS B 1011 -1.40 -24.13 -18.90
N SER B 1012 -1.33 -22.85 -19.22
CA SER B 1012 -0.89 -22.41 -20.53
C SER B 1012 0.61 -22.58 -20.68
N LYS B 1013 1.03 -22.94 -21.90
CA LYS B 1013 2.46 -22.98 -22.21
C LYS B 1013 3.10 -21.61 -22.00
N ASN B 1014 2.31 -20.54 -22.17
CA ASN B 1014 2.81 -19.18 -22.11
C ASN B 1014 2.87 -18.61 -20.70
N PHE B 1015 2.36 -19.33 -19.69
CA PHE B 1015 2.54 -18.94 -18.30
C PHE B 1015 3.91 -19.39 -17.84
N THR B 1016 4.72 -18.46 -17.31
CA THR B 1016 6.12 -18.72 -17.01
C THR B 1016 6.39 -19.11 -15.57
N GLY B 1017 5.38 -19.07 -14.68
CA GLY B 1017 5.53 -19.42 -13.29
C GLY B 1017 4.91 -20.75 -12.94
N GLU B 1018 4.56 -20.90 -11.66
CA GLU B 1018 4.17 -22.20 -11.13
C GLU B 1018 2.66 -22.37 -11.01
N ASP B 1019 2.01 -21.60 -10.13
CA ASP B 1019 0.57 -21.68 -9.91
C ASP B 1019 -0.06 -20.54 -10.69
N PRO B 1020 -0.85 -20.78 -11.73
CA PRO B 1020 -1.56 -19.67 -12.38
C PRO B 1020 -2.67 -19.10 -11.53
N GLU B 1021 -3.07 -19.80 -10.47
CA GLU B 1021 -4.07 -19.30 -9.54
C GLU B 1021 -3.44 -18.47 -8.44
N ASN B 1022 -2.14 -18.61 -8.24
CA ASN B 1022 -1.41 -17.91 -7.21
C ASN B 1022 -0.05 -17.64 -7.82
N PRO B 1023 0.02 -16.67 -8.75
CA PRO B 1023 1.24 -16.47 -9.55
C PRO B 1023 2.32 -15.70 -8.84
N ASN B 1024 2.01 -15.03 -7.73
CA ASN B 1024 3.06 -14.26 -7.05
C ASN B 1024 3.30 -14.77 -5.64
N PHE B 1025 2.98 -13.95 -4.65
CA PHE B 1025 3.55 -14.15 -3.32
C PHE B 1025 2.54 -14.57 -2.26
N SER B 1026 1.32 -14.95 -2.65
CA SER B 1026 0.40 -15.40 -1.62
C SER B 1026 0.80 -16.79 -1.10
N TYR B 1027 0.29 -17.12 0.08
CA TYR B 1027 0.55 -18.40 0.73
C TYR B 1027 0.33 -19.56 -0.25
N PRO B 1028 1.34 -20.39 -0.50
CA PRO B 1028 1.23 -21.40 -1.57
C PRO B 1028 0.05 -22.35 -1.34
N ILE B 1029 -0.47 -22.89 -2.44
CA ILE B 1029 -1.64 -23.77 -2.39
C ILE B 1029 -1.12 -25.21 -2.44
N PRO B 1030 -1.18 -25.94 -1.33
CA PRO B 1030 -0.49 -27.23 -1.25
C PRO B 1030 -1.30 -28.33 -1.91
N VAL B 1031 -0.66 -29.47 -2.11
CA VAL B 1031 -1.37 -30.70 -2.45
C VAL B 1031 -1.56 -31.48 -1.17
N ASN B 1032 -2.80 -31.88 -0.92
CA ASN B 1032 -3.18 -32.58 0.29
C ASN B 1032 -3.50 -34.01 -0.10
N ILE B 1033 -3.06 -34.96 0.70
CA ILE B 1033 -3.47 -36.34 0.51
C ILE B 1033 -3.97 -36.85 1.86
N THR B 1034 -5.18 -37.41 1.87
CA THR B 1034 -6.00 -37.52 3.07
C THR B 1034 -6.50 -38.94 3.28
N PHE B 1035 -6.58 -39.39 4.53
CA PHE B 1035 -7.28 -40.62 4.88
C PHE B 1035 -8.28 -40.32 5.99
N GLY B 1036 -9.36 -41.09 6.03
CA GLY B 1036 -10.42 -40.79 7.00
C GLY B 1036 -11.50 -41.84 7.02
N LEU B 1037 -12.55 -41.58 7.82
CA LEU B 1037 -13.56 -42.60 8.05
C LEU B 1037 -14.88 -41.98 8.50
N ASN B 1038 -15.95 -42.78 8.37
CA ASN B 1038 -17.31 -42.41 8.77
C ASN B 1038 -17.93 -43.56 9.56
N ILE B 1039 -18.29 -43.30 10.82
CA ILE B 1039 -19.00 -44.26 11.64
C ILE B 1039 -20.31 -43.63 12.07
N GLY B 1040 -21.40 -44.38 11.95
CA GLY B 1040 -22.69 -43.88 12.37
C GLY B 1040 -23.58 -44.97 12.91
N PHE B 1041 -24.05 -44.78 14.14
CA PHE B 1041 -25.03 -45.67 14.74
C PHE B 1041 -26.42 -45.03 14.55
#